data_1QJ9
# 
_entry.id   1QJ9 
# 
_audit_conform.dict_name       mmcif_pdbx.dic 
_audit_conform.dict_version    5.391 
_audit_conform.dict_location   http://mmcif.pdb.org/dictionaries/ascii/mmcif_pdbx.dic 
# 
loop_
_database_2.database_id 
_database_2.database_code 
_database_2.pdbx_database_accession 
_database_2.pdbx_DOI 
PDB   1QJ9         pdb_00001qj9 10.2210/pdb1qj9/pdb 
PDBE  EBI-2742     ?            ?                   
WWPDB D_1290002742 ?            ?                   
# 
loop_
_pdbx_audit_revision_history.ordinal 
_pdbx_audit_revision_history.data_content_type 
_pdbx_audit_revision_history.major_revision 
_pdbx_audit_revision_history.minor_revision 
_pdbx_audit_revision_history.revision_date 
1 'Structure model' 1 0 1999-10-06 
2 'Structure model' 1 1 2011-05-08 
3 'Structure model' 1 2 2011-07-13 
4 'Structure model' 1 3 2019-01-16 
5 'Structure model' 1 4 2019-02-06 
6 'Structure model' 1 5 2019-07-10 
7 'Structure model' 1 6 2019-07-24 
8 'Structure model' 1 7 2019-10-09 
9 'Structure model' 1 8 2024-05-08 
# 
_pdbx_audit_revision_details.ordinal             1 
_pdbx_audit_revision_details.revision_ordinal    1 
_pdbx_audit_revision_details.data_content_type   'Structure model' 
_pdbx_audit_revision_details.provider            repository 
_pdbx_audit_revision_details.type                'Initial release' 
_pdbx_audit_revision_details.description         ? 
_pdbx_audit_revision_details.details             ? 
# 
loop_
_pdbx_audit_revision_group.ordinal 
_pdbx_audit_revision_group.revision_ordinal 
_pdbx_audit_revision_group.data_content_type 
_pdbx_audit_revision_group.group 
1  2 'Structure model' 'Version format compliance' 
2  3 'Structure model' 'Version format compliance' 
3  4 'Structure model' 'Data collection'           
4  4 'Structure model' 'Database references'       
5  5 'Structure model' 'Data collection'           
6  5 'Structure model' 'Derived calculations'      
7  6 'Structure model' 'Data collection'           
8  7 'Structure model' 'Data collection'           
9  8 'Structure model' 'Data collection'           
10 8 'Structure model' 'Database references'       
11 8 'Structure model' Other                       
12 9 'Structure model' 'Data collection'           
13 9 'Structure model' 'Database references'       
# 
loop_
_pdbx_audit_revision_category.ordinal 
_pdbx_audit_revision_category.revision_ordinal 
_pdbx_audit_revision_category.data_content_type 
_pdbx_audit_revision_category.category 
1  4 'Structure model' citation                  
2  4 'Structure model' diffrn_source             
3  5 'Structure model' pdbx_struct_assembly      
4  5 'Structure model' pdbx_struct_assembly_prop 
5  5 'Structure model' pdbx_struct_oper_list     
6  6 'Structure model' diffrn_source             
7  7 'Structure model' diffrn_source             
8  8 'Structure model' citation                  
9  8 'Structure model' pdbx_database_status      
10 9 'Structure model' chem_comp_atom            
11 9 'Structure model' chem_comp_bond            
12 9 'Structure model' database_2                
# 
loop_
_pdbx_audit_revision_item.ordinal 
_pdbx_audit_revision_item.revision_ordinal 
_pdbx_audit_revision_item.data_content_type 
_pdbx_audit_revision_item.item 
1  4 'Structure model' '_citation.page_last'                       
2  4 'Structure model' '_citation.pdbx_database_id_DOI'            
3  4 'Structure model' '_citation.title'                           
4  4 'Structure model' '_diffrn_source.pdbx_synchrotron_site'      
5  5 'Structure model' '_pdbx_struct_assembly.details'             
6  5 'Structure model' '_pdbx_struct_assembly.method_details'      
7  5 'Structure model' '_pdbx_struct_oper_list.matrix[1][1]'       
8  5 'Structure model' '_pdbx_struct_oper_list.matrix[1][2]'       
9  5 'Structure model' '_pdbx_struct_oper_list.matrix[2][1]'       
10 5 'Structure model' '_pdbx_struct_oper_list.matrix[2][2]'       
11 5 'Structure model' '_pdbx_struct_oper_list.matrix[3][3]'       
12 5 'Structure model' '_pdbx_struct_oper_list.name'               
13 5 'Structure model' '_pdbx_struct_oper_list.symmetry_operation' 
14 5 'Structure model' '_pdbx_struct_oper_list.type'               
15 5 'Structure model' '_pdbx_struct_oper_list.vector[1]'          
16 5 'Structure model' '_pdbx_struct_oper_list.vector[2]'          
17 5 'Structure model' '_pdbx_struct_oper_list.vector[3]'          
18 6 'Structure model' '_diffrn_source.pdbx_synchrotron_site'      
19 7 'Structure model' '_diffrn_source.pdbx_synchrotron_site'      
20 8 'Structure model' '_citation.pdbx_database_id_DOI'            
21 8 'Structure model' '_pdbx_database_status.status_code_sf'      
22 9 'Structure model' '_database_2.pdbx_DOI'                      
23 9 'Structure model' '_database_2.pdbx_database_accession'       
# 
_pdbx_database_status.status_code                     REL 
_pdbx_database_status.entry_id                        1QJ9 
_pdbx_database_status.deposit_site                    PDBE 
_pdbx_database_status.process_site                    PDBE 
_pdbx_database_status.SG_entry                        . 
_pdbx_database_status.recvd_initial_deposition_date   1999-06-23 
_pdbx_database_status.pdb_format_compatible           Y 
_pdbx_database_status.status_code_sf                  REL 
_pdbx_database_status.status_code_mr                  ? 
_pdbx_database_status.status_code_cs                  ? 
_pdbx_database_status.methods_development_category    ? 
_pdbx_database_status.status_code_nmr_data            ? 
# 
_pdbx_database_related.db_name        PDB 
_pdbx_database_related.db_id          1QJ8 
_pdbx_database_related.content_type   unspecified 
_pdbx_database_related.details        . 
# 
loop_
_audit_author.name 
_audit_author.pdbx_ordinal 
_audit_author.identifier_ORCID 
'Vogt, J.'     1 ? 
'Schulz, G.E.' 2 ? 
# 
loop_
_citation.id 
_citation.title 
_citation.journal_abbrev 
_citation.journal_volume 
_citation.page_first 
_citation.page_last 
_citation.year 
_citation.journal_id_ASTM 
_citation.country 
_citation.journal_id_ISSN 
_citation.journal_id_CSD 
_citation.book_publisher 
_citation.pdbx_database_id_PubMed 
_citation.pdbx_database_id_DOI 
primary 'The structure of the outer membrane protein OmpX from Escherichia coli reveals possible mechanisms of virulence.' 
Structure                          7  1301 1309 1999 STRUE6 UK 0969-2126 2005 ? 10545325 '10.1016/s0969-2126(00)80063-5' 
1       'Strategy for Membrane Protein Crystallization Exemplified with Ompa and Ompx'                                     
'Proteins: Struct.,Funct., Genet.' 34 167  ?    1999 PSFGEY US 0887-3585 0867 ? 10022352 
'10.1002/(SICI)1097-0134(19990201)34:2<167::AID-PROT2>3.3.CO;2-8' 
# 
loop_
_citation_author.citation_id 
_citation_author.name 
_citation_author.ordinal 
_citation_author.identifier_ORCID 
primary 'Vogt, J.'     1 ? 
primary 'Schulz, G.E.' 2 ? 
1       'Pautsch, A.'  3 ? 
1       'Vogt, J.'     4 ? 
1       'Model, K.'    5 ? 
1       'Siebold, C.'  6 ? 
1       'Schulz, G.E.' 7 ? 
# 
loop_
_entity.id 
_entity.type 
_entity.src_method 
_entity.pdbx_description 
_entity.formula_weight 
_entity.pdbx_number_of_molecules 
_entity.pdbx_ec 
_entity.pdbx_mutation 
_entity.pdbx_fragment 
_entity.details 
1 polymer man 'OUTER MEMBRANE PROTEIN X' 16371.768 1  ? H100N ? ? 
2 water   nat water                      18.015    67 ? ?     ? ? 
# 
_entity_poly.entity_id                      1 
_entity_poly.type                           'polypeptide(L)' 
_entity_poly.nstd_linkage                   no 
_entity_poly.nstd_monomer                   no 
_entity_poly.pdbx_seq_one_letter_code       
;ATSTVTGGYAQSDAQGQMNKMGGFNLKYRYEEDNSPLGVIGSFTYTEKSRTASSGDYNKNQYYGITAGPAYRINDWASIY
GVVGVGYGKFQTTEYPTYKNDTSDYGFSYGAGLQFNPMENVALDFSYEQSRIRSVDVGTWIAGVGYRF
;
_entity_poly.pdbx_seq_one_letter_code_can   
;ATSTVTGGYAQSDAQGQMNKMGGFNLKYRYEEDNSPLGVIGSFTYTEKSRTASSGDYNKNQYYGITAGPAYRINDWASIY
GVVGVGYGKFQTTEYPTYKNDTSDYGFSYGAGLQFNPMENVALDFSYEQSRIRSVDVGTWIAGVGYRF
;
_entity_poly.pdbx_strand_id                 A 
_entity_poly.pdbx_target_identifier         ? 
# 
_pdbx_entity_nonpoly.entity_id   2 
_pdbx_entity_nonpoly.name        water 
_pdbx_entity_nonpoly.comp_id     HOH 
# 
loop_
_entity_poly_seq.entity_id 
_entity_poly_seq.num 
_entity_poly_seq.mon_id 
_entity_poly_seq.hetero 
1 1   ALA n 
1 2   THR n 
1 3   SER n 
1 4   THR n 
1 5   VAL n 
1 6   THR n 
1 7   GLY n 
1 8   GLY n 
1 9   TYR n 
1 10  ALA n 
1 11  GLN n 
1 12  SER n 
1 13  ASP n 
1 14  ALA n 
1 15  GLN n 
1 16  GLY n 
1 17  GLN n 
1 18  MET n 
1 19  ASN n 
1 20  LYS n 
1 21  MET n 
1 22  GLY n 
1 23  GLY n 
1 24  PHE n 
1 25  ASN n 
1 26  LEU n 
1 27  LYS n 
1 28  TYR n 
1 29  ARG n 
1 30  TYR n 
1 31  GLU n 
1 32  GLU n 
1 33  ASP n 
1 34  ASN n 
1 35  SER n 
1 36  PRO n 
1 37  LEU n 
1 38  GLY n 
1 39  VAL n 
1 40  ILE n 
1 41  GLY n 
1 42  SER n 
1 43  PHE n 
1 44  THR n 
1 45  TYR n 
1 46  THR n 
1 47  GLU n 
1 48  LYS n 
1 49  SER n 
1 50  ARG n 
1 51  THR n 
1 52  ALA n 
1 53  SER n 
1 54  SER n 
1 55  GLY n 
1 56  ASP n 
1 57  TYR n 
1 58  ASN n 
1 59  LYS n 
1 60  ASN n 
1 61  GLN n 
1 62  TYR n 
1 63  TYR n 
1 64  GLY n 
1 65  ILE n 
1 66  THR n 
1 67  ALA n 
1 68  GLY n 
1 69  PRO n 
1 70  ALA n 
1 71  TYR n 
1 72  ARG n 
1 73  ILE n 
1 74  ASN n 
1 75  ASP n 
1 76  TRP n 
1 77  ALA n 
1 78  SER n 
1 79  ILE n 
1 80  TYR n 
1 81  GLY n 
1 82  VAL n 
1 83  VAL n 
1 84  GLY n 
1 85  VAL n 
1 86  GLY n 
1 87  TYR n 
1 88  GLY n 
1 89  LYS n 
1 90  PHE n 
1 91  GLN n 
1 92  THR n 
1 93  THR n 
1 94  GLU n 
1 95  TYR n 
1 96  PRO n 
1 97  THR n 
1 98  TYR n 
1 99  LYS n 
1 100 ASN n 
1 101 ASP n 
1 102 THR n 
1 103 SER n 
1 104 ASP n 
1 105 TYR n 
1 106 GLY n 
1 107 PHE n 
1 108 SER n 
1 109 TYR n 
1 110 GLY n 
1 111 ALA n 
1 112 GLY n 
1 113 LEU n 
1 114 GLN n 
1 115 PHE n 
1 116 ASN n 
1 117 PRO n 
1 118 MET n 
1 119 GLU n 
1 120 ASN n 
1 121 VAL n 
1 122 ALA n 
1 123 LEU n 
1 124 ASP n 
1 125 PHE n 
1 126 SER n 
1 127 TYR n 
1 128 GLU n 
1 129 GLN n 
1 130 SER n 
1 131 ARG n 
1 132 ILE n 
1 133 ARG n 
1 134 SER n 
1 135 VAL n 
1 136 ASP n 
1 137 VAL n 
1 138 GLY n 
1 139 THR n 
1 140 TRP n 
1 141 ILE n 
1 142 ALA n 
1 143 GLY n 
1 144 VAL n 
1 145 GLY n 
1 146 TYR n 
1 147 ARG n 
1 148 PHE n 
# 
_entity_src_gen.entity_id                          1 
_entity_src_gen.pdbx_src_id                        1 
_entity_src_gen.pdbx_alt_source_flag               sample 
_entity_src_gen.pdbx_seq_type                      ? 
_entity_src_gen.pdbx_beg_seq_num                   ? 
_entity_src_gen.pdbx_end_seq_num                   ? 
_entity_src_gen.gene_src_common_name               ? 
_entity_src_gen.gene_src_genus                     ? 
_entity_src_gen.pdbx_gene_src_gene                 OMPX 
_entity_src_gen.gene_src_species                   ? 
_entity_src_gen.gene_src_strain                    ? 
_entity_src_gen.gene_src_tissue                    ? 
_entity_src_gen.gene_src_tissue_fraction           ? 
_entity_src_gen.gene_src_details                   ? 
_entity_src_gen.pdbx_gene_src_fragment             ? 
_entity_src_gen.pdbx_gene_src_scientific_name      'ESCHERICHIA COLI' 
_entity_src_gen.pdbx_gene_src_ncbi_taxonomy_id     562 
_entity_src_gen.pdbx_gene_src_variant              ? 
_entity_src_gen.pdbx_gene_src_cell_line            ? 
_entity_src_gen.pdbx_gene_src_atcc                 ? 
_entity_src_gen.pdbx_gene_src_organ                ? 
_entity_src_gen.pdbx_gene_src_organelle            ? 
_entity_src_gen.pdbx_gene_src_cell                 ? 
_entity_src_gen.pdbx_gene_src_cellular_location    MEMBRANE 
_entity_src_gen.host_org_common_name               ? 
_entity_src_gen.pdbx_host_org_scientific_name      'ESCHERICHIA COLI' 
_entity_src_gen.pdbx_host_org_ncbi_taxonomy_id     469008 
_entity_src_gen.host_org_genus                     ? 
_entity_src_gen.pdbx_host_org_gene                 ? 
_entity_src_gen.pdbx_host_org_organ                ? 
_entity_src_gen.host_org_species                   ? 
_entity_src_gen.pdbx_host_org_tissue               ? 
_entity_src_gen.pdbx_host_org_tissue_fraction      ? 
_entity_src_gen.pdbx_host_org_strain               'BL21(DE3)' 
_entity_src_gen.pdbx_host_org_variant              ? 
_entity_src_gen.pdbx_host_org_cell_line            ? 
_entity_src_gen.pdbx_host_org_atcc                 ? 
_entity_src_gen.pdbx_host_org_culture_collection   ? 
_entity_src_gen.pdbx_host_org_cell                 ? 
_entity_src_gen.pdbx_host_org_organelle            ? 
_entity_src_gen.pdbx_host_org_cellular_location    CYTOPLASM 
_entity_src_gen.pdbx_host_org_vector_type          ? 
_entity_src_gen.pdbx_host_org_vector               ? 
_entity_src_gen.host_org_details                   ? 
_entity_src_gen.expression_system_id               ? 
_entity_src_gen.plasmid_name                       PET3B 
_entity_src_gen.plasmid_details                    ? 
_entity_src_gen.pdbx_description                   ? 
# 
loop_
_chem_comp.id 
_chem_comp.type 
_chem_comp.mon_nstd_flag 
_chem_comp.name 
_chem_comp.pdbx_synonyms 
_chem_comp.formula 
_chem_comp.formula_weight 
ALA 'L-peptide linking' y ALANINE         ? 'C3 H7 N O2'     89.093  
ARG 'L-peptide linking' y ARGININE        ? 'C6 H15 N4 O2 1' 175.209 
ASN 'L-peptide linking' y ASPARAGINE      ? 'C4 H8 N2 O3'    132.118 
ASP 'L-peptide linking' y 'ASPARTIC ACID' ? 'C4 H7 N O4'     133.103 
GLN 'L-peptide linking' y GLUTAMINE       ? 'C5 H10 N2 O3'   146.144 
GLU 'L-peptide linking' y 'GLUTAMIC ACID' ? 'C5 H9 N O4'     147.129 
GLY 'peptide linking'   y GLYCINE         ? 'C2 H5 N O2'     75.067  
HIS 'L-peptide linking' y HISTIDINE       ? 'C6 H10 N3 O2 1' 156.162 
HOH non-polymer         . WATER           ? 'H2 O'           18.015  
ILE 'L-peptide linking' y ISOLEUCINE      ? 'C6 H13 N O2'    131.173 
LEU 'L-peptide linking' y LEUCINE         ? 'C6 H13 N O2'    131.173 
LYS 'L-peptide linking' y LYSINE          ? 'C6 H15 N2 O2 1' 147.195 
MET 'L-peptide linking' y METHIONINE      ? 'C5 H11 N O2 S'  149.211 
PHE 'L-peptide linking' y PHENYLALANINE   ? 'C9 H11 N O2'    165.189 
PRO 'L-peptide linking' y PROLINE         ? 'C5 H9 N O2'     115.130 
SER 'L-peptide linking' y SERINE          ? 'C3 H7 N O3'     105.093 
THR 'L-peptide linking' y THREONINE       ? 'C4 H9 N O3'     119.119 
TRP 'L-peptide linking' y TRYPTOPHAN      ? 'C11 H12 N2 O2'  204.225 
TYR 'L-peptide linking' y TYROSINE        ? 'C9 H11 N O3'    181.189 
VAL 'L-peptide linking' y VALINE          ? 'C5 H11 N O2'    117.146 
# 
loop_
_pdbx_poly_seq_scheme.asym_id 
_pdbx_poly_seq_scheme.entity_id 
_pdbx_poly_seq_scheme.seq_id 
_pdbx_poly_seq_scheme.mon_id 
_pdbx_poly_seq_scheme.ndb_seq_num 
_pdbx_poly_seq_scheme.pdb_seq_num 
_pdbx_poly_seq_scheme.auth_seq_num 
_pdbx_poly_seq_scheme.pdb_mon_id 
_pdbx_poly_seq_scheme.auth_mon_id 
_pdbx_poly_seq_scheme.pdb_strand_id 
_pdbx_poly_seq_scheme.pdb_ins_code 
_pdbx_poly_seq_scheme.hetero 
A 1 1   ALA 1   1   1   ALA ALA A . n 
A 1 2   THR 2   2   2   THR THR A . n 
A 1 3   SER 3   3   3   SER SER A . n 
A 1 4   THR 4   4   4   THR THR A . n 
A 1 5   VAL 5   5   5   VAL VAL A . n 
A 1 6   THR 6   6   6   THR THR A . n 
A 1 7   GLY 7   7   7   GLY GLY A . n 
A 1 8   GLY 8   8   8   GLY GLY A . n 
A 1 9   TYR 9   9   9   TYR TYR A . n 
A 1 10  ALA 10  10  10  ALA ALA A . n 
A 1 11  GLN 11  11  11  GLN GLN A . n 
A 1 12  SER 12  12  12  SER SER A . n 
A 1 13  ASP 13  13  13  ASP ASP A . n 
A 1 14  ALA 14  14  14  ALA ALA A . n 
A 1 15  GLN 15  15  15  GLN GLN A . n 
A 1 16  GLY 16  16  16  GLY GLY A . n 
A 1 17  GLN 17  17  17  GLN GLN A . n 
A 1 18  MET 18  18  18  MET MET A . n 
A 1 19  ASN 19  19  19  ASN ASN A . n 
A 1 20  LYS 20  20  20  LYS LYS A . n 
A 1 21  MET 21  21  21  MET MET A . n 
A 1 22  GLY 22  22  22  GLY GLY A . n 
A 1 23  GLY 23  23  23  GLY GLY A . n 
A 1 24  PHE 24  24  24  PHE PHE A . n 
A 1 25  ASN 25  25  25  ASN ASN A . n 
A 1 26  LEU 26  26  26  LEU LEU A . n 
A 1 27  LYS 27  27  27  LYS LYS A . n 
A 1 28  TYR 28  28  28  TYR TYR A . n 
A 1 29  ARG 29  29  29  ARG ARG A . n 
A 1 30  TYR 30  30  30  TYR TYR A . n 
A 1 31  GLU 31  31  31  GLU GLU A . n 
A 1 32  GLU 32  32  32  GLU GLU A . n 
A 1 33  ASP 33  33  33  ASP ASP A . n 
A 1 34  ASN 34  34  34  ASN ASN A . n 
A 1 35  SER 35  35  35  SER SER A . n 
A 1 36  PRO 36  36  36  PRO PRO A . n 
A 1 37  LEU 37  37  37  LEU LEU A . n 
A 1 38  GLY 38  38  38  GLY GLY A . n 
A 1 39  VAL 39  39  39  VAL VAL A . n 
A 1 40  ILE 40  40  40  ILE ILE A . n 
A 1 41  GLY 41  41  41  GLY GLY A . n 
A 1 42  SER 42  42  42  SER SER A . n 
A 1 43  PHE 43  43  43  PHE PHE A . n 
A 1 44  THR 44  44  44  THR THR A . n 
A 1 45  TYR 45  45  45  TYR TYR A . n 
A 1 46  THR 46  46  46  THR THR A . n 
A 1 47  GLU 47  47  47  GLU GLU A . n 
A 1 48  LYS 48  48  48  LYS LYS A . n 
A 1 49  SER 49  49  49  SER SER A . n 
A 1 50  ARG 50  50  50  ARG ARG A . n 
A 1 51  THR 51  51  51  THR THR A . n 
A 1 52  ALA 52  52  52  ALA ALA A . n 
A 1 53  SER 53  53  53  SER SER A . n 
A 1 54  SER 54  54  54  SER SER A . n 
A 1 55  GLY 55  55  55  GLY GLY A . n 
A 1 56  ASP 56  56  56  ASP ASP A . n 
A 1 57  TYR 57  57  57  TYR TYR A . n 
A 1 58  ASN 58  58  58  ASN ASN A . n 
A 1 59  LYS 59  59  59  LYS LYS A . n 
A 1 60  ASN 60  60  60  ASN ASN A . n 
A 1 61  GLN 61  61  61  GLN GLN A . n 
A 1 62  TYR 62  62  62  TYR TYR A . n 
A 1 63  TYR 63  63  63  TYR TYR A . n 
A 1 64  GLY 64  64  64  GLY GLY A . n 
A 1 65  ILE 65  65  65  ILE ILE A . n 
A 1 66  THR 66  66  66  THR THR A . n 
A 1 67  ALA 67  67  67  ALA ALA A . n 
A 1 68  GLY 68  68  68  GLY GLY A . n 
A 1 69  PRO 69  69  69  PRO PRO A . n 
A 1 70  ALA 70  70  70  ALA ALA A . n 
A 1 71  TYR 71  71  71  TYR TYR A . n 
A 1 72  ARG 72  72  72  ARG ARG A . n 
A 1 73  ILE 73  73  73  ILE ILE A . n 
A 1 74  ASN 74  74  74  ASN ASN A . n 
A 1 75  ASP 75  75  75  ASP ASP A . n 
A 1 76  TRP 76  76  76  TRP TRP A . n 
A 1 77  ALA 77  77  77  ALA ALA A . n 
A 1 78  SER 78  78  78  SER SER A . n 
A 1 79  ILE 79  79  79  ILE ILE A . n 
A 1 80  TYR 80  80  80  TYR TYR A . n 
A 1 81  GLY 81  81  81  GLY GLY A . n 
A 1 82  VAL 82  82  82  VAL VAL A . n 
A 1 83  VAL 83  83  83  VAL VAL A . n 
A 1 84  GLY 84  84  84  GLY GLY A . n 
A 1 85  VAL 85  85  85  VAL VAL A . n 
A 1 86  GLY 86  86  86  GLY GLY A . n 
A 1 87  TYR 87  87  87  TYR TYR A . n 
A 1 88  GLY 88  88  88  GLY GLY A . n 
A 1 89  LYS 89  89  89  LYS LYS A . n 
A 1 90  PHE 90  90  90  PHE PHE A . n 
A 1 91  GLN 91  91  91  GLN GLN A . n 
A 1 92  THR 92  92  92  THR THR A . n 
A 1 93  THR 93  93  93  THR THR A . n 
A 1 94  GLU 94  94  94  GLU GLU A . n 
A 1 95  TYR 95  95  95  TYR TYR A . n 
A 1 96  PRO 96  96  96  PRO PRO A . n 
A 1 97  THR 97  97  97  THR THR A . n 
A 1 98  TYR 98  98  98  TYR TYR A . n 
A 1 99  LYS 99  99  99  LYS LYS A . n 
A 1 100 ASN 100 100 100 ASN ASN A . n 
A 1 101 ASP 101 101 101 ASP ASP A . n 
A 1 102 THR 102 102 102 THR THR A . n 
A 1 103 SER 103 103 103 SER SER A . n 
A 1 104 ASP 104 104 104 ASP ASP A . n 
A 1 105 TYR 105 105 105 TYR TYR A . n 
A 1 106 GLY 106 106 106 GLY GLY A . n 
A 1 107 PHE 107 107 107 PHE PHE A . n 
A 1 108 SER 108 108 108 SER SER A . n 
A 1 109 TYR 109 109 109 TYR TYR A . n 
A 1 110 GLY 110 110 110 GLY GLY A . n 
A 1 111 ALA 111 111 111 ALA ALA A . n 
A 1 112 GLY 112 112 112 GLY GLY A . n 
A 1 113 LEU 113 113 113 LEU LEU A . n 
A 1 114 GLN 114 114 114 GLN GLN A . n 
A 1 115 PHE 115 115 115 PHE PHE A . n 
A 1 116 ASN 116 116 116 ASN ASN A . n 
A 1 117 PRO 117 117 117 PRO PRO A . n 
A 1 118 MET 118 118 118 MET MET A . n 
A 1 119 GLU 119 119 119 GLU GLU A . n 
A 1 120 ASN 120 120 120 ASN ASN A . n 
A 1 121 VAL 121 121 121 VAL VAL A . n 
A 1 122 ALA 122 122 122 ALA ALA A . n 
A 1 123 LEU 123 123 123 LEU LEU A . n 
A 1 124 ASP 124 124 124 ASP ASP A . n 
A 1 125 PHE 125 125 125 PHE PHE A . n 
A 1 126 SER 126 126 126 SER SER A . n 
A 1 127 TYR 127 127 127 TYR TYR A . n 
A 1 128 GLU 128 128 128 GLU GLU A . n 
A 1 129 GLN 129 129 129 GLN GLN A . n 
A 1 130 SER 130 130 130 SER SER A . n 
A 1 131 ARG 131 131 131 ARG ARG A . n 
A 1 132 ILE 132 132 132 ILE ILE A . n 
A 1 133 ARG 133 133 133 ARG ARG A . n 
A 1 134 SER 134 134 134 SER SER A . n 
A 1 135 VAL 135 135 135 VAL VAL A . n 
A 1 136 ASP 136 136 136 ASP ASP A . n 
A 1 137 VAL 137 137 137 VAL VAL A . n 
A 1 138 GLY 138 138 138 GLY GLY A . n 
A 1 139 THR 139 139 139 THR THR A . n 
A 1 140 TRP 140 140 140 TRP TRP A . n 
A 1 141 ILE 141 141 141 ILE ILE A . n 
A 1 142 ALA 142 142 142 ALA ALA A . n 
A 1 143 GLY 143 143 143 GLY GLY A . n 
A 1 144 VAL 144 144 144 VAL VAL A . n 
A 1 145 GLY 145 145 145 GLY GLY A . n 
A 1 146 TYR 146 146 146 TYR TYR A . n 
A 1 147 ARG 147 147 147 ARG ARG A . n 
A 1 148 PHE 148 148 148 PHE PHE A . n 
# 
loop_
_pdbx_nonpoly_scheme.asym_id 
_pdbx_nonpoly_scheme.entity_id 
_pdbx_nonpoly_scheme.mon_id 
_pdbx_nonpoly_scheme.ndb_seq_num 
_pdbx_nonpoly_scheme.pdb_seq_num 
_pdbx_nonpoly_scheme.auth_seq_num 
_pdbx_nonpoly_scheme.pdb_mon_id 
_pdbx_nonpoly_scheme.auth_mon_id 
_pdbx_nonpoly_scheme.pdb_strand_id 
_pdbx_nonpoly_scheme.pdb_ins_code 
B 2 HOH 1  2001 2001 HOH HOH A . 
B 2 HOH 2  2002 2002 HOH HOH A . 
B 2 HOH 3  2003 2003 HOH HOH A . 
B 2 HOH 4  2004 2004 HOH HOH A . 
B 2 HOH 5  2005 2005 HOH HOH A . 
B 2 HOH 6  2006 2006 HOH HOH A . 
B 2 HOH 7  2007 2007 HOH HOH A . 
B 2 HOH 8  2008 2008 HOH HOH A . 
B 2 HOH 9  2009 2009 HOH HOH A . 
B 2 HOH 10 2010 2010 HOH HOH A . 
B 2 HOH 11 2011 2011 HOH HOH A . 
B 2 HOH 12 2012 2012 HOH HOH A . 
B 2 HOH 13 2013 2013 HOH HOH A . 
B 2 HOH 14 2014 2014 HOH HOH A . 
B 2 HOH 15 2015 2015 HOH HOH A . 
B 2 HOH 16 2016 2016 HOH HOH A . 
B 2 HOH 17 2017 2017 HOH HOH A . 
B 2 HOH 18 2018 2018 HOH HOH A . 
B 2 HOH 19 2019 2019 HOH HOH A . 
B 2 HOH 20 2020 2020 HOH HOH A . 
B 2 HOH 21 2021 2021 HOH HOH A . 
B 2 HOH 22 2022 2022 HOH HOH A . 
B 2 HOH 23 2023 2023 HOH HOH A . 
B 2 HOH 24 2024 2024 HOH HOH A . 
B 2 HOH 25 2025 2025 HOH HOH A . 
B 2 HOH 26 2026 2026 HOH HOH A . 
B 2 HOH 27 2027 2027 HOH HOH A . 
B 2 HOH 28 2028 2028 HOH HOH A . 
B 2 HOH 29 2029 2029 HOH HOH A . 
B 2 HOH 30 2030 2030 HOH HOH A . 
B 2 HOH 31 2031 2031 HOH HOH A . 
B 2 HOH 32 2032 2032 HOH HOH A . 
B 2 HOH 33 2033 2033 HOH HOH A . 
B 2 HOH 34 2034 2034 HOH HOH A . 
B 2 HOH 35 2035 2035 HOH HOH A . 
B 2 HOH 36 2036 2036 HOH HOH A . 
B 2 HOH 37 2037 2037 HOH HOH A . 
B 2 HOH 38 2038 2038 HOH HOH A . 
B 2 HOH 39 2039 2039 HOH HOH A . 
B 2 HOH 40 2040 2040 HOH HOH A . 
B 2 HOH 41 2041 2041 HOH HOH A . 
B 2 HOH 42 2042 2042 HOH HOH A . 
B 2 HOH 43 2043 2043 HOH HOH A . 
B 2 HOH 44 2044 2044 HOH HOH A . 
B 2 HOH 45 2045 2045 HOH HOH A . 
B 2 HOH 46 2046 2046 HOH HOH A . 
B 2 HOH 47 2047 2047 HOH HOH A . 
B 2 HOH 48 2048 2048 HOH HOH A . 
B 2 HOH 49 2049 2049 HOH HOH A . 
B 2 HOH 50 2050 2050 HOH HOH A . 
B 2 HOH 51 2051 2051 HOH HOH A . 
B 2 HOH 52 2052 2052 HOH HOH A . 
B 2 HOH 53 2053 2053 HOH HOH A . 
B 2 HOH 54 2054 2054 HOH HOH A . 
B 2 HOH 55 2055 2055 HOH HOH A . 
B 2 HOH 56 2056 2056 HOH HOH A . 
B 2 HOH 57 2057 2057 HOH HOH A . 
B 2 HOH 58 2058 2058 HOH HOH A . 
B 2 HOH 59 2059 2059 HOH HOH A . 
B 2 HOH 60 2060 2060 HOH HOH A . 
B 2 HOH 61 2061 2061 HOH HOH A . 
B 2 HOH 62 2062 2062 HOH HOH A . 
B 2 HOH 63 2063 2063 HOH HOH A . 
B 2 HOH 64 2064 2064 HOH HOH A . 
B 2 HOH 65 2065 2065 HOH HOH A . 
B 2 HOH 66 2066 2066 HOH HOH A . 
B 2 HOH 67 2067 2067 HOH HOH A . 
# 
loop_
_software.name 
_software.classification 
_software.version 
_software.citation_id 
_software.pdbx_ordinal 
_software.date 
_software.type 
_software.location 
_software.language 
REFMAC  refinement       . ? 1 ? ? ? ? 
MOSFLM  'data reduction' . ? 2 ? ? ? ? 
SCALA   'data scaling'   . ? 3 ? ? ? ? 
MLPHARE phasing          . ? 4 ? ? ? ? 
# 
_cell.entry_id           1QJ9 
_cell.length_a           82.300 
_cell.length_b           82.300 
_cell.length_c           208.100 
_cell.angle_alpha        90.00 
_cell.angle_beta         90.00 
_cell.angle_gamma        120.00 
_cell.Z_PDB              18 
_cell.pdbx_unique_axis   ? 
# 
_symmetry.entry_id                         1QJ9 
_symmetry.space_group_name_H-M             'H 3 2' 
_symmetry.pdbx_full_space_group_name_H-M   ? 
_symmetry.cell_setting                     ? 
_symmetry.Int_Tables_number                155 
# 
_exptl.entry_id          1QJ9 
_exptl.method            'X-RAY DIFFRACTION' 
_exptl.crystals_number   1 
# 
_exptl_crystal.id                    1 
_exptl_crystal.density_meas          ? 
_exptl_crystal.density_Matthews      4.1 
_exptl_crystal.density_percent_sol   70 
_exptl_crystal.description           ? 
_exptl_crystal.preparation           ? 
# 
_exptl_crystal_grow.crystal_id      1 
_exptl_crystal_grow.method          ? 
_exptl_crystal_grow.temp            ? 
_exptl_crystal_grow.temp_details    ? 
_exptl_crystal_grow.pH              4.60 
_exptl_crystal_grow.pdbx_pH_range   ? 
_exptl_crystal_grow.pdbx_details    '30 % (V/V) 2-PROPANOL, 20 % (V/V) GLYCEROL, 0.2 M CACL2, 0.1 M NA-ACETATE PH 4.6' 
# 
_diffrn.id                               1 
_diffrn.ambient_temp                     100.0 
_diffrn.ambient_temp_details             ? 
_diffrn.crystal_id                       1 
_diffrn.pdbx_serial_crystal_experiment   ? 
# 
_diffrn_detector.diffrn_id              1 
_diffrn_detector.detector               'IMAGE PLATE' 
_diffrn_detector.type                   MARRESEARCH 
_diffrn_detector.pdbx_collection_date   1998-04-15 
_diffrn_detector.details                ? 
# 
_diffrn_radiation.diffrn_id                        1 
_diffrn_radiation.wavelength_id                    1 
_diffrn_radiation.pdbx_monochromatic_or_laue_m_l   M 
_diffrn_radiation.monochromator                    ? 
_diffrn_radiation.pdbx_diffrn_protocol             'SINGLE WAVELENGTH' 
_diffrn_radiation.pdbx_scattering_type             x-ray 
# 
_diffrn_radiation_wavelength.id           1 
_diffrn_radiation_wavelength.wavelength   0.9057 
_diffrn_radiation_wavelength.wt           1.0 
# 
_diffrn_source.diffrn_id                   1 
_diffrn_source.source                      SYNCHROTRON 
_diffrn_source.type                        'EMBL/DESY, HAMBURG BEAMLINE X11' 
_diffrn_source.pdbx_synchrotron_site       'EMBL/DESY, HAMBURG' 
_diffrn_source.pdbx_synchrotron_beamline   X11 
_diffrn_source.pdbx_wavelength             0.9057 
_diffrn_source.pdbx_wavelength_list        ? 
# 
_reflns.pdbx_diffrn_id               1 
_reflns.pdbx_ordinal                 1 
_reflns.entry_id                     1QJ9 
_reflns.observed_criterion_sigma_I   0.000 
_reflns.observed_criterion_sigma_F   ? 
_reflns.d_resolution_low             35.000 
_reflns.d_resolution_high            2.100 
_reflns.number_obs                   16165 
_reflns.number_all                   ? 
_reflns.percent_possible_obs         99.0 
_reflns.pdbx_Rmerge_I_obs            ? 
_reflns.pdbx_Rsym_value              0.07600 
_reflns.pdbx_netI_over_sigmaI        11.0000 
_reflns.B_iso_Wilson_estimate        42 
_reflns.pdbx_redundancy              3.600 
# 
_reflns_shell.pdbx_diffrn_id         1 
_reflns_shell.pdbx_ordinal           1 
_reflns_shell.d_res_high             2.10 
_reflns_shell.d_res_low              2.20 
_reflns_shell.percent_possible_all   99.0 
_reflns_shell.Rmerge_I_obs           ? 
_reflns_shell.pdbx_Rsym_value        0.31700 
_reflns_shell.meanI_over_sigI_obs    2.700 
_reflns_shell.pdbx_redundancy        3.00 
# 
_refine.pdbx_refine_id                           'X-RAY DIFFRACTION' 
_refine.entry_id                                 1QJ9 
_refine.pdbx_diffrn_id                           1 
_refine.pdbx_TLS_residual_ADP_flag               ? 
_refine.ls_number_reflns_obs                     16165 
_refine.ls_number_reflns_all                     ? 
_refine.pdbx_ls_sigma_I                          ? 
_refine.pdbx_ls_sigma_F                          0 
_refine.pdbx_data_cutoff_high_absF               ? 
_refine.pdbx_data_cutoff_low_absF                ? 
_refine.pdbx_data_cutoff_high_rms_absF           ? 
_refine.ls_d_res_low                             35 
_refine.ls_d_res_high                            2.10 
_refine.ls_percent_reflns_obs                    99 
_refine.ls_R_factor_obs                          ? 
_refine.ls_R_factor_all                          ? 
_refine.ls_R_factor_R_work                       0.233 
_refine.ls_R_factor_R_free                       0.284 
_refine.ls_R_factor_R_free_error                 ? 
_refine.ls_R_factor_R_free_error_details         ? 
_refine.ls_percent_reflns_R_free                 5.0 
_refine.ls_number_reflns_R_free                  809 
_refine.ls_number_parameters                     ? 
_refine.ls_number_restraints                     ? 
_refine.occupancy_min                            ? 
_refine.occupancy_max                            ? 
_refine.correlation_coeff_Fo_to_Fc               ? 
_refine.correlation_coeff_Fo_to_Fc_free          ? 
_refine.B_iso_mean                               58 
_refine.aniso_B[1][1]                            ? 
_refine.aniso_B[2][2]                            ? 
_refine.aniso_B[3][3]                            ? 
_refine.aniso_B[1][2]                            ? 
_refine.aniso_B[1][3]                            ? 
_refine.aniso_B[2][3]                            ? 
_refine.solvent_model_details                    ? 
_refine.solvent_model_param_ksol                 ? 
_refine.solvent_model_param_bsol                 ? 
_refine.pdbx_solvent_vdw_probe_radii             ? 
_refine.pdbx_solvent_ion_probe_radii             ? 
_refine.pdbx_solvent_shrinkage_radii             ? 
_refine.pdbx_ls_cross_valid_method               THROUGHOUT 
_refine.details                                  ? 
_refine.pdbx_starting_model                      ? 
_refine.pdbx_method_to_determine_struct          MIR 
_refine.pdbx_isotropic_thermal_model             ? 
_refine.pdbx_stereochemistry_target_values       ? 
_refine.pdbx_stereochem_target_val_spec_case     ? 
_refine.pdbx_R_Free_selection_details            RANDOM 
_refine.pdbx_overall_ESU_R                       0.17 
_refine.pdbx_overall_ESU_R_Free                  0.17 
_refine.overall_SU_ML                            0.06 
_refine.pdbx_overall_phase_error                 ? 
_refine.overall_SU_B                             2.2 
_refine.overall_SU_R_Cruickshank_DPI             ? 
_refine.pdbx_overall_SU_R_free_Cruickshank_DPI   ? 
_refine.pdbx_overall_SU_R_Blow_DPI               ? 
_refine.pdbx_overall_SU_R_free_Blow_DPI          ? 
# 
_refine_hist.pdbx_refine_id                   'X-RAY DIFFRACTION' 
_refine_hist.cycle_id                         LAST 
_refine_hist.pdbx_number_atoms_protein        1158 
_refine_hist.pdbx_number_atoms_nucleic_acid   0 
_refine_hist.pdbx_number_atoms_ligand         0 
_refine_hist.number_atoms_solvent             67 
_refine_hist.number_atoms_total               1225 
_refine_hist.d_res_high                       2.10 
_refine_hist.d_res_low                        35 
# 
loop_
_refine_ls_restr.type 
_refine_ls_restr.dev_ideal 
_refine_ls_restr.dev_ideal_target 
_refine_ls_restr.weight 
_refine_ls_restr.number 
_refine_ls_restr.pdbx_refine_id 
_refine_ls_restr.pdbx_restraint_function 
p_bond_d            0.021 ? ? ? 'X-RAY DIFFRACTION' ? 
p_angle_d           0.041 ? ? ? 'X-RAY DIFFRACTION' ? 
p_angle_deg         ?     ? ? ? 'X-RAY DIFFRACTION' ? 
p_planar_d          ?     ? ? ? 'X-RAY DIFFRACTION' ? 
p_hb_or_metal_coord ?     ? ? ? 'X-RAY DIFFRACTION' ? 
p_mcbond_it         ?     ? ? ? 'X-RAY DIFFRACTION' ? 
p_mcangle_it        ?     ? ? ? 'X-RAY DIFFRACTION' ? 
p_scbond_it         ?     ? ? ? 'X-RAY DIFFRACTION' ? 
p_scangle_it        ?     ? ? ? 'X-RAY DIFFRACTION' ? 
p_plane_restr       ?     ? ? ? 'X-RAY DIFFRACTION' ? 
p_chiral_restr      ?     ? ? ? 'X-RAY DIFFRACTION' ? 
p_singtor_nbd       ?     ? ? ? 'X-RAY DIFFRACTION' ? 
p_multtor_nbd       ?     ? ? ? 'X-RAY DIFFRACTION' ? 
p_xhyhbond_nbd      ?     ? ? ? 'X-RAY DIFFRACTION' ? 
p_xyhbond_nbd       ?     ? ? ? 'X-RAY DIFFRACTION' ? 
p_planar_tor        ?     ? ? ? 'X-RAY DIFFRACTION' ? 
p_staggered_tor     ?     ? ? ? 'X-RAY DIFFRACTION' ? 
p_orthonormal_tor   ?     ? ? ? 'X-RAY DIFFRACTION' ? 
p_transverse_tor    ?     ? ? ? 'X-RAY DIFFRACTION' ? 
p_special_tor       ?     ? ? ? 'X-RAY DIFFRACTION' ? 
# 
_struct.entry_id                  1QJ9 
_struct.title                     'CRYSTAL STRUCTURE OF THE OUTER MEMBRANE PROTEIN OMPX FROM ESCHERICHIA COLI' 
_struct.pdbx_model_details        ? 
_struct.pdbx_CASP_flag            ? 
_struct.pdbx_model_type_details   ? 
# 
_struct_keywords.entry_id        1QJ9 
_struct_keywords.pdbx_keywords   'INTEGRAL MEMBRANE PROTEIN' 
_struct_keywords.text            'INTEGRAL MEMBRANE PROTEIN, BETA BARREL, BACTERIAL DEFENSE SYSTEM' 
# 
loop_
_struct_asym.id 
_struct_asym.pdbx_blank_PDB_chainid_flag 
_struct_asym.pdbx_modified 
_struct_asym.entity_id 
_struct_asym.details 
A N N 1 ? 
B N N 2 ? 
# 
_struct_ref.id                         1 
_struct_ref.db_name                    UNP 
_struct_ref.db_code                    OMPX_ECOLI 
_struct_ref.entity_id                  1 
_struct_ref.pdbx_seq_one_letter_code   ? 
_struct_ref.pdbx_align_begin           ? 
_struct_ref.pdbx_db_accession          P36546 
_struct_ref.pdbx_db_isoform            ? 
# 
_struct_ref_seq.align_id                      1 
_struct_ref_seq.ref_id                        1 
_struct_ref_seq.pdbx_PDB_id_code              1QJ9 
_struct_ref_seq.pdbx_strand_id                A 
_struct_ref_seq.seq_align_beg                 1 
_struct_ref_seq.pdbx_seq_align_beg_ins_code   ? 
_struct_ref_seq.seq_align_end                 148 
_struct_ref_seq.pdbx_seq_align_end_ins_code   ? 
_struct_ref_seq.pdbx_db_accession             P36546 
_struct_ref_seq.db_align_beg                  24 
_struct_ref_seq.pdbx_db_align_beg_ins_code    ? 
_struct_ref_seq.db_align_end                  171 
_struct_ref_seq.pdbx_db_align_end_ins_code    ? 
_struct_ref_seq.pdbx_auth_seq_align_beg       1 
_struct_ref_seq.pdbx_auth_seq_align_end       148 
# 
_struct_ref_seq_dif.align_id                     1 
_struct_ref_seq_dif.pdbx_pdb_id_code             1QJ9 
_struct_ref_seq_dif.mon_id                       ASN 
_struct_ref_seq_dif.pdbx_pdb_strand_id           A 
_struct_ref_seq_dif.seq_num                      100 
_struct_ref_seq_dif.pdbx_pdb_ins_code            ? 
_struct_ref_seq_dif.pdbx_seq_db_name             UNP 
_struct_ref_seq_dif.pdbx_seq_db_accession_code   P36546 
_struct_ref_seq_dif.db_mon_id                    HIS 
_struct_ref_seq_dif.pdbx_seq_db_seq_num          123 
_struct_ref_seq_dif.details                      'engineered mutation' 
_struct_ref_seq_dif.pdbx_auth_seq_num            100 
_struct_ref_seq_dif.pdbx_ordinal                 1 
# 
_pdbx_struct_assembly.id                   1 
_pdbx_struct_assembly.details              author_defined_assembly 
_pdbx_struct_assembly.method_details       ? 
_pdbx_struct_assembly.oligomeric_details   hexameric 
_pdbx_struct_assembly.oligomeric_count     6 
# 
_pdbx_struct_assembly_gen.assembly_id       1 
_pdbx_struct_assembly_gen.oper_expression   1,2,3,4,5,6 
_pdbx_struct_assembly_gen.asym_id_list      A,B 
# 
loop_
_pdbx_struct_oper_list.id 
_pdbx_struct_oper_list.type 
_pdbx_struct_oper_list.name 
_pdbx_struct_oper_list.symmetry_operation 
_pdbx_struct_oper_list.matrix[1][1] 
_pdbx_struct_oper_list.matrix[1][2] 
_pdbx_struct_oper_list.matrix[1][3] 
_pdbx_struct_oper_list.vector[1] 
_pdbx_struct_oper_list.matrix[2][1] 
_pdbx_struct_oper_list.matrix[2][2] 
_pdbx_struct_oper_list.matrix[2][3] 
_pdbx_struct_oper_list.vector[2] 
_pdbx_struct_oper_list.matrix[3][1] 
_pdbx_struct_oper_list.matrix[3][2] 
_pdbx_struct_oper_list.matrix[3][3] 
_pdbx_struct_oper_list.vector[3] 
1 'identity operation'         1_555  x,y,z                  1.0000000000  0.0000000000  0.0000000000  0.0000000000   0.0000000000  1.0000000000  0.0000000000  0.0000000000   0.0000000000  0.0000000000  1.0000000000  0.0000000000  
2 'crystal symmetry operation' 2_655  -y+1,x-y,z             -0.4964772428 -0.5289186342 -0.6882989363 -24.5002751039 0.4067779015  0.5587132394  -0.7227525545 8.6703387397   0.7668390224  -0.6388149924 -0.0622359965 15.6814007715 
3 'crystal symmetry operation' 3_665  -x+y+1,-x+1,z          -0.4964772428 0.4067779015  0.7668390224  -27.7158412655 -0.5289186342 0.5587132394  -0.6388149924 -7.7853711747  -0.6882989363 -0.7227525545 -0.0622359965 -9.6210562174 
4 'crystal symmetry operation' 16_545 y+1/3,x-1/3,-z+2/3     -0.9986746625 0.0278908618  0.0432552697  -32.7994284763 0.0278908618  -0.4130550481 0.9102788732  -37.0622170377 0.0432552697  0.9102788732  0.4117297106  24.9025723749 
5 'crystal symmetry operation' 17_555 x-y+1/3,-y+2/3,-z+2/3  0.5403344579  0.5161685174  0.6645364815  -7.4114980675  0.5161685174  -0.8270311120 0.2226872279  -27.0524301845 0.6645364815  0.2226872279  -0.7133033459 38.1917311455 
6 'crystal symmetry operation' 18_655 -x+4/3,-x+y+2/3,-z+2/3 0.4512946903  -0.4219186464 -0.7863318373 -5.7536221471  -0.4219186464 -0.8773403187 0.2286014458  -43.3772930831 -0.7863318373 0.2286014458  -0.5739543716 12.6555825917 
# 
_struct_mon_prot_cis.pdbx_id                1 
_struct_mon_prot_cis.label_comp_id          TYR 
_struct_mon_prot_cis.label_seq_id           95 
_struct_mon_prot_cis.label_asym_id          A 
_struct_mon_prot_cis.label_alt_id           . 
_struct_mon_prot_cis.pdbx_PDB_ins_code      ? 
_struct_mon_prot_cis.auth_comp_id           TYR 
_struct_mon_prot_cis.auth_seq_id            95 
_struct_mon_prot_cis.auth_asym_id           A 
_struct_mon_prot_cis.pdbx_label_comp_id_2   PRO 
_struct_mon_prot_cis.pdbx_label_seq_id_2    96 
_struct_mon_prot_cis.pdbx_label_asym_id_2   A 
_struct_mon_prot_cis.pdbx_PDB_ins_code_2    ? 
_struct_mon_prot_cis.pdbx_auth_comp_id_2    PRO 
_struct_mon_prot_cis.pdbx_auth_seq_id_2     96 
_struct_mon_prot_cis.pdbx_auth_asym_id_2    A 
_struct_mon_prot_cis.pdbx_PDB_model_num     1 
_struct_mon_prot_cis.pdbx_omega_angle       0.38 
# 
_struct_sheet.id               A 
_struct_sheet.type             ? 
_struct_sheet.number_strands   9 
_struct_sheet.details          ? 
# 
loop_
_struct_sheet_order.sheet_id 
_struct_sheet_order.range_id_1 
_struct_sheet_order.range_id_2 
_struct_sheet_order.offset 
_struct_sheet_order.sense 
A 1 2 ? anti-parallel 
A 2 3 ? anti-parallel 
A 3 4 ? anti-parallel 
A 4 5 ? anti-parallel 
A 5 6 ? anti-parallel 
A 6 7 ? anti-parallel 
A 7 8 ? anti-parallel 
A 8 9 ? anti-parallel 
# 
loop_
_struct_sheet_range.sheet_id 
_struct_sheet_range.id 
_struct_sheet_range.beg_label_comp_id 
_struct_sheet_range.beg_label_asym_id 
_struct_sheet_range.beg_label_seq_id 
_struct_sheet_range.pdbx_beg_PDB_ins_code 
_struct_sheet_range.end_label_comp_id 
_struct_sheet_range.end_label_asym_id 
_struct_sheet_range.end_label_seq_id 
_struct_sheet_range.pdbx_end_PDB_ins_code 
_struct_sheet_range.beg_auth_comp_id 
_struct_sheet_range.beg_auth_asym_id 
_struct_sheet_range.beg_auth_seq_id 
_struct_sheet_range.end_auth_comp_id 
_struct_sheet_range.end_auth_asym_id 
_struct_sheet_range.end_auth_seq_id 
A 1 LYS A 20  ? GLU A 31  ? LYS A 20  GLU A 31  
A 2 THR A 2   ? ALA A 14  ? THR A 2   ALA A 14  
A 3 VAL A 137 ? ARG A 147 ? VAL A 137 ARG A 147 
A 4 VAL A 121 ? SER A 130 ? VAL A 121 SER A 130 
A 5 TYR A 98  ? PHE A 115 ? TYR A 98  PHE A 115 
A 6 ALA A 77  ? GLU A 94  ? ALA A 77  GLU A 94  
A 7 TYR A 57  ? TYR A 71  ? TYR A 57  TYR A 71  
A 8 LEU A 37  ? ARG A 50  ? LEU A 37  ARG A 50  
A 9 GLY A 22  ? TYR A 30  ? GLY A 22  TYR A 30  
# 
loop_
_pdbx_struct_sheet_hbond.sheet_id 
_pdbx_struct_sheet_hbond.range_id_1 
_pdbx_struct_sheet_hbond.range_id_2 
_pdbx_struct_sheet_hbond.range_1_label_atom_id 
_pdbx_struct_sheet_hbond.range_1_label_comp_id 
_pdbx_struct_sheet_hbond.range_1_label_asym_id 
_pdbx_struct_sheet_hbond.range_1_label_seq_id 
_pdbx_struct_sheet_hbond.range_1_PDB_ins_code 
_pdbx_struct_sheet_hbond.range_1_auth_atom_id 
_pdbx_struct_sheet_hbond.range_1_auth_comp_id 
_pdbx_struct_sheet_hbond.range_1_auth_asym_id 
_pdbx_struct_sheet_hbond.range_1_auth_seq_id 
_pdbx_struct_sheet_hbond.range_2_label_atom_id 
_pdbx_struct_sheet_hbond.range_2_label_comp_id 
_pdbx_struct_sheet_hbond.range_2_label_asym_id 
_pdbx_struct_sheet_hbond.range_2_label_seq_id 
_pdbx_struct_sheet_hbond.range_2_PDB_ins_code 
_pdbx_struct_sheet_hbond.range_2_auth_atom_id 
_pdbx_struct_sheet_hbond.range_2_auth_comp_id 
_pdbx_struct_sheet_hbond.range_2_auth_asym_id 
_pdbx_struct_sheet_hbond.range_2_auth_seq_id 
A 1 2 O MET A 21  ? O MET A 21  N SER A 12  ? N SER A 12  
A 2 3 O VAL A 5   ? O VAL A 5   N TYR A 146 ? N TYR A 146 
A 3 4 O VAL A 137 ? O VAL A 137 N SER A 130 ? N SER A 130 
A 4 5 O LEU A 123 ? O LEU A 123 N PHE A 115 ? N PHE A 115 
A 5 6 O TYR A 98  ? O TYR A 98  N GLU A 94  ? N GLU A 94  
A 6 7 O VAL A 83  ? O VAL A 83  N ALA A 67  ? N ALA A 67  
A 7 8 O ASN A 58  ? O ASN A 58  N ARG A 50  ? N ARG A 50  
A 8 9 O VAL A 39  ? O VAL A 39  N TYR A 30  ? N TYR A 30  
# 
_pdbx_validate_rmsd_bond.id                        1 
_pdbx_validate_rmsd_bond.PDB_model_num             1 
_pdbx_validate_rmsd_bond.auth_atom_id_1            CG 
_pdbx_validate_rmsd_bond.auth_asym_id_1            A 
_pdbx_validate_rmsd_bond.auth_comp_id_1            MET 
_pdbx_validate_rmsd_bond.auth_seq_id_1             21 
_pdbx_validate_rmsd_bond.PDB_ins_code_1            ? 
_pdbx_validate_rmsd_bond.label_alt_id_1            ? 
_pdbx_validate_rmsd_bond.auth_atom_id_2            SD 
_pdbx_validate_rmsd_bond.auth_asym_id_2            A 
_pdbx_validate_rmsd_bond.auth_comp_id_2            MET 
_pdbx_validate_rmsd_bond.auth_seq_id_2             21 
_pdbx_validate_rmsd_bond.PDB_ins_code_2            ? 
_pdbx_validate_rmsd_bond.label_alt_id_2            ? 
_pdbx_validate_rmsd_bond.bond_value                2.017 
_pdbx_validate_rmsd_bond.bond_target_value         1.807 
_pdbx_validate_rmsd_bond.bond_deviation            0.210 
_pdbx_validate_rmsd_bond.bond_standard_deviation   0.026 
_pdbx_validate_rmsd_bond.linker_flag               N 
# 
loop_
_pdbx_validate_rmsd_angle.id 
_pdbx_validate_rmsd_angle.PDB_model_num 
_pdbx_validate_rmsd_angle.auth_atom_id_1 
_pdbx_validate_rmsd_angle.auth_asym_id_1 
_pdbx_validate_rmsd_angle.auth_comp_id_1 
_pdbx_validate_rmsd_angle.auth_seq_id_1 
_pdbx_validate_rmsd_angle.PDB_ins_code_1 
_pdbx_validate_rmsd_angle.label_alt_id_1 
_pdbx_validate_rmsd_angle.auth_atom_id_2 
_pdbx_validate_rmsd_angle.auth_asym_id_2 
_pdbx_validate_rmsd_angle.auth_comp_id_2 
_pdbx_validate_rmsd_angle.auth_seq_id_2 
_pdbx_validate_rmsd_angle.PDB_ins_code_2 
_pdbx_validate_rmsd_angle.label_alt_id_2 
_pdbx_validate_rmsd_angle.auth_atom_id_3 
_pdbx_validate_rmsd_angle.auth_asym_id_3 
_pdbx_validate_rmsd_angle.auth_comp_id_3 
_pdbx_validate_rmsd_angle.auth_seq_id_3 
_pdbx_validate_rmsd_angle.PDB_ins_code_3 
_pdbx_validate_rmsd_angle.label_alt_id_3 
_pdbx_validate_rmsd_angle.angle_value 
_pdbx_validate_rmsd_angle.angle_target_value 
_pdbx_validate_rmsd_angle.angle_deviation 
_pdbx_validate_rmsd_angle.angle_standard_deviation 
_pdbx_validate_rmsd_angle.linker_flag 
1  1 N   A ALA 1   ? ? CA A ALA 1   ? ? CB  A ALA 1   ? ? 122.43 110.10 12.33  1.40 N 
2  1 CA  A THR 2   ? ? CB A THR 2   ? ? OG1 A THR 2   ? ? 122.18 109.00 13.18  2.10 N 
3  1 CB  A MET 21  ? ? CA A MET 21  ? ? C   A MET 21  ? ? 132.50 110.40 22.10  2.00 N 
4  1 CA  A MET 21  ? ? CB A MET 21  ? ? CG  A MET 21  ? ? 128.12 113.30 14.82  1.70 N 
5  1 CG  A MET 21  ? ? SD A MET 21  ? ? CE  A MET 21  ? ? 75.03  100.20 -25.17 1.60 N 
6  1 O   A MET 21  ? ? C  A MET 21  ? ? N   A GLY 22  ? ? 107.26 123.20 -15.94 1.70 Y 
7  1 NE  A ARG 29  ? ? CZ A ARG 29  ? ? NH2 A ARG 29  ? ? 116.36 120.30 -3.94  0.50 N 
8  1 NH1 A ARG 50  ? ? CZ A ARG 50  ? ? NH2 A ARG 50  ? ? 111.58 119.40 -7.82  1.10 N 
9  1 NE  A ARG 50  ? ? CZ A ARG 50  ? ? NH1 A ARG 50  ? ? 114.86 120.30 -5.44  0.50 N 
10 1 NE  A ARG 50  ? ? CZ A ARG 50  ? ? NH2 A ARG 50  ? ? 133.26 120.30 12.96  0.50 N 
11 1 CA  A ASN 58  ? ? CB A ASN 58  ? ? CG  A ASN 58  ? ? 130.66 113.40 17.26  2.20 N 
12 1 N   A ALA 70  ? ? CA A ALA 70  ? ? CB  A ALA 70  ? ? 119.05 110.10 8.95   1.40 N 
13 1 CB  A TYR 109 ? ? CG A TYR 109 ? ? CD2 A TYR 109 ? ? 117.04 121.00 -3.96  0.60 N 
14 1 CA  A MET 118 ? ? CB A MET 118 ? ? CG  A MET 118 ? ? 124.57 113.30 11.27  1.70 N 
15 1 CA  A ARG 131 ? ? C  A ARG 131 ? ? N   A ILE 132 ? ? 136.39 117.20 19.19  2.20 Y 
16 1 O   A ARG 131 ? ? C  A ARG 131 ? ? N   A ILE 132 ? ? 109.62 122.70 -13.08 1.60 Y 
17 1 CG  A ARG 133 ? ? CD A ARG 133 ? ? NE  A ARG 133 ? ? 125.47 111.80 13.67  2.10 N 
18 1 NE  A ARG 147 ? ? CZ A ARG 147 ? ? NH1 A ARG 147 ? ? 115.30 120.30 -5.00  0.50 N 
# 
loop_
_pdbx_validate_torsion.id 
_pdbx_validate_torsion.PDB_model_num 
_pdbx_validate_torsion.auth_comp_id 
_pdbx_validate_torsion.auth_asym_id 
_pdbx_validate_torsion.auth_seq_id 
_pdbx_validate_torsion.PDB_ins_code 
_pdbx_validate_torsion.label_alt_id 
_pdbx_validate_torsion.phi 
_pdbx_validate_torsion.psi 
1 1 GLN A 15  ? ? -31.27  95.50   
2 1 ASN A 19  ? ? -67.78  -139.20 
3 1 THR A 51  ? ? -100.60 -147.27 
4 1 ALA A 52  ? ? 178.87  -174.78 
5 1 SER A 54  ? ? -58.48  -76.50  
6 1 ARG A 131 ? ? -106.25 -64.84  
7 1 ILE A 132 ? ? 60.71   84.95   
8 1 ARG A 133 ? ? 68.68   -120.97 
# 
_pdbx_database_remark.id     700 
_pdbx_database_remark.text   
;
SHEET
DETERMINATION METHOD: DSSP
THE SHEET PRESENTED AS "A" ON SHEET RECORDS BELOW IS
ACTUALLY AN 8-STRANDED BETA-BARREL.  THIS IS
REPRESENTED BY A 9-STRANDED SHEET IN WHICH THE FIRST AND
LAST STRANDS ARE IDENTICAL.
;
# 
loop_
_chem_comp_atom.comp_id 
_chem_comp_atom.atom_id 
_chem_comp_atom.type_symbol 
_chem_comp_atom.pdbx_aromatic_flag 
_chem_comp_atom.pdbx_stereo_config 
_chem_comp_atom.pdbx_ordinal 
ALA N    N N N 1   
ALA CA   C N S 2   
ALA C    C N N 3   
ALA O    O N N 4   
ALA CB   C N N 5   
ALA OXT  O N N 6   
ALA H    H N N 7   
ALA H2   H N N 8   
ALA HA   H N N 9   
ALA HB1  H N N 10  
ALA HB2  H N N 11  
ALA HB3  H N N 12  
ALA HXT  H N N 13  
ARG N    N N N 14  
ARG CA   C N S 15  
ARG C    C N N 16  
ARG O    O N N 17  
ARG CB   C N N 18  
ARG CG   C N N 19  
ARG CD   C N N 20  
ARG NE   N N N 21  
ARG CZ   C N N 22  
ARG NH1  N N N 23  
ARG NH2  N N N 24  
ARG OXT  O N N 25  
ARG H    H N N 26  
ARG H2   H N N 27  
ARG HA   H N N 28  
ARG HB2  H N N 29  
ARG HB3  H N N 30  
ARG HG2  H N N 31  
ARG HG3  H N N 32  
ARG HD2  H N N 33  
ARG HD3  H N N 34  
ARG HE   H N N 35  
ARG HH11 H N N 36  
ARG HH12 H N N 37  
ARG HH21 H N N 38  
ARG HH22 H N N 39  
ARG HXT  H N N 40  
ASN N    N N N 41  
ASN CA   C N S 42  
ASN C    C N N 43  
ASN O    O N N 44  
ASN CB   C N N 45  
ASN CG   C N N 46  
ASN OD1  O N N 47  
ASN ND2  N N N 48  
ASN OXT  O N N 49  
ASN H    H N N 50  
ASN H2   H N N 51  
ASN HA   H N N 52  
ASN HB2  H N N 53  
ASN HB3  H N N 54  
ASN HD21 H N N 55  
ASN HD22 H N N 56  
ASN HXT  H N N 57  
ASP N    N N N 58  
ASP CA   C N S 59  
ASP C    C N N 60  
ASP O    O N N 61  
ASP CB   C N N 62  
ASP CG   C N N 63  
ASP OD1  O N N 64  
ASP OD2  O N N 65  
ASP OXT  O N N 66  
ASP H    H N N 67  
ASP H2   H N N 68  
ASP HA   H N N 69  
ASP HB2  H N N 70  
ASP HB3  H N N 71  
ASP HD2  H N N 72  
ASP HXT  H N N 73  
GLN N    N N N 74  
GLN CA   C N S 75  
GLN C    C N N 76  
GLN O    O N N 77  
GLN CB   C N N 78  
GLN CG   C N N 79  
GLN CD   C N N 80  
GLN OE1  O N N 81  
GLN NE2  N N N 82  
GLN OXT  O N N 83  
GLN H    H N N 84  
GLN H2   H N N 85  
GLN HA   H N N 86  
GLN HB2  H N N 87  
GLN HB3  H N N 88  
GLN HG2  H N N 89  
GLN HG3  H N N 90  
GLN HE21 H N N 91  
GLN HE22 H N N 92  
GLN HXT  H N N 93  
GLU N    N N N 94  
GLU CA   C N S 95  
GLU C    C N N 96  
GLU O    O N N 97  
GLU CB   C N N 98  
GLU CG   C N N 99  
GLU CD   C N N 100 
GLU OE1  O N N 101 
GLU OE2  O N N 102 
GLU OXT  O N N 103 
GLU H    H N N 104 
GLU H2   H N N 105 
GLU HA   H N N 106 
GLU HB2  H N N 107 
GLU HB3  H N N 108 
GLU HG2  H N N 109 
GLU HG3  H N N 110 
GLU HE2  H N N 111 
GLU HXT  H N N 112 
GLY N    N N N 113 
GLY CA   C N N 114 
GLY C    C N N 115 
GLY O    O N N 116 
GLY OXT  O N N 117 
GLY H    H N N 118 
GLY H2   H N N 119 
GLY HA2  H N N 120 
GLY HA3  H N N 121 
GLY HXT  H N N 122 
HIS N    N N N 123 
HIS CA   C N S 124 
HIS C    C N N 125 
HIS O    O N N 126 
HIS CB   C N N 127 
HIS CG   C Y N 128 
HIS ND1  N Y N 129 
HIS CD2  C Y N 130 
HIS CE1  C Y N 131 
HIS NE2  N Y N 132 
HIS OXT  O N N 133 
HIS H    H N N 134 
HIS H2   H N N 135 
HIS HA   H N N 136 
HIS HB2  H N N 137 
HIS HB3  H N N 138 
HIS HD1  H N N 139 
HIS HD2  H N N 140 
HIS HE1  H N N 141 
HIS HE2  H N N 142 
HIS HXT  H N N 143 
HOH O    O N N 144 
HOH H1   H N N 145 
HOH H2   H N N 146 
ILE N    N N N 147 
ILE CA   C N S 148 
ILE C    C N N 149 
ILE O    O N N 150 
ILE CB   C N S 151 
ILE CG1  C N N 152 
ILE CG2  C N N 153 
ILE CD1  C N N 154 
ILE OXT  O N N 155 
ILE H    H N N 156 
ILE H2   H N N 157 
ILE HA   H N N 158 
ILE HB   H N N 159 
ILE HG12 H N N 160 
ILE HG13 H N N 161 
ILE HG21 H N N 162 
ILE HG22 H N N 163 
ILE HG23 H N N 164 
ILE HD11 H N N 165 
ILE HD12 H N N 166 
ILE HD13 H N N 167 
ILE HXT  H N N 168 
LEU N    N N N 169 
LEU CA   C N S 170 
LEU C    C N N 171 
LEU O    O N N 172 
LEU CB   C N N 173 
LEU CG   C N N 174 
LEU CD1  C N N 175 
LEU CD2  C N N 176 
LEU OXT  O N N 177 
LEU H    H N N 178 
LEU H2   H N N 179 
LEU HA   H N N 180 
LEU HB2  H N N 181 
LEU HB3  H N N 182 
LEU HG   H N N 183 
LEU HD11 H N N 184 
LEU HD12 H N N 185 
LEU HD13 H N N 186 
LEU HD21 H N N 187 
LEU HD22 H N N 188 
LEU HD23 H N N 189 
LEU HXT  H N N 190 
LYS N    N N N 191 
LYS CA   C N S 192 
LYS C    C N N 193 
LYS O    O N N 194 
LYS CB   C N N 195 
LYS CG   C N N 196 
LYS CD   C N N 197 
LYS CE   C N N 198 
LYS NZ   N N N 199 
LYS OXT  O N N 200 
LYS H    H N N 201 
LYS H2   H N N 202 
LYS HA   H N N 203 
LYS HB2  H N N 204 
LYS HB3  H N N 205 
LYS HG2  H N N 206 
LYS HG3  H N N 207 
LYS HD2  H N N 208 
LYS HD3  H N N 209 
LYS HE2  H N N 210 
LYS HE3  H N N 211 
LYS HZ1  H N N 212 
LYS HZ2  H N N 213 
LYS HZ3  H N N 214 
LYS HXT  H N N 215 
MET N    N N N 216 
MET CA   C N S 217 
MET C    C N N 218 
MET O    O N N 219 
MET CB   C N N 220 
MET CG   C N N 221 
MET SD   S N N 222 
MET CE   C N N 223 
MET OXT  O N N 224 
MET H    H N N 225 
MET H2   H N N 226 
MET HA   H N N 227 
MET HB2  H N N 228 
MET HB3  H N N 229 
MET HG2  H N N 230 
MET HG3  H N N 231 
MET HE1  H N N 232 
MET HE2  H N N 233 
MET HE3  H N N 234 
MET HXT  H N N 235 
PHE N    N N N 236 
PHE CA   C N S 237 
PHE C    C N N 238 
PHE O    O N N 239 
PHE CB   C N N 240 
PHE CG   C Y N 241 
PHE CD1  C Y N 242 
PHE CD2  C Y N 243 
PHE CE1  C Y N 244 
PHE CE2  C Y N 245 
PHE CZ   C Y N 246 
PHE OXT  O N N 247 
PHE H    H N N 248 
PHE H2   H N N 249 
PHE HA   H N N 250 
PHE HB2  H N N 251 
PHE HB3  H N N 252 
PHE HD1  H N N 253 
PHE HD2  H N N 254 
PHE HE1  H N N 255 
PHE HE2  H N N 256 
PHE HZ   H N N 257 
PHE HXT  H N N 258 
PRO N    N N N 259 
PRO CA   C N S 260 
PRO C    C N N 261 
PRO O    O N N 262 
PRO CB   C N N 263 
PRO CG   C N N 264 
PRO CD   C N N 265 
PRO OXT  O N N 266 
PRO H    H N N 267 
PRO HA   H N N 268 
PRO HB2  H N N 269 
PRO HB3  H N N 270 
PRO HG2  H N N 271 
PRO HG3  H N N 272 
PRO HD2  H N N 273 
PRO HD3  H N N 274 
PRO HXT  H N N 275 
SER N    N N N 276 
SER CA   C N S 277 
SER C    C N N 278 
SER O    O N N 279 
SER CB   C N N 280 
SER OG   O N N 281 
SER OXT  O N N 282 
SER H    H N N 283 
SER H2   H N N 284 
SER HA   H N N 285 
SER HB2  H N N 286 
SER HB3  H N N 287 
SER HG   H N N 288 
SER HXT  H N N 289 
THR N    N N N 290 
THR CA   C N S 291 
THR C    C N N 292 
THR O    O N N 293 
THR CB   C N R 294 
THR OG1  O N N 295 
THR CG2  C N N 296 
THR OXT  O N N 297 
THR H    H N N 298 
THR H2   H N N 299 
THR HA   H N N 300 
THR HB   H N N 301 
THR HG1  H N N 302 
THR HG21 H N N 303 
THR HG22 H N N 304 
THR HG23 H N N 305 
THR HXT  H N N 306 
TRP N    N N N 307 
TRP CA   C N S 308 
TRP C    C N N 309 
TRP O    O N N 310 
TRP CB   C N N 311 
TRP CG   C Y N 312 
TRP CD1  C Y N 313 
TRP CD2  C Y N 314 
TRP NE1  N Y N 315 
TRP CE2  C Y N 316 
TRP CE3  C Y N 317 
TRP CZ2  C Y N 318 
TRP CZ3  C Y N 319 
TRP CH2  C Y N 320 
TRP OXT  O N N 321 
TRP H    H N N 322 
TRP H2   H N N 323 
TRP HA   H N N 324 
TRP HB2  H N N 325 
TRP HB3  H N N 326 
TRP HD1  H N N 327 
TRP HE1  H N N 328 
TRP HE3  H N N 329 
TRP HZ2  H N N 330 
TRP HZ3  H N N 331 
TRP HH2  H N N 332 
TRP HXT  H N N 333 
TYR N    N N N 334 
TYR CA   C N S 335 
TYR C    C N N 336 
TYR O    O N N 337 
TYR CB   C N N 338 
TYR CG   C Y N 339 
TYR CD1  C Y N 340 
TYR CD2  C Y N 341 
TYR CE1  C Y N 342 
TYR CE2  C Y N 343 
TYR CZ   C Y N 344 
TYR OH   O N N 345 
TYR OXT  O N N 346 
TYR H    H N N 347 
TYR H2   H N N 348 
TYR HA   H N N 349 
TYR HB2  H N N 350 
TYR HB3  H N N 351 
TYR HD1  H N N 352 
TYR HD2  H N N 353 
TYR HE1  H N N 354 
TYR HE2  H N N 355 
TYR HH   H N N 356 
TYR HXT  H N N 357 
VAL N    N N N 358 
VAL CA   C N S 359 
VAL C    C N N 360 
VAL O    O N N 361 
VAL CB   C N N 362 
VAL CG1  C N N 363 
VAL CG2  C N N 364 
VAL OXT  O N N 365 
VAL H    H N N 366 
VAL H2   H N N 367 
VAL HA   H N N 368 
VAL HB   H N N 369 
VAL HG11 H N N 370 
VAL HG12 H N N 371 
VAL HG13 H N N 372 
VAL HG21 H N N 373 
VAL HG22 H N N 374 
VAL HG23 H N N 375 
VAL HXT  H N N 376 
# 
loop_
_chem_comp_bond.comp_id 
_chem_comp_bond.atom_id_1 
_chem_comp_bond.atom_id_2 
_chem_comp_bond.value_order 
_chem_comp_bond.pdbx_aromatic_flag 
_chem_comp_bond.pdbx_stereo_config 
_chem_comp_bond.pdbx_ordinal 
ALA N   CA   sing N N 1   
ALA N   H    sing N N 2   
ALA N   H2   sing N N 3   
ALA CA  C    sing N N 4   
ALA CA  CB   sing N N 5   
ALA CA  HA   sing N N 6   
ALA C   O    doub N N 7   
ALA C   OXT  sing N N 8   
ALA CB  HB1  sing N N 9   
ALA CB  HB2  sing N N 10  
ALA CB  HB3  sing N N 11  
ALA OXT HXT  sing N N 12  
ARG N   CA   sing N N 13  
ARG N   H    sing N N 14  
ARG N   H2   sing N N 15  
ARG CA  C    sing N N 16  
ARG CA  CB   sing N N 17  
ARG CA  HA   sing N N 18  
ARG C   O    doub N N 19  
ARG C   OXT  sing N N 20  
ARG CB  CG   sing N N 21  
ARG CB  HB2  sing N N 22  
ARG CB  HB3  sing N N 23  
ARG CG  CD   sing N N 24  
ARG CG  HG2  sing N N 25  
ARG CG  HG3  sing N N 26  
ARG CD  NE   sing N N 27  
ARG CD  HD2  sing N N 28  
ARG CD  HD3  sing N N 29  
ARG NE  CZ   sing N N 30  
ARG NE  HE   sing N N 31  
ARG CZ  NH1  sing N N 32  
ARG CZ  NH2  doub N N 33  
ARG NH1 HH11 sing N N 34  
ARG NH1 HH12 sing N N 35  
ARG NH2 HH21 sing N N 36  
ARG NH2 HH22 sing N N 37  
ARG OXT HXT  sing N N 38  
ASN N   CA   sing N N 39  
ASN N   H    sing N N 40  
ASN N   H2   sing N N 41  
ASN CA  C    sing N N 42  
ASN CA  CB   sing N N 43  
ASN CA  HA   sing N N 44  
ASN C   O    doub N N 45  
ASN C   OXT  sing N N 46  
ASN CB  CG   sing N N 47  
ASN CB  HB2  sing N N 48  
ASN CB  HB3  sing N N 49  
ASN CG  OD1  doub N N 50  
ASN CG  ND2  sing N N 51  
ASN ND2 HD21 sing N N 52  
ASN ND2 HD22 sing N N 53  
ASN OXT HXT  sing N N 54  
ASP N   CA   sing N N 55  
ASP N   H    sing N N 56  
ASP N   H2   sing N N 57  
ASP CA  C    sing N N 58  
ASP CA  CB   sing N N 59  
ASP CA  HA   sing N N 60  
ASP C   O    doub N N 61  
ASP C   OXT  sing N N 62  
ASP CB  CG   sing N N 63  
ASP CB  HB2  sing N N 64  
ASP CB  HB3  sing N N 65  
ASP CG  OD1  doub N N 66  
ASP CG  OD2  sing N N 67  
ASP OD2 HD2  sing N N 68  
ASP OXT HXT  sing N N 69  
GLN N   CA   sing N N 70  
GLN N   H    sing N N 71  
GLN N   H2   sing N N 72  
GLN CA  C    sing N N 73  
GLN CA  CB   sing N N 74  
GLN CA  HA   sing N N 75  
GLN C   O    doub N N 76  
GLN C   OXT  sing N N 77  
GLN CB  CG   sing N N 78  
GLN CB  HB2  sing N N 79  
GLN CB  HB3  sing N N 80  
GLN CG  CD   sing N N 81  
GLN CG  HG2  sing N N 82  
GLN CG  HG3  sing N N 83  
GLN CD  OE1  doub N N 84  
GLN CD  NE2  sing N N 85  
GLN NE2 HE21 sing N N 86  
GLN NE2 HE22 sing N N 87  
GLN OXT HXT  sing N N 88  
GLU N   CA   sing N N 89  
GLU N   H    sing N N 90  
GLU N   H2   sing N N 91  
GLU CA  C    sing N N 92  
GLU CA  CB   sing N N 93  
GLU CA  HA   sing N N 94  
GLU C   O    doub N N 95  
GLU C   OXT  sing N N 96  
GLU CB  CG   sing N N 97  
GLU CB  HB2  sing N N 98  
GLU CB  HB3  sing N N 99  
GLU CG  CD   sing N N 100 
GLU CG  HG2  sing N N 101 
GLU CG  HG3  sing N N 102 
GLU CD  OE1  doub N N 103 
GLU CD  OE2  sing N N 104 
GLU OE2 HE2  sing N N 105 
GLU OXT HXT  sing N N 106 
GLY N   CA   sing N N 107 
GLY N   H    sing N N 108 
GLY N   H2   sing N N 109 
GLY CA  C    sing N N 110 
GLY CA  HA2  sing N N 111 
GLY CA  HA3  sing N N 112 
GLY C   O    doub N N 113 
GLY C   OXT  sing N N 114 
GLY OXT HXT  sing N N 115 
HIS N   CA   sing N N 116 
HIS N   H    sing N N 117 
HIS N   H2   sing N N 118 
HIS CA  C    sing N N 119 
HIS CA  CB   sing N N 120 
HIS CA  HA   sing N N 121 
HIS C   O    doub N N 122 
HIS C   OXT  sing N N 123 
HIS CB  CG   sing N N 124 
HIS CB  HB2  sing N N 125 
HIS CB  HB3  sing N N 126 
HIS CG  ND1  sing Y N 127 
HIS CG  CD2  doub Y N 128 
HIS ND1 CE1  doub Y N 129 
HIS ND1 HD1  sing N N 130 
HIS CD2 NE2  sing Y N 131 
HIS CD2 HD2  sing N N 132 
HIS CE1 NE2  sing Y N 133 
HIS CE1 HE1  sing N N 134 
HIS NE2 HE2  sing N N 135 
HIS OXT HXT  sing N N 136 
HOH O   H1   sing N N 137 
HOH O   H2   sing N N 138 
ILE N   CA   sing N N 139 
ILE N   H    sing N N 140 
ILE N   H2   sing N N 141 
ILE CA  C    sing N N 142 
ILE CA  CB   sing N N 143 
ILE CA  HA   sing N N 144 
ILE C   O    doub N N 145 
ILE C   OXT  sing N N 146 
ILE CB  CG1  sing N N 147 
ILE CB  CG2  sing N N 148 
ILE CB  HB   sing N N 149 
ILE CG1 CD1  sing N N 150 
ILE CG1 HG12 sing N N 151 
ILE CG1 HG13 sing N N 152 
ILE CG2 HG21 sing N N 153 
ILE CG2 HG22 sing N N 154 
ILE CG2 HG23 sing N N 155 
ILE CD1 HD11 sing N N 156 
ILE CD1 HD12 sing N N 157 
ILE CD1 HD13 sing N N 158 
ILE OXT HXT  sing N N 159 
LEU N   CA   sing N N 160 
LEU N   H    sing N N 161 
LEU N   H2   sing N N 162 
LEU CA  C    sing N N 163 
LEU CA  CB   sing N N 164 
LEU CA  HA   sing N N 165 
LEU C   O    doub N N 166 
LEU C   OXT  sing N N 167 
LEU CB  CG   sing N N 168 
LEU CB  HB2  sing N N 169 
LEU CB  HB3  sing N N 170 
LEU CG  CD1  sing N N 171 
LEU CG  CD2  sing N N 172 
LEU CG  HG   sing N N 173 
LEU CD1 HD11 sing N N 174 
LEU CD1 HD12 sing N N 175 
LEU CD1 HD13 sing N N 176 
LEU CD2 HD21 sing N N 177 
LEU CD2 HD22 sing N N 178 
LEU CD2 HD23 sing N N 179 
LEU OXT HXT  sing N N 180 
LYS N   CA   sing N N 181 
LYS N   H    sing N N 182 
LYS N   H2   sing N N 183 
LYS CA  C    sing N N 184 
LYS CA  CB   sing N N 185 
LYS CA  HA   sing N N 186 
LYS C   O    doub N N 187 
LYS C   OXT  sing N N 188 
LYS CB  CG   sing N N 189 
LYS CB  HB2  sing N N 190 
LYS CB  HB3  sing N N 191 
LYS CG  CD   sing N N 192 
LYS CG  HG2  sing N N 193 
LYS CG  HG3  sing N N 194 
LYS CD  CE   sing N N 195 
LYS CD  HD2  sing N N 196 
LYS CD  HD3  sing N N 197 
LYS CE  NZ   sing N N 198 
LYS CE  HE2  sing N N 199 
LYS CE  HE3  sing N N 200 
LYS NZ  HZ1  sing N N 201 
LYS NZ  HZ2  sing N N 202 
LYS NZ  HZ3  sing N N 203 
LYS OXT HXT  sing N N 204 
MET N   CA   sing N N 205 
MET N   H    sing N N 206 
MET N   H2   sing N N 207 
MET CA  C    sing N N 208 
MET CA  CB   sing N N 209 
MET CA  HA   sing N N 210 
MET C   O    doub N N 211 
MET C   OXT  sing N N 212 
MET CB  CG   sing N N 213 
MET CB  HB2  sing N N 214 
MET CB  HB3  sing N N 215 
MET CG  SD   sing N N 216 
MET CG  HG2  sing N N 217 
MET CG  HG3  sing N N 218 
MET SD  CE   sing N N 219 
MET CE  HE1  sing N N 220 
MET CE  HE2  sing N N 221 
MET CE  HE3  sing N N 222 
MET OXT HXT  sing N N 223 
PHE N   CA   sing N N 224 
PHE N   H    sing N N 225 
PHE N   H2   sing N N 226 
PHE CA  C    sing N N 227 
PHE CA  CB   sing N N 228 
PHE CA  HA   sing N N 229 
PHE C   O    doub N N 230 
PHE C   OXT  sing N N 231 
PHE CB  CG   sing N N 232 
PHE CB  HB2  sing N N 233 
PHE CB  HB3  sing N N 234 
PHE CG  CD1  doub Y N 235 
PHE CG  CD2  sing Y N 236 
PHE CD1 CE1  sing Y N 237 
PHE CD1 HD1  sing N N 238 
PHE CD2 CE2  doub Y N 239 
PHE CD2 HD2  sing N N 240 
PHE CE1 CZ   doub Y N 241 
PHE CE1 HE1  sing N N 242 
PHE CE2 CZ   sing Y N 243 
PHE CE2 HE2  sing N N 244 
PHE CZ  HZ   sing N N 245 
PHE OXT HXT  sing N N 246 
PRO N   CA   sing N N 247 
PRO N   CD   sing N N 248 
PRO N   H    sing N N 249 
PRO CA  C    sing N N 250 
PRO CA  CB   sing N N 251 
PRO CA  HA   sing N N 252 
PRO C   O    doub N N 253 
PRO C   OXT  sing N N 254 
PRO CB  CG   sing N N 255 
PRO CB  HB2  sing N N 256 
PRO CB  HB3  sing N N 257 
PRO CG  CD   sing N N 258 
PRO CG  HG2  sing N N 259 
PRO CG  HG3  sing N N 260 
PRO CD  HD2  sing N N 261 
PRO CD  HD3  sing N N 262 
PRO OXT HXT  sing N N 263 
SER N   CA   sing N N 264 
SER N   H    sing N N 265 
SER N   H2   sing N N 266 
SER CA  C    sing N N 267 
SER CA  CB   sing N N 268 
SER CA  HA   sing N N 269 
SER C   O    doub N N 270 
SER C   OXT  sing N N 271 
SER CB  OG   sing N N 272 
SER CB  HB2  sing N N 273 
SER CB  HB3  sing N N 274 
SER OG  HG   sing N N 275 
SER OXT HXT  sing N N 276 
THR N   CA   sing N N 277 
THR N   H    sing N N 278 
THR N   H2   sing N N 279 
THR CA  C    sing N N 280 
THR CA  CB   sing N N 281 
THR CA  HA   sing N N 282 
THR C   O    doub N N 283 
THR C   OXT  sing N N 284 
THR CB  OG1  sing N N 285 
THR CB  CG2  sing N N 286 
THR CB  HB   sing N N 287 
THR OG1 HG1  sing N N 288 
THR CG2 HG21 sing N N 289 
THR CG2 HG22 sing N N 290 
THR CG2 HG23 sing N N 291 
THR OXT HXT  sing N N 292 
TRP N   CA   sing N N 293 
TRP N   H    sing N N 294 
TRP N   H2   sing N N 295 
TRP CA  C    sing N N 296 
TRP CA  CB   sing N N 297 
TRP CA  HA   sing N N 298 
TRP C   O    doub N N 299 
TRP C   OXT  sing N N 300 
TRP CB  CG   sing N N 301 
TRP CB  HB2  sing N N 302 
TRP CB  HB3  sing N N 303 
TRP CG  CD1  doub Y N 304 
TRP CG  CD2  sing Y N 305 
TRP CD1 NE1  sing Y N 306 
TRP CD1 HD1  sing N N 307 
TRP CD2 CE2  doub Y N 308 
TRP CD2 CE3  sing Y N 309 
TRP NE1 CE2  sing Y N 310 
TRP NE1 HE1  sing N N 311 
TRP CE2 CZ2  sing Y N 312 
TRP CE3 CZ3  doub Y N 313 
TRP CE3 HE3  sing N N 314 
TRP CZ2 CH2  doub Y N 315 
TRP CZ2 HZ2  sing N N 316 
TRP CZ3 CH2  sing Y N 317 
TRP CZ3 HZ3  sing N N 318 
TRP CH2 HH2  sing N N 319 
TRP OXT HXT  sing N N 320 
TYR N   CA   sing N N 321 
TYR N   H    sing N N 322 
TYR N   H2   sing N N 323 
TYR CA  C    sing N N 324 
TYR CA  CB   sing N N 325 
TYR CA  HA   sing N N 326 
TYR C   O    doub N N 327 
TYR C   OXT  sing N N 328 
TYR CB  CG   sing N N 329 
TYR CB  HB2  sing N N 330 
TYR CB  HB3  sing N N 331 
TYR CG  CD1  doub Y N 332 
TYR CG  CD2  sing Y N 333 
TYR CD1 CE1  sing Y N 334 
TYR CD1 HD1  sing N N 335 
TYR CD2 CE2  doub Y N 336 
TYR CD2 HD2  sing N N 337 
TYR CE1 CZ   doub Y N 338 
TYR CE1 HE1  sing N N 339 
TYR CE2 CZ   sing Y N 340 
TYR CE2 HE2  sing N N 341 
TYR CZ  OH   sing N N 342 
TYR OH  HH   sing N N 343 
TYR OXT HXT  sing N N 344 
VAL N   CA   sing N N 345 
VAL N   H    sing N N 346 
VAL N   H2   sing N N 347 
VAL CA  C    sing N N 348 
VAL CA  CB   sing N N 349 
VAL CA  HA   sing N N 350 
VAL C   O    doub N N 351 
VAL C   OXT  sing N N 352 
VAL CB  CG1  sing N N 353 
VAL CB  CG2  sing N N 354 
VAL CB  HB   sing N N 355 
VAL CG1 HG11 sing N N 356 
VAL CG1 HG12 sing N N 357 
VAL CG1 HG13 sing N N 358 
VAL CG2 HG21 sing N N 359 
VAL CG2 HG22 sing N N 360 
VAL CG2 HG23 sing N N 361 
VAL OXT HXT  sing N N 362 
# 
_atom_sites.entry_id                    1QJ9 
_atom_sites.fract_transf_matrix[1][1]   0.00731779 
_atom_sites.fract_transf_matrix[1][2]   0.00677047 
_atom_sites.fract_transf_matrix[1][3]   0.00987257 
_atom_sites.fract_transf_matrix[2][1]   -0.00669165 
_atom_sites.fract_transf_matrix[2][2]   0.00639415 
_atom_sites.fract_transf_matrix[2][3]   0.01054407 
_atom_sites.fract_transf_matrix[3][1]   0.00023286 
_atom_sites.fract_transf_matrix[3][2]   -0.00403680 
_atom_sites.fract_transf_matrix[3][3]   0.00259578 
_atom_sites.fract_transf_vector[1]      0.772104 
_atom_sites.fract_transf_vector[2]      0.193667 
_atom_sites.fract_transf_vector[3]      0.229999 
# 
loop_
_atom_type.symbol 
C 
N 
O 
S 
# 
loop_
_atom_site.group_PDB 
_atom_site.id 
_atom_site.type_symbol 
_atom_site.label_atom_id 
_atom_site.label_alt_id 
_atom_site.label_comp_id 
_atom_site.label_asym_id 
_atom_site.label_entity_id 
_atom_site.label_seq_id 
_atom_site.pdbx_PDB_ins_code 
_atom_site.Cartn_x 
_atom_site.Cartn_y 
_atom_site.Cartn_z 
_atom_site.occupancy 
_atom_site.B_iso_or_equiv 
_atom_site.pdbx_formal_charge 
_atom_site.auth_seq_id 
_atom_site.auth_comp_id 
_atom_site.auth_asym_id 
_atom_site.auth_atom_id 
_atom_site.pdbx_PDB_model_num 
ATOM   1    N N   . ALA A 1 1   ? -18.128 12.717  -11.005 1.00 45.88  ? 1    ALA A N   1 
ATOM   2    C CA  . ALA A 1 1   ? -18.208 12.480  -12.421 1.00 51.47  ? 1    ALA A CA  1 
ATOM   3    C C   . ALA A 1 1   ? -17.341 11.358  -13.030 1.00 54.87  ? 1    ALA A C   1 
ATOM   4    O O   . ALA A 1 1   ? -17.946 10.810  -13.975 1.00 45.59  ? 1    ALA A O   1 
ATOM   5    C CB  . ALA A 1 1   ? -18.279 13.578  -13.405 1.00 37.12  ? 1    ALA A CB  1 
ATOM   6    N N   . THR A 1 2   ? -16.097 11.139  -12.627 1.00 40.57  ? 2    THR A N   1 
ATOM   7    C CA  . THR A 1 2   ? -15.315 10.048  -13.170 1.00 40.35  ? 2    THR A CA  1 
ATOM   8    C C   . THR A 1 2   ? -14.785 9.252   -12.008 1.00 42.12  ? 2    THR A C   1 
ATOM   9    O O   . THR A 1 2   ? -14.344 9.869   -10.997 1.00 39.96  ? 2    THR A O   1 
ATOM   10   C CB  . THR A 1 2   ? -14.208 10.654  -14.079 1.00 44.66  ? 2    THR A CB  1 
ATOM   11   O OG1 . THR A 1 2   ? -12.923 10.305  -13.966 1.00 48.36  ? 2    THR A OG1 1 
ATOM   12   C CG2 . THR A 1 2   ? -14.089 12.256  -14.006 1.00 66.83  ? 2    THR A CG2 1 
ATOM   13   N N   . SER A 1 3   ? -14.631 7.939   -12.043 1.00 39.74  ? 3    SER A N   1 
ATOM   14   C CA  . SER A 1 3   ? -13.951 7.216   -11.013 1.00 35.35  ? 3    SER A CA  1 
ATOM   15   C C   . SER A 1 3   ? -12.846 6.340   -11.657 1.00 34.90  ? 3    SER A C   1 
ATOM   16   O O   . SER A 1 3   ? -13.141 5.785   -12.715 1.00 40.88  ? 3    SER A O   1 
ATOM   17   C CB  . SER A 1 3   ? -14.798 6.123   -10.244 1.00 40.85  ? 3    SER A CB  1 
ATOM   18   O OG  . SER A 1 3   ? -15.886 6.800   -9.697  1.00 57.29  ? 3    SER A OG  1 
ATOM   19   N N   . THR A 1 4   ? -11.803 6.105   -10.915 1.00 40.19  ? 4    THR A N   1 
ATOM   20   C CA  . THR A 1 4   ? -10.735 5.220   -11.410 1.00 35.58  ? 4    THR A CA  1 
ATOM   21   C C   . THR A 1 4   ? -10.433 4.230   -10.312 1.00 39.24  ? 4    THR A C   1 
ATOM   22   O O   . THR A 1 4   ? -10.104 4.585   -9.195  1.00 34.04  ? 4    THR A O   1 
ATOM   23   C CB  . THR A 1 4   ? -9.410  5.970   -11.723 1.00 37.59  ? 4    THR A CB  1 
ATOM   24   O OG1 . THR A 1 4   ? -9.628  6.949   -12.787 1.00 34.06  ? 4    THR A OG1 1 
ATOM   25   C CG2 . THR A 1 4   ? -8.363  4.985   -12.227 1.00 34.46  ? 4    THR A CG2 1 
ATOM   26   N N   . VAL A 1 5   ? -10.414 2.965   -10.725 1.00 36.62  ? 5    VAL A N   1 
ATOM   27   C CA  . VAL A 1 5   ? -10.166 1.881   -9.804  1.00 41.74  ? 5    VAL A CA  1 
ATOM   28   C C   . VAL A 1 5   ? -8.961  1.090   -10.329 1.00 38.52  ? 5    VAL A C   1 
ATOM   29   O O   . VAL A 1 5   ? -8.934  0.684   -11.481 1.00 39.87  ? 5    VAL A O   1 
ATOM   30   C CB  . VAL A 1 5   ? -11.405 0.932   -9.695  1.00 48.62  ? 5    VAL A CB  1 
ATOM   31   C CG1 . VAL A 1 5   ? -11.059 -0.251  -8.783  1.00 45.66  ? 5    VAL A CG1 1 
ATOM   32   C CG2 . VAL A 1 5   ? -12.604 1.718   -9.166  1.00 41.55  ? 5    VAL A CG2 1 
ATOM   33   N N   . THR A 1 6   ? -7.932  1.016   -9.475  1.00 35.93  ? 6    THR A N   1 
ATOM   34   C CA  . THR A 1 6   ? -6.713  0.296   -9.904  1.00 38.52  ? 6    THR A CA  1 
ATOM   35   C C   . THR A 1 6   ? -6.303  -0.693  -8.803  1.00 41.54  ? 6    THR A C   1 
ATOM   36   O O   . THR A 1 6   ? -6.543  -0.466  -7.604  1.00 39.78  ? 6    THR A O   1 
ATOM   37   C CB  . THR A 1 6   ? -5.527  1.275   -10.126 1.00 42.15  ? 6    THR A CB  1 
ATOM   38   O OG1 . THR A 1 6   ? -5.323  2.094   -8.958  1.00 41.22  ? 6    THR A OG1 1 
ATOM   39   C CG2 . THR A 1 6   ? -5.788  2.168   -11.340 1.00 40.42  ? 6    THR A CG2 1 
ATOM   40   N N   . GLY A 1 7   ? -5.606  -1.720  -9.278  1.00 41.83  ? 7    GLY A N   1 
ATOM   41   C CA  . GLY A 1 7   ? -5.089  -2.746  -8.397  1.00 42.80  ? 7    GLY A CA  1 
ATOM   42   C C   . GLY A 1 7   ? -3.768  -3.267  -9.003  1.00 41.76  ? 7    GLY A C   1 
ATOM   43   O O   . GLY A 1 7   ? -3.442  -3.215  -10.193 1.00 39.17  ? 7    GLY A O   1 
ATOM   44   N N   . GLY A 1 8   ? -2.922  -3.669  -8.085  1.00 46.30  ? 8    GLY A N   1 
ATOM   45   C CA  . GLY A 1 8   ? -1.650  -4.231  -8.423  1.00 48.20  ? 8    GLY A CA  1 
ATOM   46   C C   . GLY A 1 8   ? -0.904  -4.782  -7.233  1.00 45.03  ? 8    GLY A C   1 
ATOM   47   O O   . GLY A 1 8   ? -1.332  -4.927  -6.092  1.00 46.30  ? 8    GLY A O   1 
ATOM   48   N N   . TYR A 1 9   ? 0.318   -5.122  -7.576  1.00 45.49  ? 9    TYR A N   1 
ATOM   49   C CA  . TYR A 1 9   ? 1.286   -5.730  -6.693  1.00 43.71  ? 9    TYR A CA  1 
ATOM   50   C C   . TYR A 1 9   ? 1.969   -4.667  -5.878  1.00 47.30  ? 9    TYR A C   1 
ATOM   51   O O   . TYR A 1 9   ? 2.169   -3.514  -6.311  1.00 43.41  ? 9    TYR A O   1 
ATOM   52   C CB  . TYR A 1 9   ? 2.233   -6.569  -7.606  1.00 54.11  ? 9    TYR A CB  1 
ATOM   53   C CG  . TYR A 1 9   ? 3.334   -7.190  -6.768  1.00 60.23  ? 9    TYR A CG  1 
ATOM   54   C CD1 . TYR A 1 9   ? 3.102   -8.396  -6.110  1.00 57.93  ? 9    TYR A CD1 1 
ATOM   55   C CD2 . TYR A 1 9   ? 4.570   -6.539  -6.657  1.00 58.92  ? 9    TYR A CD2 1 
ATOM   56   C CE1 . TYR A 1 9   ? 4.098   -8.981  -5.330  1.00 56.56  ? 9    TYR A CE1 1 
ATOM   57   C CE2 . TYR A 1 9   ? 5.568   -7.128  -5.873  1.00 66.06  ? 9    TYR A CE2 1 
ATOM   58   C CZ  . TYR A 1 9   ? 5.320   -8.322  -5.213  1.00 64.42  ? 9    TYR A CZ  1 
ATOM   59   O OH  . TYR A 1 9   ? 6.326   -8.874  -4.440  1.00 59.86  ? 9    TYR A OH  1 
ATOM   60   N N   . ALA A 1 10  ? 2.159   -4.970  -4.605  1.00 41.41  ? 10   ALA A N   1 
ATOM   61   C CA  . ALA A 1 10  ? 2.787   -4.161  -3.632  1.00 38.29  ? 10   ALA A CA  1 
ATOM   62   C C   . ALA A 1 10  ? 3.960   -4.917  -3.003  1.00 44.82  ? 10   ALA A C   1 
ATOM   63   O O   . ALA A 1 10  ? 3.865   -6.145  -2.714  1.00 44.01  ? 10   ALA A O   1 
ATOM   64   C CB  . ALA A 1 10  ? 1.837   -3.763  -2.489  1.00 38.31  ? 10   ALA A CB  1 
ATOM   65   N N   . GLN A 1 11  ? 5.028   -4.193  -2.704  1.00 42.63  ? 11   GLN A N   1 
ATOM   66   C CA  . GLN A 1 11  ? 6.142   -4.921  -2.045  1.00 46.41  ? 11   GLN A CA  1 
ATOM   67   C C   . GLN A 1 11  ? 6.731   -4.027  -0.990  1.00 43.41  ? 11   GLN A C   1 
ATOM   68   O O   . GLN A 1 11  ? 7.049   -2.873  -1.272  1.00 44.85  ? 11   GLN A O   1 
ATOM   69   C CB  . GLN A 1 11  ? 7.172   -5.378  -3.080  1.00 43.99  ? 11   GLN A CB  1 
ATOM   70   C CG  . GLN A 1 11  ? 8.194   -6.330  -2.447  1.00 54.42  ? 11   GLN A CG  1 
ATOM   71   C CD  . GLN A 1 11  ? 9.093   -6.882  -3.561  1.00 60.98  ? 11   GLN A CD  1 
ATOM   72   O OE1 . GLN A 1 11  ? 10.266  -6.533  -3.624  1.00 61.54  ? 11   GLN A OE1 1 
ATOM   73   N NE2 . GLN A 1 11  ? 8.572   -7.682  -4.479  1.00 54.75  ? 11   GLN A NE2 1 
ATOM   74   N N   . SER A 1 12  ? 6.724   -4.515  0.256   1.00 38.90  ? 12   SER A N   1 
ATOM   75   C CA  . SER A 1 12  ? 7.245   -3.817  1.372   1.00 45.83  ? 12   SER A CA  1 
ATOM   76   C C   . SER A 1 12  ? 8.661   -4.335  1.759   1.00 47.62  ? 12   SER A C   1 
ATOM   77   O O   . SER A 1 12  ? 9.066   -5.468  1.472   1.00 50.00  ? 12   SER A O   1 
ATOM   78   C CB  . SER A 1 12  ? 6.368   -3.928  2.641   1.00 45.70  ? 12   SER A CB  1 
ATOM   79   O OG  . SER A 1 12  ? 5.026   -3.722  2.392   1.00 49.54  ? 12   SER A OG  1 
ATOM   80   N N   . ASP A 1 13  ? 9.322   -3.432  2.437   1.00 45.69  ? 13   ASP A N   1 
ATOM   81   C CA  . ASP A 1 13  ? 10.681  -3.684  2.928   1.00 54.17  ? 13   ASP A CA  1 
ATOM   82   C C   . ASP A 1 13  ? 10.852  -2.839  4.186   1.00 56.43  ? 13   ASP A C   1 
ATOM   83   O O   . ASP A 1 13  ? 10.416  -1.680  4.188   1.00 54.87  ? 13   ASP A O   1 
ATOM   84   C CB  . ASP A 1 13  ? 11.681  -3.260  1.824   1.00 60.91  ? 13   ASP A CB  1 
ATOM   85   C CG  . ASP A 1 13  ? 13.072  -3.760  2.229   1.00 76.74  ? 13   ASP A CG  1 
ATOM   86   O OD1 . ASP A 1 13  ? 13.174  -4.945  2.610   1.00 80.10  ? 13   ASP A OD1 1 
ATOM   87   O OD2 . ASP A 1 13  ? 14.042  -3.003  2.189   1.00 80.69  ? 13   ASP A OD2 1 
ATOM   88   N N   . ALA A 1 14  ? 11.271  -3.392  5.321   1.00 60.82  ? 14   ALA A N   1 
ATOM   89   C CA  . ALA A 1 14  ? 11.408  -2.560  6.542   1.00 69.73  ? 14   ALA A CA  1 
ATOM   90   C C   . ALA A 1 14  ? 12.858  -2.272  6.864   1.00 78.05  ? 14   ALA A C   1 
ATOM   91   O O   . ALA A 1 14  ? 13.750  -2.876  6.253   1.00 78.43  ? 14   ALA A O   1 
ATOM   92   C CB  . ALA A 1 14  ? 10.714  -3.254  7.701   1.00 73.93  ? 14   ALA A CB  1 
ATOM   93   N N   . GLN A 1 15  ? 13.151  -1.409  7.823   1.00 90.71  ? 15   GLN A N   1 
ATOM   94   C CA  . GLN A 1 15  ? 14.521  -1.084  8.204   1.00 106.61 ? 15   GLN A CA  1 
ATOM   95   C C   . GLN A 1 15  ? 15.435  -2.320  7.981   1.00 111.82 ? 15   GLN A C   1 
ATOM   96   O O   . GLN A 1 15  ? 15.491  -3.169  8.884   1.00 109.89 ? 15   GLN A O   1 
ATOM   97   C CB  . GLN A 1 15  ? 14.729  -0.793  9.675   1.00 112.77 ? 15   GLN A CB  1 
ATOM   98   C CG  . GLN A 1 15  ? 13.620  -0.721  10.676  1.00 119.16 ? 15   GLN A CG  1 
ATOM   99   C CD  . GLN A 1 15  ? 14.173  -0.986  12.085  1.00 123.06 ? 15   GLN A CD  1 
ATOM   100  O OE1 . GLN A 1 15  ? 14.363  -0.082  12.898  1.00 124.47 ? 15   GLN A OE1 1 
ATOM   101  N NE2 . GLN A 1 15  ? 14.470  -2.263  12.341  1.00 120.86 ? 15   GLN A NE2 1 
ATOM   102  N N   . GLY A 1 16  ? 16.118  -2.425  6.853   1.00 118.86 ? 16   GLY A N   1 
ATOM   103  C CA  . GLY A 1 16  ? 16.985  -3.546  6.598   1.00 124.35 ? 16   GLY A CA  1 
ATOM   104  C C   . GLY A 1 16  ? 16.423  -4.949  6.654   1.00 127.72 ? 16   GLY A C   1 
ATOM   105  O O   . GLY A 1 16  ? 15.865  -5.425  5.645   1.00 126.49 ? 16   GLY A O   1 
ATOM   106  N N   . GLN A 1 17  ? 16.577  -5.666  7.779   1.00 128.39 ? 17   GLN A N   1 
ATOM   107  C CA  . GLN A 1 17  ? 16.275  -7.053  7.928   1.00 128.74 ? 17   GLN A CA  1 
ATOM   108  C C   . GLN A 1 17  ? 14.963  -7.675  7.587   1.00 126.26 ? 17   GLN A C   1 
ATOM   109  O O   . GLN A 1 17  ? 15.099  -8.661  6.790   1.00 127.65 ? 17   GLN A O   1 
ATOM   110  C CB  . GLN A 1 17  ? 16.880  -7.722  9.181   1.00 132.18 ? 17   GLN A CB  1 
ATOM   111  C CG  . GLN A 1 17  ? 18.294  -8.234  8.946   1.00 136.22 ? 17   GLN A CG  1 
ATOM   112  C CD  . GLN A 1 17  ? 18.454  -9.365  7.962   1.00 139.66 ? 17   GLN A CD  1 
ATOM   113  O OE1 . GLN A 1 17  ? 19.424  -10.141 8.051   1.00 139.51 ? 17   GLN A OE1 1 
ATOM   114  N NE2 . GLN A 1 17  ? 17.573  -9.540  6.984   1.00 140.11 ? 17   GLN A NE2 1 
ATOM   115  N N   . MET A 1 18  ? 13.755  -7.345  8.025   1.00 120.24 ? 18   MET A N   1 
ATOM   116  C CA  . MET A 1 18  ? 12.612  -8.135  7.474   1.00 111.87 ? 18   MET A CA  1 
ATOM   117  C C   . MET A 1 18  ? 12.837  -8.069  5.945   1.00 110.80 ? 18   MET A C   1 
ATOM   118  O O   . MET A 1 18  ? 13.143  -6.968  5.466   1.00 114.15 ? 18   MET A O   1 
ATOM   119  C CB  . MET A 1 18  ? 11.265  -7.650  7.867   1.00 99.20  ? 18   MET A CB  1 
ATOM   120  C CG  . MET A 1 18  ? 10.936  -7.199  9.267   1.00 94.68  ? 18   MET A CG  1 
ATOM   121  S SD  . MET A 1 18  ? 9.171   -7.310  9.662   1.00 82.55  ? 18   MET A SD  1 
ATOM   122  C CE  . MET A 1 18  ? 8.863   -5.803  10.585  1.00 68.25  ? 18   MET A CE  1 
ATOM   123  N N   . ASN A 1 19  ? 12.898  -9.173  5.218   1.00 106.02 ? 19   ASN A N   1 
ATOM   124  C CA  . ASN A 1 19  ? 13.210  -9.103  3.774   1.00 98.57  ? 19   ASN A CA  1 
ATOM   125  C C   . ASN A 1 19  ? 12.058  -8.427  3.035   1.00 91.96  ? 19   ASN A C   1 
ATOM   126  O O   . ASN A 1 19  ? 11.473  -7.457  3.490   1.00 87.54  ? 19   ASN A O   1 
ATOM   127  C CB  . ASN A 1 19  ? 13.506  -10.472 3.210   1.00 99.74  ? 19   ASN A CB  1 
ATOM   128  C CG  . ASN A 1 19  ? 14.419  -10.656 2.045   1.00 103.36 ? 19   ASN A CG  1 
ATOM   129  O OD1 . ASN A 1 19  ? 15.458  -11.357 2.186   1.00 106.63 ? 19   ASN A OD1 1 
ATOM   130  N ND2 . ASN A 1 19  ? 14.172  -10.136 0.859   1.00 95.95  ? 19   ASN A ND2 1 
ATOM   131  N N   . LYS A 1 20  ? 11.706  -8.936  1.871   1.00 84.02  ? 20   LYS A N   1 
ATOM   132  C CA  . LYS A 1 20  ? 10.659  -8.385  1.034   1.00 80.25  ? 20   LYS A CA  1 
ATOM   133  C C   . LYS A 1 20  ? 9.309   -8.987  1.422   1.00 73.32  ? 20   LYS A C   1 
ATOM   134  O O   . LYS A 1 20  ? 9.153   -10.197 1.370   1.00 69.11  ? 20   LYS A O   1 
ATOM   135  C CB  . LYS A 1 20  ? 11.037  -8.572  -0.432  1.00 83.22  ? 20   LYS A CB  1 
ATOM   136  C CG  . LYS A 1 20  ? 12.259  -7.699  -0.812  1.00 89.02  ? 20   LYS A CG  1 
ATOM   137  C CD  . LYS A 1 20  ? 12.681  -8.026  -2.234  1.00 92.33  ? 20   LYS A CD  1 
ATOM   138  C CE  . LYS A 1 20  ? 13.821  -7.136  -2.733  1.00 97.35  ? 20   LYS A CE  1 
ATOM   139  N NZ  . LYS A 1 20  ? 13.886  -7.223  -4.243  1.00 94.07  ? 20   LYS A NZ  1 
ATOM   140  N N   . MET A 1 21  ? 8.397   -8.139  1.863   1.00 60.55  ? 21   MET A N   1 
ATOM   141  C CA  . MET A 1 21  ? 7.036   -8.596  2.319   1.00 54.81  ? 21   MET A CA  1 
ATOM   142  C C   . MET A 1 21  ? 6.149   -8.345  1.111   1.00 54.05  ? 21   MET A C   1 
ATOM   143  O O   . MET A 1 21  ? 6.067   -7.276  0.392   1.00 47.13  ? 21   MET A O   1 
ATOM   144  C CB  . MET A 1 21  ? 6.928   -8.158  3.830   1.00 54.12  ? 21   MET A CB  1 
ATOM   145  C CG  . MET A 1 21  ? 7.989   -8.313  4.950   1.00 62.05  ? 21   MET A CG  1 
ATOM   146  S SD  . MET A 1 21  ? 7.718   -7.785  6.878   1.00 29.51  ? 21   MET A SD  1 
ATOM   147  C CE  . MET A 1 21  ? 6.169   -7.056  5.932   1.00 40.75  ? 21   MET A CE  1 
ATOM   148  N N   . GLY A 1 22  ? 5.586   -9.353  0.399   1.00 43.73  ? 22   GLY A N   1 
ATOM   149  C CA  . GLY A 1 22  ? 4.820   -9.243  -0.840  1.00 49.09  ? 22   GLY A CA  1 
ATOM   150  C C   . GLY A 1 22  ? 3.315   -9.131  -0.631  1.00 49.00  ? 22   GLY A C   1 
ATOM   151  O O   . GLY A 1 22  ? 2.822   -9.514  0.407   1.00 44.31  ? 22   GLY A O   1 
ATOM   152  N N   . GLY A 1 23  ? 2.555   -8.599  -1.593  1.00 50.09  ? 23   GLY A N   1 
ATOM   153  C CA  . GLY A 1 23  ? 1.138   -8.410  -1.481  1.00 49.43  ? 23   GLY A CA  1 
ATOM   154  C C   . GLY A 1 23  ? 0.428   -7.603  -2.535  1.00 43.79  ? 23   GLY A C   1 
ATOM   155  O O   . GLY A 1 23  ? 0.627   -7.808  -3.737  1.00 43.07  ? 23   GLY A O   1 
ATOM   156  N N   . PHE A 1 24  ? -0.495  -6.685  -2.153  1.00 43.67  ? 24   PHE A N   1 
ATOM   157  C CA  . PHE A 1 24  ? -1.258  -5.978  -3.183  1.00 37.94  ? 24   PHE A CA  1 
ATOM   158  C C   . PHE A 1 24  ? -1.760  -4.621  -2.708  1.00 36.53  ? 24   PHE A C   1 
ATOM   159  O O   . PHE A 1 24  ? -1.770  -4.311  -1.543  1.00 37.11  ? 24   PHE A O   1 
ATOM   160  C CB  . PHE A 1 24  ? -2.497  -6.817  -3.644  1.00 47.65  ? 24   PHE A CB  1 
ATOM   161  C CG  . PHE A 1 24  ? -3.578  -6.992  -2.607  1.00 47.38  ? 24   PHE A CG  1 
ATOM   162  C CD1 . PHE A 1 24  ? -3.524  -8.065  -1.716  1.00 51.83  ? 24   PHE A CD1 1 
ATOM   163  C CD2 . PHE A 1 24  ? -4.659  -6.120  -2.524  1.00 51.92  ? 24   PHE A CD2 1 
ATOM   164  C CE1 . PHE A 1 24  ? -4.534  -8.256  -0.758  1.00 51.46  ? 24   PHE A CE1 1 
ATOM   165  C CE2 . PHE A 1 24  ? -5.667  -6.298  -1.585  1.00 51.43  ? 24   PHE A CE2 1 
ATOM   166  C CZ  . PHE A 1 24  ? -5.597  -7.371  -0.685  1.00 52.86  ? 24   PHE A CZ  1 
ATOM   167  N N   . ASN A 1 25  ? -2.296  -3.835  -3.656  1.00 36.81  ? 25   ASN A N   1 
ATOM   168  C CA  . ASN A 1 25  ? -2.821  -2.527  -3.345  1.00 38.26  ? 25   ASN A CA  1 
ATOM   169  C C   . ASN A 1 25  ? -4.056  -2.336  -4.236  1.00 36.35  ? 25   ASN A C   1 
ATOM   170  O O   . ASN A 1 25  ? -4.003  -2.891  -5.341  1.00 38.48  ? 25   ASN A O   1 
ATOM   171  C CB  . ASN A 1 25  ? -1.808  -1.411  -3.706  1.00 39.39  ? 25   ASN A CB  1 
ATOM   172  C CG  . ASN A 1 25  ? -2.399  0.000   -3.607  1.00 32.36  ? 25   ASN A CG  1 
ATOM   173  O OD1 . ASN A 1 25  ? -2.713  0.520   -4.699  1.00 37.57  ? 25   ASN A OD1 1 
ATOM   174  N ND2 . ASN A 1 25  ? -2.475  0.544   -2.391  1.00 34.26  ? 25   ASN A ND2 1 
ATOM   175  N N   . LEU A 1 26  ? -5.007  -1.580  -3.741  1.00 34.85  ? 26   LEU A N   1 
ATOM   176  C CA  . LEU A 1 26  ? -6.171  -1.224  -4.491  1.00 37.59  ? 26   LEU A CA  1 
ATOM   177  C C   . LEU A 1 26  ? -6.299  0.300   -4.283  1.00 37.64  ? 26   LEU A C   1 
ATOM   178  O O   . LEU A 1 26  ? -6.163  0.658   -3.122  1.00 35.27  ? 26   LEU A O   1 
ATOM   179  C CB  . LEU A 1 26  ? -7.523  -1.778  -3.832  1.00 38.79  ? 26   LEU A CB  1 
ATOM   180  C CG  . LEU A 1 26  ? -7.493  -3.323  -3.804  1.00 52.73  ? 26   LEU A CG  1 
ATOM   181  C CD1 . LEU A 1 26  ? -8.719  -3.915  -3.097  1.00 59.52  ? 26   LEU A CD1 1 
ATOM   182  C CD2 . LEU A 1 26  ? -7.448  -3.837  -5.254  1.00 55.86  ? 26   LEU A CD2 1 
ATOM   183  N N   . LYS A 1 27  ? -6.737  1.038   -5.308  1.00 35.02  ? 27   LYS A N   1 
ATOM   184  C CA  . LYS A 1 27  ? -7.000  2.439   -5.031  1.00 36.49  ? 27   LYS A CA  1 
ATOM   185  C C   . LYS A 1 27  ? -8.319  2.774   -5.740  1.00 34.30  ? 27   LYS A C   1 
ATOM   186  O O   . LYS A 1 27  ? -8.627  2.201   -6.805  1.00 35.51  ? 27   LYS A O   1 
ATOM   187  C CB  . LYS A 1 27  ? -5.872  3.406   -5.544  1.00 34.11  ? 27   LYS A CB  1 
ATOM   188  C CG  . LYS A 1 27  ? -4.478  3.125   -4.813  1.00 31.16  ? 27   LYS A CG  1 
ATOM   189  C CD  . LYS A 1 27  ? -3.591  4.403   -5.062  1.00 36.52  ? 27   LYS A CD  1 
ATOM   190  C CE  . LYS A 1 27  ? -2.193  4.213   -4.400  1.00 33.99  ? 27   LYS A CE  1 
ATOM   191  N NZ  . LYS A 1 27  ? -1.483  3.159   -5.227  1.00 33.31  ? 27   LYS A NZ  1 
ATOM   192  N N   . TYR A 1 28  ? -9.047  3.715   -5.200  1.00 40.30  ? 28   TYR A N   1 
ATOM   193  C CA  . TYR A 1 28  ? -10.288 4.266   -5.721  1.00 38.54  ? 28   TYR A CA  1 
ATOM   194  C C   . TYR A 1 28  ? -10.102 5.800   -5.701  1.00 34.39  ? 28   TYR A C   1 
ATOM   195  O O   . TYR A 1 28  ? -9.923  6.430   -4.661  1.00 36.79  ? 28   TYR A O   1 
ATOM   196  C CB  . TYR A 1 28  ? -11.580 3.965   -4.831  1.00 40.27  ? 28   TYR A CB  1 
ATOM   197  C CG  . TYR A 1 28  ? -11.666 2.427   -4.667  1.00 57.56  ? 28   TYR A CG  1 
ATOM   198  C CD1 . TYR A 1 28  ? -10.899 1.774   -3.712  1.00 69.11  ? 28   TYR A CD1 1 
ATOM   199  C CD2 . TYR A 1 28  ? -12.434 1.642   -5.503  1.00 67.71  ? 28   TYR A CD2 1 
ATOM   200  C CE1 . TYR A 1 28  ? -10.916 0.401   -3.574  1.00 74.91  ? 28   TYR A CE1 1 
ATOM   201  C CE2 . TYR A 1 28  ? -12.471 0.257   -5.388  1.00 71.36  ? 28   TYR A CE2 1 
ATOM   202  C CZ  . TYR A 1 28  ? -11.721 -0.352  -4.410  1.00 75.03  ? 28   TYR A CZ  1 
ATOM   203  O OH  . TYR A 1 28  ? -11.735 -1.721  -4.265  1.00 81.19  ? 28   TYR A OH  1 
ATOM   204  N N   . ARG A 1 29  ? -10.228 6.342   -6.910  1.00 33.76  ? 29   ARG A N   1 
ATOM   205  C CA  . ARG A 1 29  ? -10.087 7.807   -7.052  1.00 31.45  ? 29   ARG A CA  1 
ATOM   206  C C   . ARG A 1 29  ? -11.378 8.335   -7.658  1.00 35.63  ? 29   ARG A C   1 
ATOM   207  O O   . ARG A 1 29  ? -11.971 7.670   -8.518  1.00 39.93  ? 29   ARG A O   1 
ATOM   208  C CB  . ARG A 1 29  ? -9.014  7.985   -8.165  1.00 32.77  ? 29   ARG A CB  1 
ATOM   209  C CG  . ARG A 1 29  ? -8.685  9.431   -8.490  1.00 33.74  ? 29   ARG A CG  1 
ATOM   210  C CD  . ARG A 1 29  ? -7.620  9.514   -9.597  1.00 37.90  ? 29   ARG A CD  1 
ATOM   211  N NE  . ARG A 1 29  ? -7.453  10.908  -10.075 1.00 35.41  ? 29   ARG A NE  1 
ATOM   212  C CZ  . ARG A 1 29  ? -6.704  11.232  -11.137 1.00 35.69  ? 29   ARG A CZ  1 
ATOM   213  N NH1 . ARG A 1 29  ? -5.996  10.311  -11.806 1.00 30.95  ? 29   ARG A NH1 1 
ATOM   214  N NH2 . ARG A 1 29  ? -6.704  12.498  -11.487 1.00 31.91  ? 29   ARG A NH2 1 
ATOM   215  N N   . TYR A 1 30  ? -11.704 9.554   -7.352  1.00 37.82  ? 30   TYR A N   1 
ATOM   216  C CA  . TYR A 1 30  ? -12.868 10.207  -7.920  1.00 38.18  ? 30   TYR A CA  1 
ATOM   217  C C   . TYR A 1 30  ? -12.489 11.563  -8.479  1.00 37.73  ? 30   TYR A C   1 
ATOM   218  O O   . TYR A 1 30  ? -11.693 12.214  -7.823  1.00 32.05  ? 30   TYR A O   1 
ATOM   219  C CB  . TYR A 1 30  ? -13.859 10.523  -6.738  1.00 41.48  ? 30   TYR A CB  1 
ATOM   220  C CG  . TYR A 1 30  ? -15.228 10.819  -7.327  1.00 54.12  ? 30   TYR A CG  1 
ATOM   221  C CD1 . TYR A 1 30  ? -15.955 9.743   -7.849  1.00 64.00  ? 30   TYR A CD1 1 
ATOM   222  C CD2 . TYR A 1 30  ? -15.791 12.073  -7.391  1.00 65.96  ? 30   TYR A CD2 1 
ATOM   223  C CE1 . TYR A 1 30  ? -17.212 9.942   -8.375  1.00 68.95  ? 30   TYR A CE1 1 
ATOM   224  C CE2 . TYR A 1 30  ? -17.057 12.307  -7.925  1.00 67.07  ? 30   TYR A CE2 1 
ATOM   225  C CZ  . TYR A 1 30  ? -17.747 11.206  -8.400  1.00 70.30  ? 30   TYR A CZ  1 
ATOM   226  O OH  . TYR A 1 30  ? -19.002 11.363  -8.969  1.00 83.47  ? 30   TYR A OH  1 
ATOM   227  N N   . GLU A 1 31  ? -13.026 11.956  -9.661  1.00 35.46  ? 31   GLU A N   1 
ATOM   228  C CA  . GLU A 1 31  ? -12.705 13.263  -10.204 1.00 37.64  ? 31   GLU A CA  1 
ATOM   229  C C   . GLU A 1 31  ? -14.020 13.942  -10.651 1.00 43.44  ? 31   GLU A C   1 
ATOM   230  O O   . GLU A 1 31  ? -14.957 13.214  -11.009 1.00 38.13  ? 31   GLU A O   1 
ATOM   231  C CB  . GLU A 1 31  ? -11.925 13.112  -11.567 1.00 33.29  ? 31   GLU A CB  1 
ATOM   232  C CG  . GLU A 1 31  ? -10.659 12.217  -11.443 1.00 42.60  ? 31   GLU A CG  1 
ATOM   233  C CD  . GLU A 1 31  ? -9.971  12.218  -12.839 1.00 50.08  ? 31   GLU A CD  1 
ATOM   234  O OE1 . GLU A 1 31  ? -9.803  13.353  -13.347 1.00 48.54  ? 31   GLU A OE1 1 
ATOM   235  O OE2 . GLU A 1 31  ? -9.635  11.128  -13.347 1.00 40.95  ? 31   GLU A OE2 1 
ATOM   236  N N   . GLU A 1 32  ? -14.048 15.242  -10.689 1.00 40.62  ? 32   GLU A N   1 
ATOM   237  C CA  . GLU A 1 32  ? -15.168 16.010  -11.195 1.00 48.29  ? 32   GLU A CA  1 
ATOM   238  C C   . GLU A 1 32  ? -14.837 16.280  -12.687 1.00 40.08  ? 32   GLU A C   1 
ATOM   239  O O   . GLU A 1 32  ? -13.636 16.294  -13.002 1.00 38.07  ? 32   GLU A O   1 
ATOM   240  C CB  . GLU A 1 32  ? -15.287 17.430  -10.603 1.00 47.64  ? 32   GLU A CB  1 
ATOM   241  C CG  . GLU A 1 32  ? -15.520 17.457  -9.120  1.00 49.58  ? 32   GLU A CG  1 
ATOM   242  C CD  . GLU A 1 32  ? -15.785 18.931  -8.737  1.00 47.05  ? 32   GLU A CD  1 
ATOM   243  O OE1 . GLU A 1 32  ? -16.604 19.600  -9.368  1.00 41.61  ? 32   GLU A OE1 1 
ATOM   244  O OE2 . GLU A 1 32  ? -15.145 19.386  -7.787  1.00 38.26  ? 32   GLU A OE2 1 
ATOM   245  N N   . ASP A 1 33  ? -15.877 16.538  -13.485 1.00 39.16  ? 33   ASP A N   1 
ATOM   246  C CA  . ASP A 1 33  ? -15.597 16.814  -14.888 1.00 38.81  ? 33   ASP A CA  1 
ATOM   247  C C   . ASP A 1 33  ? -15.069 18.215  -15.031 1.00 44.66  ? 33   ASP A C   1 
ATOM   248  O O   . ASP A 1 33  ? -14.430 18.473  -16.054 1.00 43.03  ? 33   ASP A O   1 
ATOM   249  C CB  . ASP A 1 33  ? -16.818 16.645  -15.830 1.00 45.85  ? 33   ASP A CB  1 
ATOM   250  C CG  . ASP A 1 33  ? -17.297 15.200  -15.854 1.00 55.80  ? 33   ASP A CG  1 
ATOM   251  O OD1 . ASP A 1 33  ? -16.480 14.295  -15.529 1.00 44.54  ? 33   ASP A OD1 1 
ATOM   252  O OD2 . ASP A 1 33  ? -18.479 14.935  -16.151 1.00 52.30  ? 33   ASP A OD2 1 
ATOM   253  N N   . ASN A 1 34  ? -15.257 19.089  -14.021 1.00 44.18  ? 34   ASN A N   1 
ATOM   254  C CA  . ASN A 1 34  ? -14.837 20.481  -14.285 1.00 42.39  ? 34   ASN A CA  1 
ATOM   255  C C   . ASN A 1 34  ? -13.998 21.041  -13.183 1.00 39.53  ? 34   ASN A C   1 
ATOM   256  O O   . ASN A 1 34  ? -14.080 22.215  -12.781 1.00 36.42  ? 34   ASN A O   1 
ATOM   257  C CB  . ASN A 1 34  ? -16.117 21.325  -14.664 1.00 43.09  ? 34   ASN A CB  1 
ATOM   258  C CG  . ASN A 1 34  ? -17.309 20.931  -13.769 1.00 42.78  ? 34   ASN A CG  1 
ATOM   259  O OD1 . ASN A 1 34  ? -18.455 20.807  -14.255 1.00 40.15  ? 34   ASN A OD1 1 
ATOM   260  N ND2 . ASN A 1 34  ? -17.053 20.767  -12.464 1.00 32.10  ? 34   ASN A ND2 1 
ATOM   261  N N   . SER A 1 35  ? -13.131 20.226  -12.593 1.00 35.44  ? 35   SER A N   1 
ATOM   262  C CA  . SER A 1 35  ? -12.147 20.650  -11.654 1.00 37.18  ? 35   SER A CA  1 
ATOM   263  C C   . SER A 1 35  ? -11.013 19.622  -11.761 1.00 40.03  ? 35   SER A C   1 
ATOM   264  O O   . SER A 1 35  ? -11.284 18.468  -11.890 1.00 38.54  ? 35   SER A O   1 
ATOM   265  C CB  . SER A 1 35  ? -12.631 20.655  -10.162 1.00 36.56  ? 35   SER A CB  1 
ATOM   266  O OG  . SER A 1 35  ? -11.517 20.894  -9.289  1.00 39.82  ? 35   SER A OG  1 
ATOM   267  N N   . PRO A 1 36  ? -9.771  20.070  -11.676 1.00 37.64  ? 36   PRO A N   1 
ATOM   268  C CA  . PRO A 1 36  ? -8.652  19.168  -11.735 1.00 39.37  ? 36   PRO A CA  1 
ATOM   269  C C   . PRO A 1 36  ? -8.384  18.510  -10.363 1.00 37.08  ? 36   PRO A C   1 
ATOM   270  O O   . PRO A 1 36  ? -7.535  17.630  -10.259 1.00 39.80  ? 36   PRO A O   1 
ATOM   271  C CB  . PRO A 1 36  ? -7.491  20.119  -12.094 1.00 44.39  ? 36   PRO A CB  1 
ATOM   272  C CG  . PRO A 1 36  ? -7.879  21.414  -11.385 1.00 45.75  ? 36   PRO A CG  1 
ATOM   273  C CD  . PRO A 1 36  ? -9.396  21.522  -11.588 1.00 40.18  ? 36   PRO A CD  1 
ATOM   274  N N   . LEU A 1 37  ? -9.013  18.933  -9.281  1.00 33.85  ? 37   LEU A N   1 
ATOM   275  C CA  . LEU A 1 37  ? -8.736  18.403  -7.934  1.00 42.00  ? 37   LEU A CA  1 
ATOM   276  C C   . LEU A 1 37  ? -9.792  17.345  -7.559  1.00 38.11  ? 37   LEU A C   1 
ATOM   277  O O   . LEU A 1 37  ? -10.974 17.596  -7.758  1.00 37.79  ? 37   LEU A O   1 
ATOM   278  C CB  . LEU A 1 37  ? -8.826  19.486  -6.866  1.00 41.60  ? 37   LEU A CB  1 
ATOM   279  C CG  . LEU A 1 37  ? -8.599  19.176  -5.406  1.00 38.53  ? 37   LEU A CG  1 
ATOM   280  C CD1 . LEU A 1 37  ? -7.145  18.781  -5.119  1.00 40.66  ? 37   LEU A CD1 1 
ATOM   281  C CD2 . LEU A 1 37  ? -8.969  20.392  -4.494  1.00 44.78  ? 37   LEU A CD2 1 
ATOM   282  N N   . GLY A 1 38  ? -9.336  16.225  -7.069  1.00 32.48  ? 38   GLY A N   1 
ATOM   283  C CA  . GLY A 1 38  ? -10.199 15.132  -6.649  1.00 37.51  ? 38   GLY A CA  1 
ATOM   284  C C   . GLY A 1 38  ? -9.570  14.425  -5.464  1.00 36.86  ? 38   GLY A C   1 
ATOM   285  O O   . GLY A 1 38  ? -8.747  15.013  -4.755  1.00 33.89  ? 38   GLY A O   1 
ATOM   286  N N   . VAL A 1 39  ? -10.082 13.215  -5.175  1.00 33.15  ? 39   VAL A N   1 
ATOM   287  C CA  . VAL A 1 39  ? -9.571  12.493  -3.993  1.00 32.05  ? 39   VAL A CA  1 
ATOM   288  C C   . VAL A 1 39  ? -9.284  11.040  -4.388  1.00 29.25  ? 39   VAL A C   1 
ATOM   289  O O   . VAL A 1 39  ? -9.842  10.496  -5.343  1.00 35.32  ? 39   VAL A O   1 
ATOM   290  C CB  . VAL A 1 39  ? -10.631 12.522  -2.874  1.00 43.68  ? 39   VAL A CB  1 
ATOM   291  C CG1 . VAL A 1 39  ? -10.996 13.937  -2.372  1.00 34.48  ? 39   VAL A CG1 1 
ATOM   292  C CG2 . VAL A 1 39  ? -11.930 11.858  -3.375  1.00 42.80  ? 39   VAL A CG2 1 
ATOM   293  N N   . ILE A 1 40  ? -8.456  10.357  -3.616  1.00 35.30  ? 40   ILE A N   1 
ATOM   294  C CA  . ILE A 1 40  ? -8.077  8.984   -3.914  1.00 37.80  ? 40   ILE A CA  1 
ATOM   295  C C   . ILE A 1 40  ? -7.910  8.271   -2.556  1.00 38.52  ? 40   ILE A C   1 
ATOM   296  O O   . ILE A 1 40  ? -7.544  8.943   -1.616  1.00 34.90  ? 40   ILE A O   1 
ATOM   297  C CB  . ILE A 1 40  ? -6.805  8.921   -4.787  1.00 35.34  ? 40   ILE A CB  1 
ATOM   298  C CG1 . ILE A 1 40  ? -6.458  7.507   -5.190  1.00 35.14  ? 40   ILE A CG1 1 
ATOM   299  C CG2 . ILE A 1 40  ? -5.617  9.559   -3.949  1.00 33.00  ? 40   ILE A CG2 1 
ATOM   300  C CD1 . ILE A 1 40  ? -5.428  7.420   -6.409  1.00 33.87  ? 40   ILE A CD1 1 
ATOM   301  N N   . GLY A 1 41  ? -8.455  7.053   -2.440  1.00 38.48  ? 41   GLY A N   1 
ATOM   302  C CA  . GLY A 1 41  ? -8.258  6.302   -1.158  1.00 39.21  ? 41   GLY A CA  1 
ATOM   303  C C   . GLY A 1 41  ? -7.452  5.056   -1.551  1.00 37.97  ? 41   GLY A C   1 
ATOM   304  O O   . GLY A 1 41  ? -7.540  4.552   -2.670  1.00 34.90  ? 41   GLY A O   1 
ATOM   305  N N   . SER A 1 42  ? -6.655  4.507   -0.640  1.00 37.53  ? 42   SER A N   1 
ATOM   306  C CA  . SER A 1 42  ? -5.740  3.439   -0.978  1.00 35.83  ? 42   SER A CA  1 
ATOM   307  C C   . SER A 1 42  ? -5.834  2.336   0.101   1.00 39.45  ? 42   SER A C   1 
ATOM   308  O O   . SER A 1 42  ? -5.767  2.718   1.273   1.00 36.07  ? 42   SER A O   1 
ATOM   309  C CB  . SER A 1 42  ? -4.271  4.019   -1.005  1.00 30.39  ? 42   SER A CB  1 
ATOM   310  O OG  . SER A 1 42  ? -3.333  2.966   -1.216  1.00 38.90  ? 42   SER A OG  1 
ATOM   311  N N   . PHE A 1 43  ? -5.680  1.101   -0.327  1.00 41.33  ? 43   PHE A N   1 
ATOM   312  C CA  . PHE A 1 43  ? -5.665  -0.017  0.642   1.00 38.33  ? 43   PHE A CA  1 
ATOM   313  C C   . PHE A 1 43  ? -4.508  -0.896  0.281   1.00 35.42  ? 43   PHE A C   1 
ATOM   314  O O   . PHE A 1 43  ? -4.436  -1.399  -0.825  1.00 36.21  ? 43   PHE A O   1 
ATOM   315  C CB  . PHE A 1 43  ? -6.973  -0.870  0.567   1.00 40.72  ? 43   PHE A CB  1 
ATOM   316  C CG  . PHE A 1 43  ? -6.838  -2.054  1.527   1.00 43.56  ? 43   PHE A CG  1 
ATOM   317  C CD1 . PHE A 1 43  ? -7.111  -1.890  2.872   1.00 45.27  ? 43   PHE A CD1 1 
ATOM   318  C CD2 . PHE A 1 43  ? -6.412  -3.273  1.051   1.00 45.62  ? 43   PHE A CD2 1 
ATOM   319  C CE1 . PHE A 1 43  ? -7.031  -3.000  3.734   1.00 56.95  ? 43   PHE A CE1 1 
ATOM   320  C CE2 . PHE A 1 43  ? -6.366  -4.387  1.899   1.00 52.85  ? 43   PHE A CE2 1 
ATOM   321  C CZ  . PHE A 1 43  ? -6.640  -4.250  3.240   1.00 46.46  ? 43   PHE A CZ  1 
ATOM   322  N N   . THR A 1 44  ? -3.575  -1.064  1.235   1.00 31.18  ? 44   THR A N   1 
ATOM   323  C CA  . THR A 1 44  ? -2.438  -1.867  0.836   1.00 30.96  ? 44   THR A CA  1 
ATOM   324  C C   . THR A 1 44  ? -2.325  -3.014  1.879   1.00 37.51  ? 44   THR A C   1 
ATOM   325  O O   . THR A 1 44  ? -2.568  -2.746  3.031   1.00 40.58  ? 44   THR A O   1 
ATOM   326  C CB  . THR A 1 44  ? -1.158  -0.997  0.970   1.00 38.07  ? 44   THR A CB  1 
ATOM   327  O OG1 . THR A 1 44  ? -1.177  0.007   -0.015  1.00 37.60  ? 44   THR A OG1 1 
ATOM   328  C CG2 . THR A 1 44  ? 0.114   -1.856  0.751   1.00 40.34  ? 44   THR A CG2 1 
ATOM   329  N N   . TYR A 1 45  ? -1.916  -4.172  1.437   1.00 38.66  ? 45   TYR A N   1 
ATOM   330  C CA  . TYR A 1 45  ? -1.748  -5.305  2.341   1.00 43.98  ? 45   TYR A CA  1 
ATOM   331  C C   . TYR A 1 45  ? -0.540  -6.108  1.854   1.00 41.74  ? 45   TYR A C   1 
ATOM   332  O O   . TYR A 1 45  ? -0.550  -6.466  0.682   1.00 39.70  ? 45   TYR A O   1 
ATOM   333  C CB  . TYR A 1 45  ? -2.945  -6.306  2.180   1.00 40.31  ? 45   TYR A CB  1 
ATOM   334  C CG  . TYR A 1 45  ? -2.602  -7.604  2.942   1.00 46.59  ? 45   TYR A CG  1 
ATOM   335  C CD1 . TYR A 1 45  ? -2.580  -7.622  4.335   1.00 50.15  ? 45   TYR A CD1 1 
ATOM   336  C CD2 . TYR A 1 45  ? -2.347  -8.779  2.271   1.00 47.94  ? 45   TYR A CD2 1 
ATOM   337  C CE1 . TYR A 1 45  ? -2.370  -8.805  5.045   1.00 53.85  ? 45   TYR A CE1 1 
ATOM   338  C CE2 . TYR A 1 45  ? -2.090  -9.965  2.975   1.00 51.68  ? 45   TYR A CE2 1 
ATOM   339  C CZ  . TYR A 1 45  ? -2.091  -9.965  4.335   1.00 51.95  ? 45   TYR A CZ  1 
ATOM   340  O OH  . TYR A 1 45  ? -1.857  -11.139 5.018   1.00 56.78  ? 45   TYR A OH  1 
ATOM   341  N N   . THR A 1 46  ? 0.408   -6.363  2.718   1.00 36.29  ? 46   THR A N   1 
ATOM   342  C CA  . THR A 1 46  ? 1.528   -7.198  2.290   1.00 42.06  ? 46   THR A CA  1 
ATOM   343  C C   . THR A 1 46  ? 1.788   -8.230  3.431   1.00 47.89  ? 46   THR A C   1 
ATOM   344  O O   . THR A 1 46  ? 1.468   -8.004  4.620   1.00 40.12  ? 46   THR A O   1 
ATOM   345  C CB  . THR A 1 46  ? 2.879   -6.495  2.011   1.00 40.16  ? 46   THR A CB  1 
ATOM   346  O OG1 . THR A 1 46  ? 3.367   -5.891  3.224   1.00 40.42  ? 46   THR A OG1 1 
ATOM   347  C CG2 . THR A 1 46  ? 2.777   -5.409  0.939   1.00 44.11  ? 46   THR A CG2 1 
ATOM   348  N N   . GLU A 1 47  ? 2.507   -9.272  3.043   1.00 53.10  ? 47   GLU A N   1 
ATOM   349  C CA  . GLU A 1 47  ? 2.820   -10.262 4.089   1.00 47.11  ? 47   GLU A CA  1 
ATOM   350  C C   . GLU A 1 47  ? 4.022   -11.095 3.762   1.00 49.59  ? 47   GLU A C   1 
ATOM   351  O O   . GLU A 1 47  ? 4.383   -11.271 2.602   1.00 49.51  ? 47   GLU A O   1 
ATOM   352  C CB  . GLU A 1 47  ? 1.615   -11.244 4.178   1.00 48.17  ? 47   GLU A CB  1 
ATOM   353  C CG  . GLU A 1 47  ? 1.205   -11.830 2.844   1.00 69.11  ? 47   GLU A CG  1 
ATOM   354  C CD  . GLU A 1 47  ? 0.508   -13.185 3.015   1.00 81.14  ? 47   GLU A CD  1 
ATOM   355  O OE1 . GLU A 1 47  ? -0.712  -13.296 3.276   1.00 75.20  ? 47   GLU A OE1 1 
ATOM   356  O OE2 . GLU A 1 47  ? 1.281   -14.177 2.888   1.00 76.33  ? 47   GLU A OE2 1 
ATOM   357  N N   . LYS A 1 48  ? 4.512   -11.782 4.817   1.00 56.58  ? 48   LYS A N   1 
ATOM   358  C CA  . LYS A 1 48  ? 5.545   -12.773 4.650   1.00 58.21  ? 48   LYS A CA  1 
ATOM   359  C C   . LYS A 1 48  ? 5.563   -13.780 5.835   1.00 56.79  ? 48   LYS A C   1 
ATOM   360  O O   . LYS A 1 48  ? 5.359   -13.400 6.987   1.00 51.42  ? 48   LYS A O   1 
ATOM   361  C CB  . LYS A 1 48  ? 6.966   -12.220 4.477   1.00 63.55  ? 48   LYS A CB  1 
ATOM   362  C CG  . LYS A 1 48  ? 7.876   -13.366 3.987   1.00 68.71  ? 48   LYS A CG  1 
ATOM   363  C CD  . LYS A 1 48  ? 9.287   -12.908 3.701   1.00 79.49  ? 48   LYS A CD  1 
ATOM   364  C CE  . LYS A 1 48  ? 9.920   -12.261 4.912   1.00 87.81  ? 48   LYS A CE  1 
ATOM   365  N NZ  . LYS A 1 48  ? 11.360  -11.923 4.749   1.00 91.89  ? 48   LYS A NZ  1 
ATOM   366  N N   . SER A 1 49  ? 5.761   -15.035 5.489   1.00 57.50  ? 49   SER A N   1 
ATOM   367  C CA  . SER A 1 49  ? 5.864   -16.165 6.417   1.00 65.30  ? 49   SER A CA  1 
ATOM   368  C C   . SER A 1 49  ? 7.163   -16.961 6.238   1.00 68.88  ? 49   SER A C   1 
ATOM   369  O O   . SER A 1 49  ? 7.434   -17.312 5.080   1.00 63.61  ? 49   SER A O   1 
ATOM   370  C CB  . SER A 1 49  ? 4.766   -17.208 6.126   1.00 53.35  ? 49   SER A CB  1 
ATOM   371  O OG  . SER A 1 49  ? 3.580   -16.744 6.736   1.00 72.88  ? 49   SER A OG  1 
ATOM   372  N N   . ARG A 1 50  ? 7.867   -17.213 7.325   1.00 71.80  ? 50   ARG A N   1 
ATOM   373  C CA  . ARG A 1 50  ? 9.105   -17.986 7.320   1.00 79.05  ? 50   ARG A CA  1 
ATOM   374  C C   . ARG A 1 50  ? 8.978   -19.187 8.274   1.00 87.02  ? 50   ARG A C   1 
ATOM   375  O O   . ARG A 1 50  ? 8.670   -19.088 9.470   1.00 81.72  ? 50   ARG A O   1 
ATOM   376  C CB  . ARG A 1 50  ? 10.329  -17.140 7.468   1.00 75.29  ? 50   ARG A CB  1 
ATOM   377  C CG  . ARG A 1 50  ? 10.360  -15.777 8.074   1.00 84.11  ? 50   ARG A CG  1 
ATOM   378  C CD  . ARG A 1 50  ? 9.956   -14.559 7.271   1.00 77.64  ? 50   ARG A CD  1 
ATOM   379  N NE  . ARG A 1 50  ? 10.133  -13.221 7.877   1.00 65.06  ? 50   ARG A NE  1 
ATOM   380  C CZ  . ARG A 1 50  ? 11.248  -12.775 8.419   1.00 41.88  ? 50   ARG A CZ  1 
ATOM   381  N NH1 . ARG A 1 50  ? 12.275  -13.675 8.441   1.00 73.37  ? 50   ARG A NH1 1 
ATOM   382  N NH2 . ARG A 1 50  ? 11.550  -11.704 9.037   1.00 44.49  ? 50   ARG A NH2 1 
ATOM   383  N N   . THR A 1 51  ? 8.973   -20.404 7.712   1.00 91.79  ? 51   THR A N   1 
ATOM   384  C CA  . THR A 1 51  ? 8.850   -21.655 8.443   1.00 99.83  ? 51   THR A CA  1 
ATOM   385  C C   . THR A 1 51  ? 10.176  -22.377 8.654   1.00 102.58 ? 51   THR A C   1 
ATOM   386  O O   . THR A 1 51  ? 11.224  -21.739 8.819   1.00 96.24  ? 51   THR A O   1 
ATOM   387  C CB  . THR A 1 51  ? 7.832   -22.625 7.815   1.00 102.07 ? 51   THR A CB  1 
ATOM   388  O OG1 . THR A 1 51  ? 7.734   -22.421 6.390   1.00 98.31  ? 51   THR A OG1 1 
ATOM   389  C CG2 . THR A 1 51  ? 6.470   -22.522 8.453   1.00 99.54  ? 51   THR A CG2 1 
ATOM   390  N N   . ALA A 1 52  ? 10.182  -23.719 8.678   1.00 112.18 ? 52   ALA A N   1 
ATOM   391  C CA  . ALA A 1 52  ? 11.434  -24.429 8.895   1.00 121.28 ? 52   ALA A CA  1 
ATOM   392  C C   . ALA A 1 52  ? 11.453  -25.951 8.951   1.00 125.21 ? 52   ALA A C   1 
ATOM   393  O O   . ALA A 1 52  ? 10.533  -26.726 8.739   1.00 124.43 ? 52   ALA A O   1 
ATOM   394  C CB  . ALA A 1 52  ? 12.015  -23.949 10.264  1.00 118.80 ? 52   ALA A CB  1 
ATOM   395  N N   . SER A 1 53  ? 12.677  -26.388 9.269   1.00 128.94 ? 53   SER A N   1 
ATOM   396  C CA  . SER A 1 53  ? 13.100  -27.765 9.475   1.00 129.15 ? 53   SER A CA  1 
ATOM   397  C C   . SER A 1 53  ? 13.087  -27.936 11.013  1.00 126.87 ? 53   SER A C   1 
ATOM   398  O O   . SER A 1 53  ? 12.546  -28.886 11.546  1.00 126.21 ? 53   SER A O   1 
ATOM   399  C CB  . SER A 1 53  ? 14.481  -28.033 8.900   1.00 131.15 ? 53   SER A CB  1 
ATOM   400  O OG  . SER A 1 53  ? 15.432  -27.055 9.310   1.00 130.20 ? 53   SER A OG  1 
ATOM   401  N N   . SER A 1 54  ? 13.613  -26.893 11.662  1.00 123.53 ? 54   SER A N   1 
ATOM   402  C CA  . SER A 1 54  ? 13.565  -26.803 13.124  1.00 121.25 ? 54   SER A CA  1 
ATOM   403  C C   . SER A 1 54  ? 12.085  -26.850 13.521  1.00 119.81 ? 54   SER A C   1 
ATOM   404  O O   . SER A 1 54  ? 11.563  -27.875 13.958  1.00 121.76 ? 54   SER A O   1 
ATOM   405  C CB  . SER A 1 54  ? 14.208  -25.513 13.613  1.00 119.78 ? 54   SER A CB  1 
ATOM   406  O OG  . SER A 1 54  ? 13.862  -25.199 14.955  1.00 113.45 ? 54   SER A OG  1 
ATOM   407  N N   . GLY A 1 55  ? 11.401  -25.722 13.326  1.00 115.68 ? 55   GLY A N   1 
ATOM   408  C CA  . GLY A 1 55  ? 9.970   -25.679 13.665  1.00 109.73 ? 55   GLY A CA  1 
ATOM   409  C C   . GLY A 1 55  ? 9.532   -24.231 13.878  1.00 100.48 ? 55   GLY A C   1 
ATOM   410  O O   . GLY A 1 55  ? 8.356   -23.932 13.720  1.00 98.15  ? 55   GLY A O   1 
ATOM   411  N N   . ASP A 1 56  ? 10.504  -23.392 14.230  1.00 97.54  ? 56   ASP A N   1 
ATOM   412  C CA  . ASP A 1 56  ? 10.242  -21.976 14.440  1.00 95.24  ? 56   ASP A CA  1 
ATOM   413  C C   . ASP A 1 56  ? 9.562   -21.375 13.204  1.00 91.27  ? 56   ASP A C   1 
ATOM   414  O O   . ASP A 1 56  ? 10.016  -21.568 12.087  1.00 92.16  ? 56   ASP A O   1 
ATOM   415  C CB  . ASP A 1 56  ? 11.494  -21.194 14.803  1.00 98.16  ? 56   ASP A CB  1 
ATOM   416  C CG  . ASP A 1 56  ? 11.810  -21.279 16.293  1.00 100.96 ? 56   ASP A CG  1 
ATOM   417  O OD1 . ASP A 1 56  ? 11.384  -22.265 16.931  1.00 92.39  ? 56   ASP A OD1 1 
ATOM   418  O OD2 . ASP A 1 56  ? 12.450  -20.336 16.823  1.00 99.50  ? 56   ASP A OD2 1 
ATOM   419  N N   . TYR A 1 57  ? 8.435   -20.746 13.447  1.00 84.59  ? 57   TYR A N   1 
ATOM   420  C CA  . TYR A 1 57  ? 7.594   -20.104 12.467  1.00 78.68  ? 57   TYR A CA  1 
ATOM   421  C C   . TYR A 1 57  ? 7.351   -18.637 12.851  1.00 78.26  ? 57   TYR A C   1 
ATOM   422  O O   . TYR A 1 57  ? 7.318   -18.263 14.040  1.00 66.95  ? 57   TYR A O   1 
ATOM   423  C CB  . TYR A 1 57  ? 6.285   -20.848 12.301  1.00 85.26  ? 57   TYR A CB  1 
ATOM   424  C CG  . TYR A 1 57  ? 5.114   -20.126 11.688  1.00 90.61  ? 57   TYR A CG  1 
ATOM   425  C CD1 . TYR A 1 57  ? 4.347   -19.238 12.440  1.00 91.82  ? 57   TYR A CD1 1 
ATOM   426  C CD2 . TYR A 1 57  ? 4.734   -20.347 10.368  1.00 90.78  ? 57   TYR A CD2 1 
ATOM   427  C CE1 . TYR A 1 57  ? 3.257   -18.590 11.897  1.00 95.55  ? 57   TYR A CE1 1 
ATOM   428  C CE2 . TYR A 1 57  ? 3.640   -19.717 9.815   1.00 94.22  ? 57   TYR A CE2 1 
ATOM   429  C CZ  . TYR A 1 57  ? 2.902   -18.830 10.584  1.00 97.85  ? 57   TYR A CZ  1 
ATOM   430  O OH  . TYR A 1 57  ? 1.808   -18.191 10.041  1.00 98.21  ? 57   TYR A OH  1 
ATOM   431  N N   . ASN A 1 58  ? 7.349   -17.794 11.805  1.00 67.23  ? 58   ASN A N   1 
ATOM   432  C CA  . ASN A 1 58  ? 7.047   -16.382 11.984  1.00 71.32  ? 58   ASN A CA  1 
ATOM   433  C C   . ASN A 1 58  ? 6.253   -15.835 10.793  1.00 66.07  ? 58   ASN A C   1 
ATOM   434  O O   . ASN A 1 58  ? 6.418   -16.278 9.660   1.00 64.40  ? 58   ASN A O   1 
ATOM   435  C CB  . ASN A 1 58  ? 8.080   -15.458 12.480  1.00 77.46  ? 58   ASN A CB  1 
ATOM   436  C CG  . ASN A 1 58  ? 9.520   -15.649 12.668  1.00 81.17  ? 58   ASN A CG  1 
ATOM   437  O OD1 . ASN A 1 58  ? 10.177  -14.777 13.284  1.00 86.73  ? 58   ASN A OD1 1 
ATOM   438  N ND2 . ASN A 1 58  ? 10.144  -16.737 12.225  1.00 88.96  ? 58   ASN A ND2 1 
ATOM   439  N N   . LYS A 1 59  ? 5.307   -14.965 11.125  1.00 63.25  ? 59   LYS A N   1 
ATOM   440  C CA  . LYS A 1 59  ? 4.443   -14.385 10.094  1.00 61.32  ? 59   LYS A CA  1 
ATOM   441  C C   . LYS A 1 59  ? 4.215   -12.895 10.396  1.00 64.28  ? 59   LYS A C   1 
ATOM   442  O O   . LYS A 1 59  ? 3.839   -12.566 11.495  1.00 59.85  ? 59   LYS A O   1 
ATOM   443  C CB  . LYS A 1 59  ? 3.121   -15.108 10.019  1.00 64.61  ? 59   LYS A CB  1 
ATOM   444  C CG  . LYS A 1 59  ? 2.167   -14.639 8.957   1.00 61.35  ? 59   LYS A CG  1 
ATOM   445  C CD  . LYS A 1 59  ? 0.823   -15.356 9.091   1.00 63.68  ? 59   LYS A CD  1 
ATOM   446  C CE  . LYS A 1 59  ? -0.015  -14.963 7.868   1.00 74.91  ? 59   LYS A CE  1 
ATOM   447  N NZ  . LYS A 1 59  ? -1.359  -15.582 7.943   1.00 78.70  ? 59   LYS A NZ  1 
ATOM   448  N N   . ASN A 1 60  ? 4.474   -12.100 9.370   1.00 59.05  ? 60   ASN A N   1 
ATOM   449  C CA  . ASN A 1 60  ? 4.368   -10.660 9.382   1.00 59.14  ? 60   ASN A CA  1 
ATOM   450  C C   . ASN A 1 60  ? 3.337   -10.198 8.330   1.00 57.75  ? 60   ASN A C   1 
ATOM   451  O O   . ASN A 1 60  ? 3.370   -10.608 7.171   1.00 50.84  ? 60   ASN A O   1 
ATOM   452  C CB  . ASN A 1 60  ? 5.670   -9.951  9.047   1.00 55.32  ? 60   ASN A CB  1 
ATOM   453  C CG  . ASN A 1 60  ? 6.889   -10.204 9.898   1.00 72.22  ? 60   ASN A CG  1 
ATOM   454  O OD1 . ASN A 1 60  ? 7.626   -11.196 9.751   1.00 80.21  ? 60   ASN A OD1 1 
ATOM   455  N ND2 . ASN A 1 60  ? 7.222   -9.264  10.783  1.00 72.77  ? 60   ASN A ND2 1 
ATOM   456  N N   . GLN A 1 61  ? 2.406   -9.380  8.802   1.00 54.45  ? 61   GLN A N   1 
ATOM   457  C CA  . GLN A 1 61  ? 1.406   -8.800  7.919   1.00 56.48  ? 61   GLN A CA  1 
ATOM   458  C C   . GLN A 1 61  ? 1.441   -7.270  8.056   1.00 49.35  ? 61   GLN A C   1 
ATOM   459  O O   . GLN A 1 61  ? 1.646   -6.798  9.174   1.00 49.70  ? 61   GLN A O   1 
ATOM   460  C CB  . GLN A 1 61  ? 0.020   -9.325  8.279   1.00 53.93  ? 61   GLN A CB  1 
ATOM   461  C CG  . GLN A 1 61  ? -0.140  -10.822 7.947   1.00 46.45  ? 61   GLN A CG  1 
ATOM   462  C CD  . GLN A 1 61  ? -1.473  -11.233 8.607   1.00 55.18  ? 61   GLN A CD  1 
ATOM   463  O OE1 . GLN A 1 61  ? -1.533  -11.119 9.836   1.00 61.05  ? 61   GLN A OE1 1 
ATOM   464  N NE2 . GLN A 1 61  ? -2.424  -11.639 7.818   1.00 46.29  ? 61   GLN A NE2 1 
ATOM   465  N N   . TYR A 1 62  ? 1.301   -6.579  6.938   1.00 48.51  ? 62   TYR A N   1 
ATOM   466  C CA  . TYR A 1 62  ? 1.270   -5.092  6.938   1.00 44.49  ? 62   TYR A CA  1 
ATOM   467  C C   . TYR A 1 62  ? 0.007   -4.578  6.236   1.00 40.32  ? 62   TYR A C   1 
ATOM   468  O O   . TYR A 1 62  ? -0.317  -5.088  5.143   1.00 41.84  ? 62   TYR A O   1 
ATOM   469  C CB  . TYR A 1 62  ? 2.527   -4.540  6.276   1.00 41.55  ? 62   TYR A CB  1 
ATOM   470  C CG  . TYR A 1 62  ? 2.455   -3.055  5.979   1.00 45.91  ? 62   TYR A CG  1 
ATOM   471  C CD1 . TYR A 1 62  ? 2.570   -2.124  7.011   1.00 44.06  ? 62   TYR A CD1 1 
ATOM   472  C CD2 . TYR A 1 62  ? 2.150   -2.631  4.699   1.00 46.05  ? 62   TYR A CD2 1 
ATOM   473  C CE1 . TYR A 1 62  ? 2.418   -0.768  6.763   1.00 46.33  ? 62   TYR A CE1 1 
ATOM   474  C CE2 . TYR A 1 62  ? 1.996   -1.266  4.451   1.00 46.98  ? 62   TYR A CE2 1 
ATOM   475  C CZ  . TYR A 1 62  ? 2.222   -0.369  5.442   1.00 47.70  ? 62   TYR A CZ  1 
ATOM   476  O OH  . TYR A 1 62  ? 2.052   0.978   5.179   1.00 52.12  ? 62   TYR A OH  1 
ATOM   477  N N   . TYR A 1 63  ? -0.721  -3.646  6.898   1.00 36.94  ? 63   TYR A N   1 
ATOM   478  C CA  . TYR A 1 63  ? -1.914  -3.090  6.270   1.00 44.07  ? 63   TYR A CA  1 
ATOM   479  C C   . TYR A 1 63  ? -1.686  -1.543  6.210   1.00 50.84  ? 63   TYR A C   1 
ATOM   480  O O   . TYR A 1 63  ? -1.238  -0.973  7.193   1.00 47.66  ? 63   TYR A O   1 
ATOM   481  C CB  . TYR A 1 63  ? -3.234  -3.237  7.039   1.00 45.95  ? 63   TYR A CB  1 
ATOM   482  C CG  . TYR A 1 63  ? -3.743  -4.669  7.161   1.00 50.60  ? 63   TYR A CG  1 
ATOM   483  C CD1 . TYR A 1 63  ? -3.064  -5.551  8.006   1.00 48.43  ? 63   TYR A CD1 1 
ATOM   484  C CD2 . TYR A 1 63  ? -4.813  -5.136  6.446   1.00 54.17  ? 63   TYR A CD2 1 
ATOM   485  C CE1 . TYR A 1 63  ? -3.483  -6.865  8.160   1.00 57.67  ? 63   TYR A CE1 1 
ATOM   486  C CE2 . TYR A 1 63  ? -5.262  -6.458  6.589   1.00 64.45  ? 63   TYR A CE2 1 
ATOM   487  C CZ  . TYR A 1 63  ? -4.589  -7.304  7.456   1.00 59.71  ? 63   TYR A CZ  1 
ATOM   488  O OH  . TYR A 1 63  ? -4.974  -8.613  7.613   1.00 67.13  ? 63   TYR A OH  1 
ATOM   489  N N   . GLY A 1 64  ? -2.048  -0.967  5.090   1.00 45.77  ? 64   GLY A N   1 
ATOM   490  C CA  . GLY A 1 64  ? -1.893  0.493   4.906   1.00 43.62  ? 64   GLY A CA  1 
ATOM   491  C C   . GLY A 1 64  ? -3.219  1.065   4.393   1.00 37.36  ? 64   GLY A C   1 
ATOM   492  O O   . GLY A 1 64  ? -3.702  0.604   3.353   1.00 43.97  ? 64   GLY A O   1 
ATOM   493  N N   . ILE A 1 65  ? -3.804  2.002   5.120   1.00 39.44  ? 65   ILE A N   1 
ATOM   494  C CA  . ILE A 1 65  ? -5.099  2.602   4.714   1.00 40.96  ? 65   ILE A CA  1 
ATOM   495  C C   . ILE A 1 65  ? -4.925  4.121   4.686   1.00 40.43  ? 65   ILE A C   1 
ATOM   496  O O   . ILE A 1 65  ? -4.648  4.759   5.686   1.00 39.93  ? 65   ILE A O   1 
ATOM   497  C CB  . ILE A 1 65  ? -6.228  2.227   5.706   1.00 44.56  ? 65   ILE A CB  1 
ATOM   498  C CG1 . ILE A 1 65  ? -6.418  0.702   5.702   1.00 48.86  ? 65   ILE A CG1 1 
ATOM   499  C CG2 . ILE A 1 65  ? -7.519  2.932   5.317   1.00 49.15  ? 65   ILE A CG2 1 
ATOM   500  C CD1 . ILE A 1 65  ? -7.564  0.205   6.603   1.00 69.62  ? 65   ILE A CD1 1 
ATOM   501  N N   . THR A 1 66  ? -4.955  4.667   3.456   1.00 41.88  ? 66   THR A N   1 
ATOM   502  C CA  . THR A 1 66  ? -4.579  6.062   3.308   1.00 39.68  ? 66   THR A CA  1 
ATOM   503  C C   . THR A 1 66  ? -5.546  6.775   2.397   1.00 38.18  ? 66   THR A C   1 
ATOM   504  O O   . THR A 1 66  ? -6.261  6.123   1.613   1.00 40.26  ? 66   THR A O   1 
ATOM   505  C CB  . THR A 1 66  ? -3.139  6.188   2.755   1.00 35.93  ? 66   THR A CB  1 
ATOM   506  O OG1 . THR A 1 66  ? -2.986  5.467   1.546   1.00 33.26  ? 66   THR A OG1 1 
ATOM   507  C CG2 . THR A 1 66  ? -2.064  5.727   3.701   1.00 32.13  ? 66   THR A CG2 1 
ATOM   508  N N   . ALA A 1 67  ? -5.523  8.102   2.441   1.00 35.26  ? 67   ALA A N   1 
ATOM   509  C CA  . ALA A 1 67  ? -6.383  8.832   1.486   1.00 34.69  ? 67   ALA A CA  1 
ATOM   510  C C   . ALA A 1 67  ? -5.838  10.262  1.342   1.00 38.35  ? 67   ALA A C   1 
ATOM   511  O O   . ALA A 1 67  ? -5.213  10.758  2.283   1.00 34.68  ? 67   ALA A O   1 
ATOM   512  C CB  . ALA A 1 67  ? -7.852  8.885   1.959   1.00 37.55  ? 67   ALA A CB  1 
ATOM   513  N N   . GLY A 1 68  ? -6.157  10.919  0.232   1.00 38.22  ? 68   GLY A N   1 
ATOM   514  C CA  . GLY A 1 68  ? -5.683  12.290  0.066   1.00 36.32  ? 68   GLY A CA  1 
ATOM   515  C C   . GLY A 1 68  ? -6.121  12.876  -1.265  1.00 34.39  ? 68   GLY A C   1 
ATOM   516  O O   . GLY A 1 68  ? -6.908  12.297  -2.013  1.00 33.96  ? 68   GLY A O   1 
ATOM   517  N N   . PRO A 1 69  ? -5.658  14.104  -1.542  1.00 39.52  ? 69   PRO A N   1 
ATOM   518  C CA  . PRO A 1 69  ? -5.966  14.782  -2.774  1.00 37.01  ? 69   PRO A CA  1 
ATOM   519  C C   . PRO A 1 69  ? -5.249  14.225  -3.992  1.00 37.05  ? 69   PRO A C   1 
ATOM   520  O O   . PRO A 1 69  ? -4.111  13.749  -3.949  1.00 37.57  ? 69   PRO A O   1 
ATOM   521  C CB  . PRO A 1 69  ? -5.466  16.232  -2.490  1.00 38.78  ? 69   PRO A CB  1 
ATOM   522  C CG  . PRO A 1 69  ? -4.283  15.988  -1.556  1.00 42.31  ? 69   PRO A CG  1 
ATOM   523  C CD  . PRO A 1 69  ? -4.711  14.869  -0.655  1.00 33.70  ? 69   PRO A CD  1 
ATOM   524  N N   . ALA A 1 70  ? -5.944  14.253  -5.121  1.00 35.67  ? 70   ALA A N   1 
ATOM   525  C CA  . ALA A 1 70  ? -5.350  13.841  -6.386  1.00 36.09  ? 70   ALA A CA  1 
ATOM   526  C C   . ALA A 1 70  ? -5.564  15.067  -7.336  1.00 40.11  ? 70   ALA A C   1 
ATOM   527  O O   . ALA A 1 70  ? -6.592  15.719  -7.367  1.00 37.86  ? 70   ALA A O   1 
ATOM   528  C CB  . ALA A 1 70  ? -5.843  12.604  -7.047  1.00 31.96  ? 70   ALA A CB  1 
ATOM   529  N N   . TYR A 1 71  ? -4.525  15.353  -8.090  1.00 39.11  ? 71   TYR A N   1 
ATOM   530  C CA  . TYR A 1 71  ? -4.592  16.511  -9.011  1.00 34.24  ? 71   TYR A CA  1 
ATOM   531  C C   . TYR A 1 71  ? -4.298  16.093  -10.422 1.00 36.12  ? 71   TYR A C   1 
ATOM   532  O O   . TYR A 1 71  ? -3.243  15.493  -10.691 1.00 35.63  ? 71   TYR A O   1 
ATOM   533  C CB  . TYR A 1 71  ? -3.586  17.569  -8.480  1.00 39.41  ? 71   TYR A CB  1 
ATOM   534  C CG  . TYR A 1 71  ? -3.661  18.876  -9.282  1.00 53.55  ? 71   TYR A CG  1 
ATOM   535  C CD1 . TYR A 1 71  ? -4.554  19.876  -8.921  1.00 53.79  ? 71   TYR A CD1 1 
ATOM   536  C CD2 . TYR A 1 71  ? -2.816  19.069  -10.359 1.00 52.30  ? 71   TYR A CD2 1 
ATOM   537  C CE1 . TYR A 1 71  ? -4.604  21.076  -9.642  1.00 56.77  ? 71   TYR A CE1 1 
ATOM   538  C CE2 . TYR A 1 71  ? -2.868  20.253  -11.097 1.00 67.43  ? 71   TYR A CE2 1 
ATOM   539  C CZ  . TYR A 1 71  ? -3.784  21.242  -10.724 1.00 57.82  ? 71   TYR A CZ  1 
ATOM   540  O OH  . TYR A 1 71  ? -3.776  22.380  -11.432 1.00 68.18  ? 71   TYR A OH  1 
ATOM   541  N N   . ARG A 1 72  ? -5.231  16.382  -11.338 1.00 33.15  ? 72   ARG A N   1 
ATOM   542  C CA  . ARG A 1 72  ? -5.034  16.000  -12.716 1.00 37.84  ? 72   ARG A CA  1 
ATOM   543  C C   . ARG A 1 72  ? -4.182  17.086  -13.397 1.00 39.56  ? 72   ARG A C   1 
ATOM   544  O O   . ARG A 1 72  ? -4.567  18.253  -13.330 1.00 35.31  ? 72   ARG A O   1 
ATOM   545  C CB  . ARG A 1 72  ? -6.367  15.858  -13.470 1.00 35.66  ? 72   ARG A CB  1 
ATOM   546  C CG  . ARG A 1 72  ? -6.097  15.614  -14.971 1.00 39.17  ? 72   ARG A CG  1 
ATOM   547  C CD  . ARG A 1 72  ? -7.400  15.050  -15.601 1.00 39.36  ? 72   ARG A CD  1 
ATOM   548  N NE  . ARG A 1 72  ? -7.637  13.662  -15.088 1.00 39.21  ? 72   ARG A NE  1 
ATOM   549  C CZ  . ARG A 1 72  ? -7.113  12.558  -15.531 1.00 39.61  ? 72   ARG A CZ  1 
ATOM   550  N NH1 . ARG A 1 72  ? -6.133  12.604  -16.449 1.00 35.43  ? 72   ARG A NH1 1 
ATOM   551  N NH2 . ARG A 1 72  ? -7.453  11.346  -15.058 1.00 34.74  ? 72   ARG A NH2 1 
ATOM   552  N N   . ILE A 1 73  ? -3.062  16.745  -13.928 1.00 38.66  ? 73   ILE A N   1 
ATOM   553  C CA  . ILE A 1 73  ? -2.164  17.689  -14.619 1.00 46.40  ? 73   ILE A CA  1 
ATOM   554  C C   . ILE A 1 73  ? -2.596  17.878  -16.063 1.00 49.15  ? 73   ILE A C   1 
ATOM   555  O O   . ILE A 1 73  ? -2.682  19.011  -16.529 1.00 45.35  ? 73   ILE A O   1 
ATOM   556  C CB  . ILE A 1 73  ? -0.713  17.123  -14.587 1.00 49.40  ? 73   ILE A CB  1 
ATOM   557  C CG1 . ILE A 1 73  ? -0.241  17.093  -13.134 1.00 44.56  ? 73   ILE A CG1 1 
ATOM   558  C CG2 . ILE A 1 73  ? 0.209   17.944  -15.495 1.00 49.29  ? 73   ILE A CG2 1 
ATOM   559  C CD1 . ILE A 1 73  ? 0.909   16.077  -12.962 1.00 46.45  ? 73   ILE A CD1 1 
ATOM   560  N N   . ASN A 1 74  ? -2.856  16.809  -16.805 1.00 42.23  ? 74   ASN A N   1 
ATOM   561  C CA  . ASN A 1 74  ? -3.310  16.947  -18.199 1.00 51.62  ? 74   ASN A CA  1 
ATOM   562  C C   . ASN A 1 74  ? -4.197  15.752  -18.476 1.00 51.62  ? 74   ASN A C   1 
ATOM   563  O O   . ASN A 1 74  ? -4.451  14.995  -17.478 1.00 38.64  ? 74   ASN A O   1 
ATOM   564  C CB  . ASN A 1 74  ? -2.146  17.097  -19.218 1.00 51.29  ? 74   ASN A CB  1 
ATOM   565  C CG  . ASN A 1 74  ? -1.037  16.101  -18.990 1.00 50.96  ? 74   ASN A CG  1 
ATOM   566  O OD1 . ASN A 1 74  ? -1.309  14.908  -18.760 1.00 40.71  ? 74   ASN A OD1 1 
ATOM   567  N ND2 . ASN A 1 74  ? 0.233   16.466  -19.020 1.00 49.45  ? 74   ASN A ND2 1 
ATOM   568  N N   . ASP A 1 75  ? -4.620  15.491  -19.718 1.00 41.96  ? 75   ASP A N   1 
ATOM   569  C CA  . ASP A 1 75  ? -5.414  14.310  -19.999 1.00 46.58  ? 75   ASP A CA  1 
ATOM   570  C C   . ASP A 1 75  ? -4.735  12.985  -19.745 1.00 41.09  ? 75   ASP A C   1 
ATOM   571  O O   . ASP A 1 75  ? -5.438  11.946  -19.756 1.00 44.12  ? 75   ASP A O   1 
ATOM   572  C CB  . ASP A 1 75  ? -5.837  14.246  -21.507 1.00 61.34  ? 75   ASP A CB  1 
ATOM   573  C CG  . ASP A 1 75  ? -6.818  15.362  -21.874 1.00 69.10  ? 75   ASP A CG  1 
ATOM   574  O OD1 . ASP A 1 75  ? -7.215  16.161  -21.001 1.00 64.03  ? 75   ASP A OD1 1 
ATOM   575  O OD2 . ASP A 1 75  ? -7.144  15.486  -23.086 1.00 74.58  ? 75   ASP A OD2 1 
ATOM   576  N N   . TRP A 1 76  ? -3.393  12.957  -19.569 1.00 39.20  ? 76   TRP A N   1 
ATOM   577  C CA  . TRP A 1 76  ? -2.833  11.622  -19.368 1.00 40.33  ? 76   TRP A CA  1 
ATOM   578  C C   . TRP A 1 76  ? -2.025  11.492  -18.099 1.00 38.34  ? 76   TRP A C   1 
ATOM   579  O O   . TRP A 1 76  ? -1.431  10.417  -17.927 1.00 40.23  ? 76   TRP A O   1 
ATOM   580  C CB  . TRP A 1 76  ? -1.980  11.294  -20.613 1.00 50.39  ? 76   TRP A CB  1 
ATOM   581  C CG  . TRP A 1 76  ? -0.952  12.340  -20.958 1.00 49.05  ? 76   TRP A CG  1 
ATOM   582  C CD1 . TRP A 1 76  ? -1.165  13.456  -21.759 1.00 53.95  ? 76   TRP A CD1 1 
ATOM   583  C CD2 . TRP A 1 76  ? 0.408   12.376  -20.561 1.00 48.88  ? 76   TRP A CD2 1 
ATOM   584  N NE1 . TRP A 1 76  ? 0.004   14.167  -21.856 1.00 51.89  ? 76   TRP A NE1 1 
ATOM   585  C CE2 . TRP A 1 76  ? 0.988   13.527  -21.149 1.00 50.60  ? 76   TRP A CE2 1 
ATOM   586  C CE3 . TRP A 1 76  ? 1.216   11.528  -19.778 1.00 44.33  ? 76   TRP A CE3 1 
ATOM   587  C CZ2 . TRP A 1 76  ? 2.335   13.876  -20.966 1.00 48.42  ? 76   TRP A CZ2 1 
ATOM   588  C CZ3 . TRP A 1 76  ? 2.547   11.880  -19.598 1.00 59.78  ? 76   TRP A CZ3 1 
ATOM   589  C CH2 . TRP A 1 76  ? 3.104   13.043  -20.189 1.00 52.46  ? 76   TRP A CH2 1 
ATOM   590  N N   . ALA A 1 77  ? -1.995  12.501  -17.254 1.00 39.26  ? 77   ALA A N   1 
ATOM   591  C CA  . ALA A 1 77  ? -1.135  12.397  -16.057 1.00 41.17  ? 77   ALA A CA  1 
ATOM   592  C C   . ALA A 1 77  ? -1.759  13.075  -14.865 1.00 40.70  ? 77   ALA A C   1 
ATOM   593  O O   . ALA A 1 77  ? -2.343  14.187  -14.947 1.00 40.02  ? 77   ALA A O   1 
ATOM   594  C CB  . ALA A 1 77  ? 0.233   13.121  -16.354 1.00 41.35  ? 77   ALA A CB  1 
ATOM   595  N N   . SER A 1 78  ? -1.606  12.473  -13.677 1.00 36.54  ? 78   SER A N   1 
ATOM   596  C CA  . SER A 1 78  ? -2.131  13.051  -12.437 1.00 38.21  ? 78   SER A CA  1 
ATOM   597  C C   . SER A 1 78  ? -1.178  12.684  -11.316 1.00 35.01  ? 78   SER A C   1 
ATOM   598  O O   . SER A 1 78  ? -0.513  11.665  -11.398 1.00 37.83  ? 78   SER A O   1 
ATOM   599  C CB  . SER A 1 78  ? -3.509  12.402  -12.067 1.00 43.07  ? 78   SER A CB  1 
ATOM   600  O OG  . SER A 1 78  ? -4.486  12.764  -13.015 1.00 40.52  ? 78   SER A OG  1 
ATOM   601  N N   . ILE A 1 79  ? -1.151  13.463  -10.237 1.00 31.80  ? 79   ILE A N   1 
ATOM   602  C CA  . ILE A 1 79  ? -0.304  13.165  -9.113  1.00 38.10  ? 79   ILE A CA  1 
ATOM   603  C C   . ILE A 1 79  ? -1.152  13.229  -7.824  1.00 37.29  ? 79   ILE A C   1 
ATOM   604  O O   . ILE A 1 79  ? -2.144  13.932  -7.799  1.00 36.66  ? 79   ILE A O   1 
ATOM   605  C CB  . ILE A 1 79  ? 0.886   14.146  -8.995  1.00 40.14  ? 79   ILE A CB  1 
ATOM   606  C CG1 . ILE A 1 79  ? 0.266   15.575  -9.022  1.00 32.53  ? 79   ILE A CG1 1 
ATOM   607  C CG2 . ILE A 1 79  ? 1.777   13.923  -10.257 1.00 45.47  ? 79   ILE A CG2 1 
ATOM   608  C CD1 . ILE A 1 79  ? 1.299   16.639  -8.691  1.00 54.52  ? 79   ILE A CD1 1 
ATOM   609  N N   . TYR A 1 80  ? -0.745  12.440  -6.822  1.00 33.77  ? 80   TYR A N   1 
ATOM   610  C CA  . TYR A 1 80  ? -1.556  12.550  -5.597  1.00 33.34  ? 80   TYR A CA  1 
ATOM   611  C C   . TYR A 1 80  ? -0.661  12.330  -4.379  1.00 37.56  ? 80   TYR A C   1 
ATOM   612  O O   . TYR A 1 80  ? 0.444   11.792  -4.417  1.00 36.77  ? 80   TYR A O   1 
ATOM   613  C CB  . TYR A 1 80  ? -2.673  11.496  -5.619  1.00 31.90  ? 80   TYR A CB  1 
ATOM   614  C CG  . TYR A 1 80  ? -2.186  10.064  -5.887  1.00 32.08  ? 80   TYR A CG  1 
ATOM   615  C CD1 . TYR A 1 80  ? -1.746  9.232   -4.868  1.00 31.19  ? 80   TYR A CD1 1 
ATOM   616  C CD2 . TYR A 1 80  ? -2.224  9.568   -7.188  1.00 32.82  ? 80   TYR A CD2 1 
ATOM   617  C CE1 . TYR A 1 80  ? -1.382  7.934   -5.111  1.00 34.07  ? 80   TYR A CE1 1 
ATOM   618  C CE2 . TYR A 1 80  ? -1.845  8.249   -7.460  1.00 39.35  ? 80   TYR A CE2 1 
ATOM   619  C CZ  . TYR A 1 80  ? -1.494  7.415   -6.385  1.00 38.51  ? 80   TYR A CZ  1 
ATOM   620  O OH  . TYR A 1 80  ? -1.177  6.105   -6.661  1.00 36.00  ? 80   TYR A OH  1 
ATOM   621  N N   . GLY A 1 81  ? -1.213  12.747  -3.248  1.00 33.11  ? 81   GLY A N   1 
ATOM   622  C CA  . GLY A 1 81  ? -0.446  12.512  -1.989  1.00 38.33  ? 81   GLY A CA  1 
ATOM   623  C C   . GLY A 1 81  ? -1.503  11.962  -1.007  1.00 43.52  ? 81   GLY A C   1 
ATOM   624  O O   . GLY A 1 81  ? -2.637  12.428  -1.082  1.00 38.98  ? 81   GLY A O   1 
ATOM   625  N N   . VAL A 1 82  ? -1.117  11.002  -0.179  1.00 35.78  ? 82   VAL A N   1 
ATOM   626  C CA  . VAL A 1 82  ? -2.024  10.388  0.758   1.00 40.87  ? 82   VAL A CA  1 
ATOM   627  C C   . VAL A 1 82  ? -1.467  10.274  2.177   1.00 41.69  ? 82   VAL A C   1 
ATOM   628  O O   . VAL A 1 82  ? -0.248  10.214  2.409   1.00 42.15  ? 82   VAL A O   1 
ATOM   629  C CB  . VAL A 1 82  ? -2.403  8.953   0.302   1.00 39.76  ? 82   VAL A CB  1 
ATOM   630  C CG1 . VAL A 1 82  ? -3.239  8.920   -0.950  1.00 36.77  ? 82   VAL A CG1 1 
ATOM   631  C CG2 . VAL A 1 82  ? -1.148  8.076   0.104   1.00 35.37  ? 82   VAL A CG2 1 
ATOM   632  N N   . VAL A 1 83  ? -2.373  10.293  3.149   1.00 39.08  ? 83   VAL A N   1 
ATOM   633  C CA  . VAL A 1 83  ? -1.939  10.128  4.542   1.00 37.67  ? 83   VAL A CA  1 
ATOM   634  C C   . VAL A 1 83  ? -2.966  9.194   5.218   1.00 40.95  ? 83   VAL A C   1 
ATOM   635  O O   . VAL A 1 83  ? -4.107  9.095   4.803   1.00 39.23  ? 83   VAL A O   1 
ATOM   636  C CB  . VAL A 1 83  ? -1.921  11.421  5.382   1.00 42.68  ? 83   VAL A CB  1 
ATOM   637  C CG1 . VAL A 1 83  ? -0.959  12.463  4.778   1.00 50.97  ? 83   VAL A CG1 1 
ATOM   638  C CG2 . VAL A 1 83  ? -3.346  11.994  5.421   1.00 44.35  ? 83   VAL A CG2 1 
ATOM   639  N N   . GLY A 1 84  ? -2.508  8.543   6.287   1.00 41.83  ? 84   GLY A N   1 
ATOM   640  C CA  . GLY A 1 84  ? -3.499  7.670   6.954   1.00 42.35  ? 84   GLY A CA  1 
ATOM   641  C C   . GLY A 1 84  ? -2.808  6.869   8.025   1.00 44.20  ? 84   GLY A C   1 
ATOM   642  O O   . GLY A 1 84  ? -2.047  7.426   8.786   1.00 40.95  ? 84   GLY A O   1 
ATOM   643  N N   . VAL A 1 85  ? -3.082  5.563   8.096   1.00 48.85  ? 85   VAL A N   1 
ATOM   644  C CA  . VAL A 1 85  ? -2.612  4.747   9.185   1.00 48.27  ? 85   VAL A CA  1 
ATOM   645  C C   . VAL A 1 85  ? -2.041  3.416   8.683   1.00 46.09  ? 85   VAL A C   1 
ATOM   646  O O   . VAL A 1 85  ? -2.541  2.846   7.735   1.00 49.91  ? 85   VAL A O   1 
ATOM   647  C CB  . VAL A 1 85  ? -3.709  4.386   10.230  1.00 62.51  ? 85   VAL A CB  1 
ATOM   648  C CG1 . VAL A 1 85  ? -4.434  5.629   10.785  1.00 58.77  ? 85   VAL A CG1 1 
ATOM   649  C CG2 . VAL A 1 85  ? -4.755  3.458   9.642   1.00 65.49  ? 85   VAL A CG2 1 
ATOM   650  N N   . GLY A 1 86  ? -0.947  3.001   9.274   1.00 38.71  ? 86   GLY A N   1 
ATOM   651  C CA  . GLY A 1 86  ? -0.347  1.694   8.873   1.00 40.45  ? 86   GLY A CA  1 
ATOM   652  C C   . GLY A 1 86  ? -0.594  0.777   10.126  1.00 52.11  ? 86   GLY A C   1 
ATOM   653  O O   . GLY A 1 86  ? -0.790  1.288   11.237  1.00 47.72  ? 86   GLY A O   1 
ATOM   654  N N   . TYR A 1 87  ? -0.735  -0.510  9.851   1.00 51.99  ? 87   TYR A N   1 
ATOM   655  C CA  . TYR A 1 87  ? -0.964  -1.517  10.910  1.00 52.55  ? 87   TYR A CA  1 
ATOM   656  C C   . TYR A 1 87  ? -0.064  -2.719  10.635  1.00 50.31  ? 87   TYR A C   1 
ATOM   657  O O   . TYR A 1 87  ? -0.047  -3.175  9.497   1.00 51.83  ? 87   TYR A O   1 
ATOM   658  C CB  . TYR A 1 87  ? -2.404  -2.005  10.845  1.00 51.22  ? 87   TYR A CB  1 
ATOM   659  C CG  . TYR A 1 87  ? -2.695  -3.210  11.735  1.00 63.07  ? 87   TYR A CG  1 
ATOM   660  C CD1 . TYR A 1 87  ? -2.921  -3.027  13.098  1.00 63.28  ? 87   TYR A CD1 1 
ATOM   661  C CD2 . TYR A 1 87  ? -2.761  -4.488  11.227  1.00 66.03  ? 87   TYR A CD2 1 
ATOM   662  C CE1 . TYR A 1 87  ? -3.210  -4.086  13.933  1.00 73.49  ? 87   TYR A CE1 1 
ATOM   663  C CE2 . TYR A 1 87  ? -3.079  -5.568  12.035  1.00 78.27  ? 87   TYR A CE2 1 
ATOM   664  C CZ  . TYR A 1 87  ? -3.292  -5.362  13.393  1.00 79.66  ? 87   TYR A CZ  1 
ATOM   665  O OH  . TYR A 1 87  ? -3.570  -6.418  14.223  1.00 79.68  ? 87   TYR A OH  1 
ATOM   666  N N   . GLY A 1 88  ? 0.672   -3.176  11.648  1.00 47.00  ? 88   GLY A N   1 
ATOM   667  C CA  . GLY A 1 88  ? 1.528   -4.348  11.415  1.00 54.31  ? 88   GLY A CA  1 
ATOM   668  C C   . GLY A 1 88  ? 1.211   -5.441  12.454  1.00 61.17  ? 88   GLY A C   1 
ATOM   669  O O   . GLY A 1 88  ? 0.931   -5.137  13.615  1.00 57.71  ? 88   GLY A O   1 
ATOM   670  N N   . LYS A 1 89  ? 1.229   -6.702  12.041  1.00 60.03  ? 89   LYS A N   1 
ATOM   671  C CA  . LYS A 1 89  ? 0.973   -7.804  12.992  1.00 60.37  ? 89   LYS A CA  1 
ATOM   672  C C   . LYS A 1 89  ? 2.089   -8.837  12.815  1.00 58.66  ? 89   LYS A C   1 
ATOM   673  O O   . LYS A 1 89  ? 2.252   -9.429  11.730  1.00 55.96  ? 89   LYS A O   1 
ATOM   674  C CB  . LYS A 1 89  ? -0.418  -8.370  12.769  1.00 62.10  ? 89   LYS A CB  1 
ATOM   675  C CG  . LYS A 1 89  ? -0.914  -9.417  13.806  1.00 72.43  ? 89   LYS A CG  1 
ATOM   676  C CD  . LYS A 1 89  ? -2.236  -10.002 13.358  1.00 73.68  ? 89   LYS A CD  1 
ATOM   677  C CE  . LYS A 1 89  ? -2.796  -11.132 14.194  1.00 83.61  ? 89   LYS A CE  1 
ATOM   678  N NZ  . LYS A 1 89  ? -3.411  -10.698 15.483  1.00 88.84  ? 89   LYS A NZ  1 
ATOM   679  N N   . PHE A 1 90  ? 2.908   -8.996  13.853  1.00 54.64  ? 90   PHE A N   1 
ATOM   680  C CA  . PHE A 1 90  ? 3.992   -9.958  13.868  1.00 52.65  ? 90   PHE A CA  1 
ATOM   681  C C   . PHE A 1 90  ? 3.634   -11.165 14.789  1.00 58.30  ? 90   PHE A C   1 
ATOM   682  O O   . PHE A 1 90  ? 3.301   -10.986 15.969  1.00 55.84  ? 90   PHE A O   1 
ATOM   683  C CB  . PHE A 1 90  ? 5.301   -9.345  14.386  1.00 58.74  ? 90   PHE A CB  1 
ATOM   684  C CG  . PHE A 1 90  ? 6.486   -10.302 14.408  1.00 79.00  ? 90   PHE A CG  1 
ATOM   685  C CD1 . PHE A 1 90  ? 6.689   -11.251 13.417  1.00 79.72  ? 90   PHE A CD1 1 
ATOM   686  C CD2 . PHE A 1 90  ? 7.455   -10.209 15.404  1.00 85.99  ? 90   PHE A CD2 1 
ATOM   687  C CE1 . PHE A 1 90  ? 7.766   -12.114 13.425  1.00 77.94  ? 90   PHE A CE1 1 
ATOM   688  C CE2 . PHE A 1 90  ? 8.552   -11.060 15.432  1.00 87.25  ? 90   PHE A CE2 1 
ATOM   689  C CZ  . PHE A 1 90  ? 8.719   -12.015 14.444  1.00 86.04  ? 90   PHE A CZ  1 
ATOM   690  N N   . GLN A 1 91  ? 3.647   -12.352 14.230  1.00 54.47  ? 91   GLN A N   1 
ATOM   691  C CA  . GLN A 1 91  ? 3.389   -13.606 14.877  1.00 60.13  ? 91   GLN A CA  1 
ATOM   692  C C   . GLN A 1 91  ? 4.693   -14.435 14.908  1.00 65.59  ? 91   GLN A C   1 
ATOM   693  O O   . GLN A 1 91  ? 5.393   -14.500 13.895  1.00 58.49  ? 91   GLN A O   1 
ATOM   694  C CB  . GLN A 1 91  ? 2.337   -14.475 14.153  1.00 62.04  ? 91   GLN A CB  1 
ATOM   695  C CG  . GLN A 1 91  ? 0.939   -13.891 14.149  1.00 64.48  ? 91   GLN A CG  1 
ATOM   696  C CD  . GLN A 1 91  ? -0.103  -14.767 13.493  1.00 71.86  ? 91   GLN A CD  1 
ATOM   697  O OE1 . GLN A 1 91  ? -0.791  -15.587 14.133  1.00 77.55  ? 91   GLN A OE1 1 
ATOM   698  N NE2 . GLN A 1 91  ? -0.285  -14.618 12.194  1.00 66.30  ? 91   GLN A NE2 1 
ATOM   699  N N   . THR A 1 92  ? 4.979   -15.075 16.039  1.00 67.78  ? 92   THR A N   1 
ATOM   700  C CA  . THR A 1 92  ? 6.162   -15.926 16.184  1.00 64.46  ? 92   THR A CA  1 
ATOM   701  C C   . THR A 1 92  ? 5.854   -17.137 17.071  1.00 62.44  ? 92   THR A C   1 
ATOM   702  O O   . THR A 1 92  ? 5.188   -16.986 18.091  1.00 54.17  ? 92   THR A O   1 
ATOM   703  C CB  . THR A 1 92  ? 7.370   -15.179 16.747  1.00 70.24  ? 92   THR A CB  1 
ATOM   704  O OG1 . THR A 1 92  ? 8.529   -16.041 16.643  1.00 81.60  ? 92   THR A OG1 1 
ATOM   705  C CG2 . THR A 1 92  ? 7.181   -14.775 18.200  1.00 79.06  ? 92   THR A CG2 1 
ATOM   706  N N   . THR A 1 93  ? 6.084   -18.334 16.560  1.00 64.38  ? 93   THR A N   1 
ATOM   707  C CA  . THR A 1 93  ? 5.871   -19.556 17.278  1.00 76.71  ? 93   THR A CA  1 
ATOM   708  C C   . THR A 1 93  ? 7.262   -20.224 17.437  1.00 80.43  ? 93   THR A C   1 
ATOM   709  O O   . THR A 1 93  ? 7.860   -20.640 16.463  1.00 74.18  ? 93   THR A O   1 
ATOM   710  C CB  . THR A 1 93  ? 4.898   -20.542 16.651  1.00 79.55  ? 93   THR A CB  1 
ATOM   711  O OG1 . THR A 1 93  ? 5.458   -21.153 15.471  1.00 87.20  ? 93   THR A OG1 1 
ATOM   712  C CG2 . THR A 1 93  ? 3.597   -19.863 16.278  1.00 74.93  ? 93   THR A CG2 1 
ATOM   713  N N   . GLU A 1 94  ? 7.710   -20.217 18.685  1.00 83.19  ? 94   GLU A N   1 
ATOM   714  C CA  . GLU A 1 94  ? 8.998   -20.782 19.068  1.00 87.40  ? 94   GLU A CA  1 
ATOM   715  C C   . GLU A 1 94  ? 8.827   -22.215 19.562  1.00 85.38  ? 94   GLU A C   1 
ATOM   716  O O   . GLU A 1 94  ? 8.215   -22.476 20.600  1.00 85.73  ? 94   GLU A O   1 
ATOM   717  C CB  . GLU A 1 94  ? 9.608   -19.885 20.125  1.00 93.00  ? 94   GLU A CB  1 
ATOM   718  C CG  . GLU A 1 94  ? 10.917  -20.329 20.741  1.00 104.88 ? 94   GLU A CG  1 
ATOM   719  C CD  . GLU A 1 94  ? 11.364  -19.346 21.822  1.00 110.94 ? 94   GLU A CD  1 
ATOM   720  O OE1 . GLU A 1 94  ? 11.547  -18.149 21.490  1.00 111.03 ? 94   GLU A OE1 1 
ATOM   721  O OE2 . GLU A 1 94  ? 11.467  -19.801 22.983  1.00 109.47 ? 94   GLU A OE2 1 
ATOM   722  N N   . TYR A 1 95  ? 9.307   -23.169 18.788  1.00 82.60  ? 95   TYR A N   1 
ATOM   723  C CA  . TYR A 1 95  ? 9.253   -24.583 19.025  1.00 89.36  ? 95   TYR A CA  1 
ATOM   724  C C   . TYR A 1 95  ? 9.613   -25.098 20.419  1.00 83.72  ? 95   TYR A C   1 
ATOM   725  O O   . TYR A 1 95  ? 10.576  -24.709 21.081  1.00 79.77  ? 95   TYR A O   1 
ATOM   726  C CB  . TYR A 1 95  ? 10.189  -25.316 18.014  1.00 94.13  ? 95   TYR A CB  1 
ATOM   727  C CG  . TYR A 1 95  ? 9.730   -26.756 17.837  1.00 95.58  ? 95   TYR A CG  1 
ATOM   728  C CD1 . TYR A 1 95  ? 8.631   -26.988 17.009  1.00 98.64  ? 95   TYR A CD1 1 
ATOM   729  C CD2 . TYR A 1 95  ? 10.312  -27.822 18.486  1.00 94.82  ? 95   TYR A CD2 1 
ATOM   730  C CE1 . TYR A 1 95  ? 8.151   -28.270 16.826  1.00 96.75  ? 95   TYR A CE1 1 
ATOM   731  C CE2 . TYR A 1 95  ? 9.835   -29.109 18.309  1.00 94.38  ? 95   TYR A CE2 1 
ATOM   732  C CZ  . TYR A 1 95  ? 8.760   -29.323 17.478  1.00 93.63  ? 95   TYR A CZ  1 
ATOM   733  O OH  . TYR A 1 95  ? 8.247   -30.576 17.255  1.00 87.64  ? 95   TYR A OH  1 
ATOM   734  N N   . PRO A 1 96  ? 8.789   -26.046 20.887  1.00 85.32  ? 96   PRO A N   1 
ATOM   735  C CA  . PRO A 1 96  ? 7.658   -26.574 20.182  1.00 80.03  ? 96   PRO A CA  1 
ATOM   736  C C   . PRO A 1 96  ? 6.315   -25.922 20.325  1.00 80.81  ? 96   PRO A C   1 
ATOM   737  O O   . PRO A 1 96  ? 5.422   -26.349 19.568  1.00 81.03  ? 96   PRO A O   1 
ATOM   738  C CB  . PRO A 1 96  ? 7.516   -27.991 20.808  1.00 84.43  ? 96   PRO A CB  1 
ATOM   739  C CG  . PRO A 1 96  ? 7.802   -27.688 22.248  1.00 85.86  ? 96   PRO A CG  1 
ATOM   740  C CD  . PRO A 1 96  ? 8.971   -26.718 22.211  1.00 88.57  ? 96   PRO A CD  1 
ATOM   741  N N   . THR A 1 97  ? 6.056   -25.018 21.282  1.00 81.77  ? 97   THR A N   1 
ATOM   742  C CA  . THR A 1 97  ? 4.720   -24.446 21.446  1.00 75.68  ? 97   THR A CA  1 
ATOM   743  C C   . THR A 1 97  ? 4.629   -23.024 21.976  1.00 66.25  ? 97   THR A C   1 
ATOM   744  O O   . THR A 1 97  ? 3.541   -22.559 22.370  1.00 66.57  ? 97   THR A O   1 
ATOM   745  C CB  . THR A 1 97  ? 3.905   -25.296 22.469  1.00 78.73  ? 97   THR A CB  1 
ATOM   746  O OG1 . THR A 1 97  ? 4.759   -25.523 23.599  1.00 85.56  ? 97   THR A OG1 1 
ATOM   747  C CG2 . THR A 1 97  ? 3.381   -26.591 21.899  1.00 87.97  ? 97   THR A CG2 1 
ATOM   748  N N   . TYR A 1 98  ? 5.717   -22.293 22.105  1.00 51.68  ? 98   TYR A N   1 
ATOM   749  C CA  . TYR A 1 98  ? 5.627   -20.922 22.598  1.00 65.57  ? 98   TYR A CA  1 
ATOM   750  C C   . TYR A 1 98  ? 5.106   -20.085 21.396  1.00 67.41  ? 98   TYR A C   1 
ATOM   751  O O   . TYR A 1 98  ? 5.422   -20.392 20.236  1.00 68.79  ? 98   TYR A O   1 
ATOM   752  C CB  . TYR A 1 98  ? 6.971   -20.503 23.144  1.00 65.81  ? 98   TYR A CB  1 
ATOM   753  C CG  . TYR A 1 98  ? 7.116   -19.015 23.343  1.00 69.14  ? 98   TYR A CG  1 
ATOM   754  C CD1 . TYR A 1 98  ? 7.481   -18.203 22.256  1.00 77.37  ? 98   TYR A CD1 1 
ATOM   755  C CD2 . TYR A 1 98  ? 6.829   -18.421 24.552  1.00 65.61  ? 98   TYR A CD2 1 
ATOM   756  C CE1 . TYR A 1 98  ? 7.590   -16.819 22.408  1.00 70.94  ? 98   TYR A CE1 1 
ATOM   757  C CE2 . TYR A 1 98  ? 6.953   -17.057 24.724  1.00 66.67  ? 98   TYR A CE2 1 
ATOM   758  C CZ  . TYR A 1 98  ? 7.352   -16.274 23.644  1.00 73.61  ? 98   TYR A CZ  1 
ATOM   759  O OH  . TYR A 1 98  ? 7.446   -14.906 23.807  1.00 77.08  ? 98   TYR A OH  1 
ATOM   760  N N   . LYS A 1 99  ? 4.143   -19.239 21.643  1.00 66.06  ? 99   LYS A N   1 
ATOM   761  C CA  . LYS A 1 99  ? 3.486   -18.372 20.665  1.00 66.92  ? 99   LYS A CA  1 
ATOM   762  C C   . LYS A 1 99  ? 3.530   -16.949 21.238  1.00 69.56  ? 99   LYS A C   1 
ATOM   763  O O   . LYS A 1 99  ? 3.318   -16.754 22.457  1.00 63.21  ? 99   LYS A O   1 
ATOM   764  C CB  . LYS A 1 99  ? 2.066   -18.764 20.344  1.00 69.50  ? 99   LYS A CB  1 
ATOM   765  C CG  . LYS A 1 99  ? 1.692   -19.986 19.605  1.00 78.48  ? 99   LYS A CG  1 
ATOM   766  C CD  . LYS A 1 99  ? 1.823   -21.363 20.098  1.00 87.40  ? 99   LYS A CD  1 
ATOM   767  C CE  . LYS A 1 99  ? 0.898   -22.031 21.073  1.00 87.83  ? 99   LYS A CE  1 
ATOM   768  N NZ  . LYS A 1 99  ? 1.077   -21.760 22.526  1.00 62.51  ? 99   LYS A NZ  1 
ATOM   769  N N   . ASN A 1 100 ? 3.982   -15.997 20.416  1.00 64.11  ? 100  ASN A N   1 
ATOM   770  C CA  . ASN A 1 100 ? 4.027   -14.592 20.863  1.00 62.40  ? 100  ASN A CA  1 
ATOM   771  C C   . ASN A 1 100 ? 3.620   -13.725 19.653  1.00 71.19  ? 100  ASN A C   1 
ATOM   772  O O   . ASN A 1 100 ? 4.073   -13.887 18.518  1.00 71.28  ? 100  ASN A O   1 
ATOM   773  C CB  . ASN A 1 100 ? 5.356   -14.218 21.414  1.00 60.87  ? 100  ASN A CB  1 
ATOM   774  C CG  . ASN A 1 100 ? 5.527   -12.863 22.017  1.00 72.23  ? 100  ASN A CG  1 
ATOM   775  O OD1 . ASN A 1 100 ? 6.606   -12.590 22.584  1.00 82.93  ? 100  ASN A OD1 1 
ATOM   776  N ND2 . ASN A 1 100 ? 4.550   -11.991 21.970  1.00 65.69  ? 100  ASN A ND2 1 
ATOM   777  N N   . ASP A 1 101 ? 2.594   -12.910 19.862  1.00 68.03  ? 101  ASP A N   1 
ATOM   778  C CA  . ASP A 1 101 ? 1.965   -12.106 18.861  1.00 67.42  ? 101  ASP A CA  1 
ATOM   779  C C   . ASP A 1 101 ? 1.896   -10.644 19.321  1.00 71.29  ? 101  ASP A C   1 
ATOM   780  O O   . ASP A 1 101 ? 1.439   -10.336 20.416  1.00 62.98  ? 101  ASP A O   1 
ATOM   781  C CB  . ASP A 1 101 ? 0.555   -12.565 18.532  1.00 68.27  ? 101  ASP A CB  1 
ATOM   782  C CG  . ASP A 1 101 ? 0.406   -13.980 18.025  1.00 78.16  ? 101  ASP A CG  1 
ATOM   783  O OD1 . ASP A 1 101 ? 1.424   -14.629 17.667  1.00 74.62  ? 101  ASP A OD1 1 
ATOM   784  O OD2 . ASP A 1 101 ? -0.766  -14.454 17.969  1.00 77.17  ? 101  ASP A OD2 1 
ATOM   785  N N   . THR A 1 102 ? 2.344   -9.782  18.383  1.00 64.51  ? 102  THR A N   1 
ATOM   786  C CA  . THR A 1 102 ? 2.295   -8.355  18.741  1.00 61.99  ? 102  THR A CA  1 
ATOM   787  C C   . THR A 1 102 ? 1.769   -7.515  17.596  1.00 57.33  ? 102  THR A C   1 
ATOM   788  O O   . THR A 1 102 ? 1.890   -7.848  16.417  1.00 54.49  ? 102  THR A O   1 
ATOM   789  C CB  . THR A 1 102 ? 3.651   -7.947  19.297  1.00 67.13  ? 102  THR A CB  1 
ATOM   790  O OG1 . THR A 1 102 ? 3.549   -6.588  19.744  1.00 82.07  ? 102  THR A OG1 1 
ATOM   791  C CG2 . THR A 1 102 ? 4.776   -8.071  18.293  1.00 73.58  ? 102  THR A CG2 1 
ATOM   792  N N   . SER A 1 103 ? 0.993   -6.483  17.917  1.00 62.49  ? 103  SER A N   1 
ATOM   793  C CA  . SER A 1 103 ? 0.433   -5.643  16.844  1.00 56.40  ? 103  SER A CA  1 
ATOM   794  C C   . SER A 1 103 ? 0.392   -4.195  17.304  1.00 61.33  ? 103  SER A C   1 
ATOM   795  O O   . SER A 1 103 ? 0.492   -3.932  18.507  1.00 47.76  ? 103  SER A O   1 
ATOM   796  C CB  . SER A 1 103 ? -0.908  -6.163  16.405  1.00 47.95  ? 103  SER A CB  1 
ATOM   797  O OG  . SER A 1 103 ? -1.945  -6.001  17.364  1.00 62.73  ? 103  SER A OG  1 
ATOM   798  N N   . ASP A 1 104 ? 0.472   -3.242  16.348  1.00 51.68  ? 104  ASP A N   1 
ATOM   799  C CA  . ASP A 1 104 ? 0.380   -1.843  16.732  1.00 52.35  ? 104  ASP A CA  1 
ATOM   800  C C   . ASP A 1 104 ? 0.025   -1.029  15.470  1.00 53.82  ? 104  ASP A C   1 
ATOM   801  O O   . ASP A 1 104 ? 0.183   -1.579  14.397  1.00 52.99  ? 104  ASP A O   1 
ATOM   802  C CB  . ASP A 1 104 ? 1.688   -1.313  17.297  1.00 56.74  ? 104  ASP A CB  1 
ATOM   803  C CG  . ASP A 1 104 ? 1.427   -0.125  18.217  1.00 49.99  ? 104  ASP A CG  1 
ATOM   804  O OD1 . ASP A 1 104 ? 0.312   0.457   18.274  1.00 59.71  ? 104  ASP A OD1 1 
ATOM   805  O OD2 . ASP A 1 104 ? 2.339   0.205   18.985  1.00 62.38  ? 104  ASP A OD2 1 
ATOM   806  N N   . TYR A 1 105 ? -0.386  0.203   15.631  1.00 52.90  ? 105  TYR A N   1 
ATOM   807  C CA  . TYR A 1 105 ? -0.719  1.106   14.582  1.00 56.35  ? 105  TYR A CA  1 
ATOM   808  C C   . TYR A 1 105 ? 0.332   2.226   14.544  1.00 54.04  ? 105  TYR A C   1 
ATOM   809  O O   . TYR A 1 105 ? 0.998   2.504   15.564  1.00 48.33  ? 105  TYR A O   1 
ATOM   810  C CB  . TYR A 1 105 ? -2.093  1.776   14.862  1.00 59.10  ? 105  TYR A CB  1 
ATOM   811  C CG  . TYR A 1 105 ? -3.245  0.819   14.647  1.00 65.87  ? 105  TYR A CG  1 
ATOM   812  C CD1 . TYR A 1 105 ? -3.606  -0.108  15.621  1.00 71.16  ? 105  TYR A CD1 1 
ATOM   813  C CD2 . TYR A 1 105 ? -3.975  0.840   13.466  1.00 72.80  ? 105  TYR A CD2 1 
ATOM   814  C CE1 . TYR A 1 105 ? -4.659  -0.991  15.425  1.00 77.44  ? 105  TYR A CE1 1 
ATOM   815  C CE2 . TYR A 1 105 ? -5.026  -0.038  13.243  1.00 78.22  ? 105  TYR A CE2 1 
ATOM   816  C CZ  . TYR A 1 105 ? -5.366  -0.946  14.238  1.00 82.86  ? 105  TYR A CZ  1 
ATOM   817  O OH  . TYR A 1 105 ? -6.404  -1.819  14.015  1.00 85.73  ? 105  TYR A OH  1 
ATOM   818  N N   . GLY A 1 106 ? 0.444   2.803   13.357  1.00 46.94  ? 106  GLY A N   1 
ATOM   819  C CA  . GLY A 1 106 ? 1.338   3.997   13.257  1.00 50.62  ? 106  GLY A CA  1 
ATOM   820  C C   . GLY A 1 106 ? 0.857   4.897   12.112  1.00 50.05  ? 106  GLY A C   1 
ATOM   821  O O   . GLY A 1 106 ? -0.082  4.532   11.380  1.00 51.13  ? 106  GLY A O   1 
ATOM   822  N N   . PHE A 1 107 ? 1.477   6.062   11.989  1.00 49.10  ? 107  PHE A N   1 
ATOM   823  C CA  . PHE A 1 107 ? 1.151   6.997   10.903  1.00 51.07  ? 107  PHE A CA  1 
ATOM   824  C C   . PHE A 1 107 ? 1.670   6.462   9.573   1.00 47.66  ? 107  PHE A C   1 
ATOM   825  O O   . PHE A 1 107 ? 2.717   5.777   9.433   1.00 45.06  ? 107  PHE A O   1 
ATOM   826  C CB  . PHE A 1 107 ? 1.777   8.384   11.216  1.00 53.38  ? 107  PHE A CB  1 
ATOM   827  C CG  . PHE A 1 107 ? 1.577   9.423   10.135  1.00 61.46  ? 107  PHE A CG  1 
ATOM   828  C CD1 . PHE A 1 107 ? 0.336   9.992   9.892   1.00 62.90  ? 107  PHE A CD1 1 
ATOM   829  C CD2 . PHE A 1 107 ? 2.658   9.844   9.343   1.00 57.74  ? 107  PHE A CD2 1 
ATOM   830  C CE1 . PHE A 1 107 ? 0.182   10.953  8.885   1.00 66.39  ? 107  PHE A CE1 1 
ATOM   831  C CE2 . PHE A 1 107 ? 2.494   10.800  8.349   1.00 59.60  ? 107  PHE A CE2 1 
ATOM   832  C CZ  . PHE A 1 107 ? 1.264   11.357  8.107   1.00 53.07  ? 107  PHE A CZ  1 
ATOM   833  N N   . SER A 1 108 ? 0.892   6.707   8.529   1.00 50.92  ? 108  SER A N   1 
ATOM   834  C CA  . SER A 1 108 ? 1.289   6.351   7.169   1.00 46.56  ? 108  SER A CA  1 
ATOM   835  C C   . SER A 1 108 ? 1.081   7.538   6.209   1.00 41.85  ? 108  SER A C   1 
ATOM   836  O O   . SER A 1 108 ? 0.206   8.383   6.375   1.00 42.03  ? 108  SER A O   1 
ATOM   837  C CB  . SER A 1 108 ? 0.565   5.121   6.624   1.00 47.27  ? 108  SER A CB  1 
ATOM   838  O OG  . SER A 1 108 ? 1.088   4.756   5.356   1.00 57.61  ? 108  SER A OG  1 
ATOM   839  N N   . TYR A 1 109 ? 2.001   7.582   5.244   1.00 43.70  ? 109  TYR A N   1 
ATOM   840  C CA  . TYR A 1 109 ? 1.874   8.590   4.181   1.00 42.84  ? 109  TYR A CA  1 
ATOM   841  C C   . TYR A 1 109 ? 2.408   8.008   2.899   1.00 41.97  ? 109  TYR A C   1 
ATOM   842  O O   . TYR A 1 109 ? 3.103   6.954   2.813   1.00 43.55  ? 109  TYR A O   1 
ATOM   843  C CB  . TYR A 1 109 ? 2.436   9.944   4.593   1.00 44.76  ? 109  TYR A CB  1 
ATOM   844  C CG  . TYR A 1 109 ? 3.927   9.873   4.730   1.00 46.44  ? 109  TYR A CG  1 
ATOM   845  C CD1 . TYR A 1 109 ? 4.545   9.447   5.897   1.00 54.98  ? 109  TYR A CD1 1 
ATOM   846  C CD2 . TYR A 1 109 ? 4.685   10.275  3.627   1.00 55.02  ? 109  TYR A CD2 1 
ATOM   847  C CE1 . TYR A 1 109 ? 5.936   9.410   5.935   1.00 60.87  ? 109  TYR A CE1 1 
ATOM   848  C CE2 . TYR A 1 109 ? 6.071   10.231  3.672   1.00 63.35  ? 109  TYR A CE2 1 
ATOM   849  C CZ  . TYR A 1 109 ? 6.674   9.800   4.832   1.00 64.54  ? 109  TYR A CZ  1 
ATOM   850  O OH  . TYR A 1 109 ? 8.061   9.762   4.859   1.00 66.54  ? 109  TYR A OH  1 
ATOM   851  N N   . GLY A 1 110 ? 2.014   8.631   1.797   1.00 36.88  ? 110  GLY A N   1 
ATOM   852  C CA  . GLY A 1 110 ? 2.435   8.174   0.503   1.00 36.78  ? 110  GLY A CA  1 
ATOM   853  C C   . GLY A 1 110 ? 2.228   9.232   -0.587  1.00 36.79  ? 110  GLY A C   1 
ATOM   854  O O   . GLY A 1 110 ? 1.630   10.277  -0.381  1.00 36.23  ? 110  GLY A O   1 
ATOM   855  N N   . ALA A 1 111 ? 2.734   8.841   -1.762  1.00 36.74  ? 111  ALA A N   1 
ATOM   856  C CA  . ALA A 1 111 ? 2.576   9.741   -2.904  1.00 42.27  ? 111  ALA A CA  1 
ATOM   857  C C   . ALA A 1 111 ? 2.657   8.898   -4.145  1.00 39.41  ? 111  ALA A C   1 
ATOM   858  O O   . ALA A 1 111 ? 3.402   7.869   -4.205  1.00 40.34  ? 111  ALA A O   1 
ATOM   859  C CB  . ALA A 1 111 ? 3.661   10.855  -2.952  1.00 42.15  ? 111  ALA A CB  1 
ATOM   860  N N   . GLY A 1 112 ? 1.917   9.394   -5.150  1.00 36.81  ? 112  GLY A N   1 
ATOM   861  C CA  . GLY A 1 112 ? 1.977   8.604   -6.386  1.00 32.81  ? 112  GLY A CA  1 
ATOM   862  C C   . GLY A 1 112 ? 1.634   9.467   -7.608  1.00 37.34  ? 112  GLY A C   1 
ATOM   863  O O   . GLY A 1 112 ? 1.303   10.642  -7.565  1.00 36.57  ? 112  GLY A O   1 
ATOM   864  N N   . LEU A 1 113 ? 1.508   8.710   -8.684  1.00 37.86  ? 113  LEU A N   1 
ATOM   865  C CA  . LEU A 1 113 ? 1.031   9.206   -9.945  1.00 41.24  ? 113  LEU A CA  1 
ATOM   866  C C   . LEU A 1 113 ? 0.217   8.190   -10.706 1.00 38.98  ? 113  LEU A C   1 
ATOM   867  O O   . LEU A 1 113 ? 0.444   6.968   -10.657 1.00 41.63  ? 113  LEU A O   1 
ATOM   868  C CB  . LEU A 1 113 ? 2.175   9.719   -10.792 1.00 46.54  ? 113  LEU A CB  1 
ATOM   869  C CG  . LEU A 1 113 ? 3.295   8.914   -11.276 1.00 57.53  ? 113  LEU A CG  1 
ATOM   870  C CD1 . LEU A 1 113 ? 2.901   7.746   -12.155 1.00 70.24  ? 113  LEU A CD1 1 
ATOM   871  C CD2 . LEU A 1 113 ? 4.294   9.825   -12.052 1.00 62.79  ? 113  LEU A CD2 1 
ATOM   872  N N   . GLN A 1 114 ? -0.575  8.738   -11.654 1.00 35.23  ? 114  GLN A N   1 
ATOM   873  C CA  . GLN A 1 114 ? -1.341  7.876   -12.535 1.00 36.70  ? 114  GLN A CA  1 
ATOM   874  C C   . GLN A 1 114 ? -1.239  8.386   -13.956 1.00 35.32  ? 114  GLN A C   1 
ATOM   875  O O   . GLN A 1 114 ? -1.499  9.600   -14.146 1.00 36.94  ? 114  GLN A O   1 
ATOM   876  C CB  . GLN A 1 114 ? -2.872  7.810   -12.269 1.00 37.80  ? 114  GLN A CB  1 
ATOM   877  C CG  . GLN A 1 114 ? -3.392  7.003   -11.209 1.00 51.64  ? 114  GLN A CG  1 
ATOM   878  C CD  . GLN A 1 114 ? -4.862  6.806   -10.888 1.00 43.50  ? 114  GLN A CD  1 
ATOM   879  O OE1 . GLN A 1 114 ? -5.779  7.374   -11.536 1.00 40.31  ? 114  GLN A OE1 1 
ATOM   880  N NE2 . GLN A 1 114 ? -4.997  5.977   -9.850  1.00 41.52  ? 114  GLN A NE2 1 
ATOM   881  N N   . PHE A 1 115 ? -1.087  7.484   -14.889 1.00 37.67  ? 115  PHE A N   1 
ATOM   882  C CA  . PHE A 1 115 ? -1.087  7.892   -16.297 1.00 42.71  ? 115  PHE A CA  1 
ATOM   883  C C   . PHE A 1 115 ? -2.314  7.320   -16.976 1.00 38.64  ? 115  PHE A C   1 
ATOM   884  O O   . PHE A 1 115 ? -2.780  6.271   -16.608 1.00 40.28  ? 115  PHE A O   1 
ATOM   885  C CB  . PHE A 1 115 ? 0.152   7.358   -17.075 1.00 39.08  ? 115  PHE A CB  1 
ATOM   886  C CG  . PHE A 1 115 ? 1.467   7.838   -16.519 1.00 45.17  ? 115  PHE A CG  1 
ATOM   887  C CD1 . PHE A 1 115 ? 1.814   9.174   -16.553 1.00 43.39  ? 115  PHE A CD1 1 
ATOM   888  C CD2 . PHE A 1 115 ? 2.364   6.936   -15.930 1.00 50.26  ? 115  PHE A CD2 1 
ATOM   889  C CE1 . PHE A 1 115 ? 3.024   9.639   -16.038 1.00 51.54  ? 115  PHE A CE1 1 
ATOM   890  C CE2 . PHE A 1 115 ? 3.577   7.386   -15.434 1.00 50.50  ? 115  PHE A CE2 1 
ATOM   891  C CZ  . PHE A 1 115 ? 3.927   8.737   -15.487 1.00 49.77  ? 115  PHE A CZ  1 
ATOM   892  N N   . ASN A 1 116 ? -2.864  8.012   -18.008 1.00 39.55  ? 116  ASN A N   1 
ATOM   893  C CA  . ASN A 1 116 ? -4.003  7.455   -18.739 1.00 40.51  ? 116  ASN A CA  1 
ATOM   894  C C   . ASN A 1 116 ? -3.545  7.322   -20.209 1.00 49.23  ? 116  ASN A C   1 
ATOM   895  O O   . ASN A 1 116 ? -3.530  8.321   -20.928 1.00 42.50  ? 116  ASN A O   1 
ATOM   896  C CB  . ASN A 1 116 ? -5.221  8.363   -18.678 1.00 39.89  ? 116  ASN A CB  1 
ATOM   897  C CG  . ASN A 1 116 ? -5.674  8.526   -17.208 1.00 41.33  ? 116  ASN A CG  1 
ATOM   898  O OD1 . ASN A 1 116 ? -5.541  9.592   -16.645 1.00 40.43  ? 116  ASN A OD1 1 
ATOM   899  N ND2 . ASN A 1 116 ? -6.206  7.444   -16.671 1.00 39.85  ? 116  ASN A ND2 1 
ATOM   900  N N   . PRO A 1 117 ? -2.943  6.200   -20.549 1.00 50.75  ? 117  PRO A N   1 
ATOM   901  C CA  . PRO A 1 117 ? -2.422  6.030   -21.939 1.00 55.13  ? 117  PRO A CA  1 
ATOM   902  C C   . PRO A 1 117 ? -3.581  5.995   -22.922 1.00 58.39  ? 117  PRO A C   1 
ATOM   903  O O   . PRO A 1 117 ? -3.429  6.430   -24.072 1.00 65.99  ? 117  PRO A O   1 
ATOM   904  C CB  . PRO A 1 117 ? -1.596  4.773   -21.845 1.00 50.57  ? 117  PRO A CB  1 
ATOM   905  C CG  . PRO A 1 117 ? -2.217  3.959   -20.736 1.00 55.83  ? 117  PRO A CG  1 
ATOM   906  C CD  . PRO A 1 117 ? -2.787  4.981   -19.742 1.00 48.55  ? 117  PRO A CD  1 
ATOM   907  N N   . MET A 1 118 ? -4.754  5.538   -22.532 1.00 56.07  ? 118  MET A N   1 
ATOM   908  C CA  . MET A 1 118 ? -6.009  5.462   -23.299 1.00 65.84  ? 118  MET A CA  1 
ATOM   909  C C   . MET A 1 118 ? -7.008  6.160   -22.355 1.00 61.31  ? 118  MET A C   1 
ATOM   910  O O   . MET A 1 118 ? -6.717  6.172   -21.112 1.00 50.56  ? 118  MET A O   1 
ATOM   911  C CB  . MET A 1 118 ? -6.363  4.045   -23.775 1.00 72.29  ? 118  MET A CB  1 
ATOM   912  C CG  . MET A 1 118 ? -5.376  3.070   -24.377 1.00 76.11  ? 118  MET A CG  1 
ATOM   913  S SD  . MET A 1 118 ? -5.745  1.295   -24.671 1.00 55.45  ? 118  MET A SD  1 
ATOM   914  C CE  . MET A 1 118 ? -4.272  0.568   -24.055 1.00 46.51  ? 118  MET A CE  1 
ATOM   915  N N   . GLU A 1 119 ? -8.092  6.857   -22.681 1.00 55.81  ? 119  GLU A N   1 
ATOM   916  C CA  . GLU A 1 119 ? -8.930  7.536   -21.710 1.00 56.84  ? 119  GLU A CA  1 
ATOM   917  C C   . GLU A 1 119 ? -9.607  6.720   -20.617 1.00 56.05  ? 119  GLU A C   1 
ATOM   918  O O   . GLU A 1 119 ? -9.995  7.285   -19.560 1.00 50.78  ? 119  GLU A O   1 
ATOM   919  C CB  . GLU A 1 119 ? -10.068 8.343   -22.354 1.00 69.71  ? 119  GLU A CB  1 
ATOM   920  C CG  . GLU A 1 119 ? -9.700  9.730   -22.847 1.00 86.71  ? 119  GLU A CG  1 
ATOM   921  C CD  . GLU A 1 119 ? -10.889 10.395  -23.536 1.00 96.48  ? 119  GLU A CD  1 
ATOM   922  O OE1 . GLU A 1 119 ? -11.985 10.371  -22.926 1.00 93.11  ? 119  GLU A OE1 1 
ATOM   923  O OE2 . GLU A 1 119 ? -10.690 10.912  -24.664 1.00 102.03 ? 119  GLU A OE2 1 
ATOM   924  N N   . ASN A 1 120 ? -9.904  5.451   -20.830 1.00 43.34  ? 120  ASN A N   1 
ATOM   925  C CA  . ASN A 1 120 ? -10.564 4.615   -19.835 1.00 47.04  ? 120  ASN A CA  1 
ATOM   926  C C   . ASN A 1 120 ? -9.619  3.676   -19.153 1.00 39.92  ? 120  ASN A C   1 
ATOM   927  O O   . ASN A 1 120 ? -10.018 2.701   -18.464 1.00 41.50  ? 120  ASN A O   1 
ATOM   928  C CB  . ASN A 1 120 ? -11.742 3.856   -20.498 1.00 59.74  ? 120  ASN A CB  1 
ATOM   929  C CG  . ASN A 1 120 ? -11.411 3.546   -21.951 1.00 75.72  ? 120  ASN A CG  1 
ATOM   930  O OD1 . ASN A 1 120 ? -10.275 3.201   -22.311 1.00 69.03  ? 120  ASN A OD1 1 
ATOM   931  N ND2 . ASN A 1 120 ? -12.421 3.733   -22.816 1.00 78.54  ? 120  ASN A ND2 1 
ATOM   932  N N   . VAL A 1 121 ? -8.309  3.897   -19.325 1.00 42.99  ? 121  VAL A N   1 
ATOM   933  C CA  . VAL A 1 121 ? -7.325  3.027   -18.699 1.00 42.14  ? 121  VAL A CA  1 
ATOM   934  C C   . VAL A 1 121 ? -6.403  3.867   -17.796 1.00 41.17  ? 121  VAL A C   1 
ATOM   935  O O   . VAL A 1 121 ? -6.046  4.977   -18.146 1.00 46.11  ? 121  VAL A O   1 
ATOM   936  C CB  . VAL A 1 121 ? -6.491  2.170   -19.645 1.00 56.29  ? 121  VAL A CB  1 
ATOM   937  C CG1 . VAL A 1 121 ? -7.380  1.177   -20.422 1.00 67.75  ? 121  VAL A CG1 1 
ATOM   938  C CG2 . VAL A 1 121 ? -5.759  3.014   -20.667 1.00 69.90  ? 121  VAL A CG2 1 
ATOM   939  N N   . ALA A 1 122 ? -5.944  3.267   -16.716 1.00 41.50  ? 122  ALA A N   1 
ATOM   940  C CA  . ALA A 1 122 ? -5.012  3.869   -15.836 1.00 40.17  ? 122  ALA A CA  1 
ATOM   941  C C   . ALA A 1 122 ? -3.843  2.974   -15.439 1.00 42.00  ? 122  ALA A C   1 
ATOM   942  O O   . ALA A 1 122 ? -4.000  1.806   -15.183 1.00 41.42  ? 122  ALA A O   1 
ATOM   943  C CB  . ALA A 1 122 ? -5.740  4.254   -14.520 1.00 38.90  ? 122  ALA A CB  1 
ATOM   944  N N   . LEU A 1 123 ? -2.674  3.606   -15.339 1.00 40.63  ? 123  LEU A N   1 
ATOM   945  C CA  . LEU A 1 123 ? -1.475  2.927   -14.864 1.00 42.63  ? 123  LEU A CA  1 
ATOM   946  C C   . LEU A 1 123 ? -1.095  3.699   -13.569 1.00 45.37  ? 123  LEU A C   1 
ATOM   947  O O   . LEU A 1 123 ? -1.026  4.942   -13.598 1.00 42.53  ? 123  LEU A O   1 
ATOM   948  C CB  . LEU A 1 123 ? -0.330  3.034   -15.844 1.00 39.18  ? 123  LEU A CB  1 
ATOM   949  C CG  . LEU A 1 123 ? -0.653  2.497   -17.262 1.00 45.67  ? 123  LEU A CG  1 
ATOM   950  C CD1 . LEU A 1 123 ? 0.562   2.790   -18.170 1.00 57.80  ? 123  LEU A CD1 1 
ATOM   951  C CD2 . LEU A 1 123 ? -0.946  1.017   -17.185 1.00 44.61  ? 123  LEU A CD2 1 
ATOM   952  N N   . ASP A 1 124 ? -0.963  2.960   -12.485 1.00 39.30  ? 124  ASP A N   1 
ATOM   953  C CA  . ASP A 1 124 ? -0.753  3.600   -11.185 1.00 42.62  ? 124  ASP A CA  1 
ATOM   954  C C   . ASP A 1 124 ? 0.577   3.247   -10.550 1.00 44.01  ? 124  ASP A C   1 
ATOM   955  O O   . ASP A 1 124 ? 0.981   2.061   -10.593 1.00 36.80  ? 124  ASP A O   1 
ATOM   956  C CB  . ASP A 1 124 ? -1.895  3.078   -10.251 1.00 40.80  ? 124  ASP A CB  1 
ATOM   957  C CG  . ASP A 1 124 ? -1.853  3.783   -8.920  1.00 45.65  ? 124  ASP A CG  1 
ATOM   958  O OD1 . ASP A 1 124 ? -2.062  5.047   -8.881  1.00 38.18  ? 124  ASP A OD1 1 
ATOM   959  O OD2 . ASP A 1 124 ? -1.569  3.107   -7.910  1.00 46.76  ? 124  ASP A OD2 1 
ATOM   960  N N   . PHE A 1 125 ? 1.303   4.243   -10.008 1.00 41.47  ? 125  PHE A N   1 
ATOM   961  C CA  . PHE A 1 125 ? 2.612   3.876   -9.400  1.00 39.29  ? 125  PHE A CA  1 
ATOM   962  C C   . PHE A 1 125 ? 2.702   4.692   -8.123  1.00 35.54  ? 125  PHE A C   1 
ATOM   963  O O   . PHE A 1 125 ? 2.303   5.882   -8.139  1.00 38.24  ? 125  PHE A O   1 
ATOM   964  C CB  . PHE A 1 125 ? 3.766   4.168   -10.361 1.00 41.97  ? 125  PHE A CB  1 
ATOM   965  C CG  . PHE A 1 125 ? 3.816   3.486   -11.699 1.00 57.49  ? 125  PHE A CG  1 
ATOM   966  C CD1 . PHE A 1 125 ? 4.358   2.206   -11.860 1.00 50.55  ? 125  PHE A CD1 1 
ATOM   967  C CD2 . PHE A 1 125 ? 3.279   4.086   -12.837 1.00 56.25  ? 125  PHE A CD2 1 
ATOM   968  C CE1 . PHE A 1 125 ? 4.412   1.592   -13.100 1.00 52.42  ? 125  PHE A CE1 1 
ATOM   969  C CE2 . PHE A 1 125 ? 3.311   3.475   -14.077 1.00 47.99  ? 125  PHE A CE2 1 
ATOM   970  C CZ  . PHE A 1 125 ? 3.855   2.200   -14.220 1.00 49.74  ? 125  PHE A CZ  1 
ATOM   971  N N   . SER A 1 126 ? 2.946   4.081   -6.949  1.00 36.43  ? 126  SER A N   1 
ATOM   972  C CA  . SER A 1 126 ? 3.018   4.900   -5.761  1.00 32.58  ? 126  SER A CA  1 
ATOM   973  C C   . SER A 1 126 ? 3.991   4.260   -4.774  1.00 40.33  ? 126  SER A C   1 
ATOM   974  O O   . SER A 1 126 ? 4.421   3.093   -4.823  1.00 38.10  ? 126  SER A O   1 
ATOM   975  C CB  . SER A 1 126 ? 1.672   5.233   -5.094  1.00 34.96  ? 126  SER A CB  1 
ATOM   976  O OG  . SER A 1 126 ? 1.090   4.045   -4.490  1.00 36.03  ? 126  SER A OG  1 
ATOM   977  N N   . TYR A 1 127 ? 4.235   5.055   -3.743  1.00 34.72  ? 127  TYR A N   1 
ATOM   978  C CA  . TYR A 1 127 ? 5.170   4.590   -2.699  1.00 39.90  ? 127  TYR A CA  1 
ATOM   979  C C   . TYR A 1 127 ? 4.509   4.993   -1.396  1.00 41.90  ? 127  TYR A C   1 
ATOM   980  O O   . TYR A 1 127 ? 3.822   6.003   -1.355  1.00 43.66  ? 127  TYR A O   1 
ATOM   981  C CB  . TYR A 1 127 ? 6.531   5.259   -2.811  1.00 41.80  ? 127  TYR A CB  1 
ATOM   982  C CG  . TYR A 1 127 ? 7.548   4.711   -1.862  1.00 44.21  ? 127  TYR A CG  1 
ATOM   983  C CD1 . TYR A 1 127 ? 8.238   3.547   -2.187  1.00 47.11  ? 127  TYR A CD1 1 
ATOM   984  C CD2 . TYR A 1 127 ? 7.809   5.340   -0.657  1.00 58.65  ? 127  TYR A CD2 1 
ATOM   985  C CE1 . TYR A 1 127 ? 9.198   3.042   -1.304  1.00 52.82  ? 127  TYR A CE1 1 
ATOM   986  C CE2 . TYR A 1 127 ? 8.740   4.793   0.228   1.00 61.34  ? 127  TYR A CE2 1 
ATOM   987  C CZ  . TYR A 1 127 ? 9.437   3.663   -0.121  1.00 56.18  ? 127  TYR A CZ  1 
ATOM   988  O OH  . TYR A 1 127 ? 10.391  3.163   0.739   1.00 65.71  ? 127  TYR A OH  1 
ATOM   989  N N   . GLU A 1 128 ? 4.600   4.066   -0.432  1.00 37.89  ? 128  GLU A N   1 
ATOM   990  C CA  . GLU A 1 128 ? 3.905   4.330   0.824   1.00 39.41  ? 128  GLU A CA  1 
ATOM   991  C C   . GLU A 1 128 ? 4.925   4.095   1.925   1.00 39.86  ? 128  GLU A C   1 
ATOM   992  O O   . GLU A 1 128 ? 5.725   3.204   1.802   1.00 41.26  ? 128  GLU A O   1 
ATOM   993  C CB  . GLU A 1 128 ? 2.715   3.317   0.928   1.00 37.58  ? 128  GLU A CB  1 
ATOM   994  C CG  . GLU A 1 128 ? 1.937   3.353   2.202   1.00 43.56  ? 128  GLU A CG  1 
ATOM   995  C CD  . GLU A 1 128 ? 0.738   2.378   2.168   1.00 57.39  ? 128  GLU A CD  1 
ATOM   996  O OE1 . GLU A 1 128 ? -0.109  2.302   1.219   1.00 44.56  ? 128  GLU A OE1 1 
ATOM   997  O OE2 . GLU A 1 128 ? 0.658   1.587   3.132   1.00 50.31  ? 128  GLU A OE2 1 
ATOM   998  N N   . GLN A 1 129 ? 4.822   4.863   2.996   1.00 40.31  ? 129  GLN A N   1 
ATOM   999  C CA  . GLN A 1 129 ? 5.751   4.744   4.088   1.00 49.64  ? 129  GLN A CA  1 
ATOM   1000 C C   . GLN A 1 129 ? 4.999   4.812   5.419   1.00 48.04  ? 129  GLN A C   1 
ATOM   1001 O O   . GLN A 1 129 ? 4.158   5.723   5.599   1.00 49.78  ? 129  GLN A O   1 
ATOM   1002 C CB  . GLN A 1 129 ? 6.670   6.020   4.064   1.00 50.11  ? 129  GLN A CB  1 
ATOM   1003 C CG  . GLN A 1 129 ? 7.665   5.847   5.241   1.00 56.44  ? 129  GLN A CG  1 
ATOM   1004 C CD  . GLN A 1 129 ? 9.051   5.781   4.615   1.00 71.66  ? 129  GLN A CD  1 
ATOM   1005 O OE1 . GLN A 1 129 ? 9.762   6.795   4.748   1.00 76.34  ? 129  GLN A OE1 1 
ATOM   1006 N NE2 . GLN A 1 129 ? 9.323   4.687   3.960   1.00 65.40  ? 129  GLN A NE2 1 
ATOM   1007 N N   . SER A 1 130 ? 5.322   3.876   6.268   1.00 45.54  ? 130  SER A N   1 
ATOM   1008 C CA  . SER A 1 130 ? 4.770   3.759   7.590   1.00 51.75  ? 130  SER A CA  1 
ATOM   1009 C C   . SER A 1 130 ? 5.856   3.537   8.657   1.00 52.82  ? 130  SER A C   1 
ATOM   1010 O O   . SER A 1 130 ? 6.905   2.916   8.474   1.00 55.46  ? 130  SER A O   1 
ATOM   1011 C CB  . SER A 1 130 ? 3.745   2.611   7.757   1.00 41.15  ? 130  SER A CB  1 
ATOM   1012 O OG  . SER A 1 130 ? 2.606   2.941   6.904   1.00 61.76  ? 130  SER A OG  1 
ATOM   1013 N N   . ARG A 1 131 ? 5.531   4.099   9.799   1.00 49.82  ? 131  ARG A N   1 
ATOM   1014 C CA  . ARG A 1 131 ? 6.424   3.991   10.991  1.00 58.54  ? 131  ARG A CA  1 
ATOM   1015 C C   . ARG A 1 131 ? 5.839   3.033   11.993  1.00 58.24  ? 131  ARG A C   1 
ATOM   1016 O O   . ARG A 1 131 ? 6.500   1.939   12.113  1.00 61.34  ? 131  ARG A O   1 
ATOM   1017 C CB  . ARG A 1 131 ? 6.758   5.390   11.429  1.00 68.29  ? 131  ARG A CB  1 
ATOM   1018 C CG  . ARG A 1 131 ? 7.762   6.204   10.669  1.00 86.62  ? 131  ARG A CG  1 
ATOM   1019 C CD  . ARG A 1 131 ? 7.608   6.489   9.204   1.00 92.61  ? 131  ARG A CD  1 
ATOM   1020 N NE  . ARG A 1 131 ? 8.378   7.609   8.712   1.00 89.12  ? 131  ARG A NE  1 
ATOM   1021 C CZ  . ARG A 1 131 ? 8.223   8.885   9.049   1.00 96.47  ? 131  ARG A CZ  1 
ATOM   1022 N NH1 . ARG A 1 131 ? 7.268   9.240   9.914   1.00 90.79  ? 131  ARG A NH1 1 
ATOM   1023 N NH2 . ARG A 1 131 ? 9.036   9.808   8.511   1.00 91.81  ? 131  ARG A NH2 1 
ATOM   1024 N N   . ILE A 1 132 ? 4.771   2.986   12.747  1.00 59.78  ? 132  ILE A N   1 
ATOM   1025 C CA  . ILE A 1 132 ? 4.632   1.676   13.542  1.00 56.76  ? 132  ILE A CA  1 
ATOM   1026 C C   . ILE A 1 132 ? 5.732   1.321   14.533  1.00 64.91  ? 132  ILE A C   1 
ATOM   1027 O O   . ILE A 1 132 ? 6.615   0.408   14.387  1.00 53.96  ? 132  ILE A O   1 
ATOM   1028 C CB  . ILE A 1 132 ? 4.416   0.447   12.655  1.00 53.45  ? 132  ILE A CB  1 
ATOM   1029 C CG1 . ILE A 1 132 ? 3.323   0.636   11.572  1.00 56.88  ? 132  ILE A CG1 1 
ATOM   1030 C CG2 . ILE A 1 132 ? 3.828   -0.678  13.599  1.00 59.78  ? 132  ILE A CG2 1 
ATOM   1031 C CD1 . ILE A 1 132 ? 3.257   -0.541  10.618  1.00 50.66  ? 132  ILE A CD1 1 
ATOM   1032 N N   . ARG A 1 133 ? 5.614   1.866   15.759  1.00 64.86  ? 133  ARG A N   1 
ATOM   1033 C CA  . ARG A 1 133 ? 6.678   1.610   16.760  1.00 79.67  ? 133  ARG A CA  1 
ATOM   1034 C C   . ARG A 1 133 ? 7.922   2.341   16.278  1.00 77.33  ? 133  ARG A C   1 
ATOM   1035 O O   . ARG A 1 133 ? 7.830   3.574   16.115  1.00 87.31  ? 133  ARG A O   1 
ATOM   1036 C CB  . ARG A 1 133 ? 7.011   0.167   17.102  1.00 83.68  ? 133  ARG A CB  1 
ATOM   1037 C CG  . ARG A 1 133 ? 6.440   -0.313  18.420  1.00 97.42  ? 133  ARG A CG  1 
ATOM   1038 C CD  . ARG A 1 133 ? 6.787   -1.644  18.950  1.00 104.87 ? 133  ARG A CD  1 
ATOM   1039 N NE  . ARG A 1 133 ? 8.123   -2.175  19.069  1.00 106.56 ? 133  ARG A NE  1 
ATOM   1040 C CZ  . ARG A 1 133 ? 8.944   -2.550  18.091  1.00 109.32 ? 133  ARG A CZ  1 
ATOM   1041 N NH1 . ARG A 1 133 ? 8.609   -2.445  16.802  1.00 109.95 ? 133  ARG A NH1 1 
ATOM   1042 N NH2 . ARG A 1 133 ? 10.147  -3.048  18.362  1.00 109.69 ? 133  ARG A NH2 1 
ATOM   1043 N N   . SER A 1 134 ? 9.009   1.654   16.051  1.00 77.68  ? 134  SER A N   1 
ATOM   1044 C CA  . SER A 1 134 ? 10.211  2.380   15.573  1.00 82.50  ? 134  SER A CA  1 
ATOM   1045 C C   . SER A 1 134 ? 10.663  1.836   14.222  1.00 79.37  ? 134  SER A C   1 
ATOM   1046 O O   . SER A 1 134 ? 11.709  2.257   13.704  1.00 81.25  ? 134  SER A O   1 
ATOM   1047 C CB  . SER A 1 134 ? 11.315  2.295   16.638  1.00 88.43  ? 134  SER A CB  1 
ATOM   1048 O OG  . SER A 1 134 ? 12.567  2.808   16.159  1.00 94.65  ? 134  SER A OG  1 
ATOM   1049 N N   . VAL A 1 135 ? 9.906   0.902   13.650  1.00 75.16  ? 135  VAL A N   1 
ATOM   1050 C CA  . VAL A 1 135 ? 10.195  0.257   12.378  1.00 69.71  ? 135  VAL A CA  1 
ATOM   1051 C C   . VAL A 1 135 ? 9.576   1.000   11.196  1.00 64.38  ? 135  VAL A C   1 
ATOM   1052 O O   . VAL A 1 135 ? 8.368   1.123   11.072  1.00 52.27  ? 135  VAL A O   1 
ATOM   1053 C CB  . VAL A 1 135 ? 9.772   -1.215  12.445  1.00 77.03  ? 135  VAL A CB  1 
ATOM   1054 C CG1 . VAL A 1 135 ? 8.347   -1.364  12.995  1.00 80.65  ? 135  VAL A CG1 1 
ATOM   1055 C CG2 . VAL A 1 135 ? 9.877   -1.970  11.133  1.00 75.80  ? 135  VAL A CG2 1 
ATOM   1056 N N   . ASP A 1 136 ? 10.387  1.532   10.302  1.00 60.89  ? 136  ASP A N   1 
ATOM   1057 C CA  . ASP A 1 136 ? 9.973   2.245   9.109   1.00 61.25  ? 136  ASP A CA  1 
ATOM   1058 C C   . ASP A 1 136 ? 9.693   1.236   7.996   1.00 57.99  ? 136  ASP A C   1 
ATOM   1059 O O   . ASP A 1 136 ? 10.558  0.508   7.525   1.00 55.56  ? 136  ASP A O   1 
ATOM   1060 C CB  . ASP A 1 136 ? 10.981  3.300   8.667   1.00 74.15  ? 136  ASP A CB  1 
ATOM   1061 C CG  . ASP A 1 136 ? 10.988  4.542   9.547   1.00 81.87  ? 136  ASP A CG  1 
ATOM   1062 O OD1 . ASP A 1 136 ? 10.883  4.396   10.788  1.00 88.05  ? 136  ASP A OD1 1 
ATOM   1063 O OD2 . ASP A 1 136 ? 11.104  5.663   8.996   1.00 89.44  ? 136  ASP A OD2 1 
ATOM   1064 N N   . VAL A 1 137 ? 8.426   1.155   7.563   1.00 45.52  ? 137  VAL A N   1 
ATOM   1065 C CA  . VAL A 1 137 ? 8.069   0.205   6.515   1.00 46.53  ? 137  VAL A CA  1 
ATOM   1066 C C   . VAL A 1 137 ? 7.793   1.024   5.220   1.00 48.32  ? 137  VAL A C   1 
ATOM   1067 O O   . VAL A 1 137 ? 6.918   1.877   5.284   1.00 43.36  ? 137  VAL A O   1 
ATOM   1068 C CB  . VAL A 1 137 ? 6.794   -0.567  6.864   1.00 46.00  ? 137  VAL A CB  1 
ATOM   1069 C CG1 . VAL A 1 137 ? 6.427   -1.487  5.685   1.00 51.01  ? 137  VAL A CG1 1 
ATOM   1070 C CG2 . VAL A 1 137 ? 6.989   -1.428  8.133   1.00 61.50  ? 137  VAL A CG2 1 
ATOM   1071 N N   . GLY A 1 138 ? 8.491   0.678   4.153   1.00 46.99  ? 138  GLY A N   1 
ATOM   1072 C CA  . GLY A 1 138 ? 8.324   1.377   2.875   1.00 50.37  ? 138  GLY A CA  1 
ATOM   1073 C C   . GLY A 1 138 ? 7.816   0.379   1.839   1.00 47.93  ? 138  GLY A C   1 
ATOM   1074 O O   . GLY A 1 138 ? 8.281   -0.770  1.828   1.00 45.26  ? 138  GLY A O   1 
ATOM   1075 N N   . THR A 1 139 ? 6.780   0.786   1.097   1.00 37.07  ? 139  THR A N   1 
ATOM   1076 C CA  . THR A 1 139 ? 6.142   -0.141  0.153   1.00 41.20  ? 139  THR A CA  1 
ATOM   1077 C C   . THR A 1 139 ? 6.036   0.513   -1.208  1.00 40.46  ? 139  THR A C   1 
ATOM   1078 O O   . THR A 1 139 ? 5.537   1.642   -1.299  1.00 38.27  ? 139  THR A O   1 
ATOM   1079 C CB  . THR A 1 139 ? 4.729   -0.523  0.677   1.00 35.97  ? 139  THR A CB  1 
ATOM   1080 O OG1 . THR A 1 139 ? 4.852   -1.017  2.040   1.00 43.29  ? 139  THR A OG1 1 
ATOM   1081 C CG2 . THR A 1 139 ? 4.013   -1.565  -0.135  1.00 40.11  ? 139  THR A CG2 1 
ATOM   1082 N N   . TRP A 1 140 ? 6.369   -0.281  -2.227  1.00 38.88  ? 140  TRP A N   1 
ATOM   1083 C CA  . TRP A 1 140 ? 6.288   0.213   -3.596  1.00 42.18  ? 140  TRP A CA  1 
ATOM   1084 C C   . TRP A 1 140 ? 5.100   -0.498  -4.246  1.00 43.49  ? 140  TRP A C   1 
ATOM   1085 O O   . TRP A 1 140 ? 4.904   -1.701  -3.999  1.00 39.13  ? 140  TRP A O   1 
ATOM   1086 C CB  . TRP A 1 140 ? 7.564   0.025   -4.386  1.00 45.05  ? 140  TRP A CB  1 
ATOM   1087 C CG  . TRP A 1 140 ? 8.087   -1.311  -4.783  1.00 50.07  ? 140  TRP A CG  1 
ATOM   1088 C CD1 . TRP A 1 140 ? 9.160   -1.972  -4.215  1.00 53.21  ? 140  TRP A CD1 1 
ATOM   1089 C CD2 . TRP A 1 140 ? 7.670   -2.158  -5.881  1.00 59.37  ? 140  TRP A CD2 1 
ATOM   1090 N NE1 . TRP A 1 140 ? 9.414   -3.161  -4.887  1.00 43.12  ? 140  TRP A NE1 1 
ATOM   1091 C CE2 . TRP A 1 140 ? 8.488   -3.318  -5.881  1.00 55.18  ? 140  TRP A CE2 1 
ATOM   1092 C CE3 . TRP A 1 140 ? 6.652   -2.070  -6.839  1.00 62.80  ? 140  TRP A CE3 1 
ATOM   1093 C CZ2 . TRP A 1 140 ? 8.341   -4.363  -6.799  1.00 54.02  ? 140  TRP A CZ2 1 
ATOM   1094 C CZ3 . TRP A 1 140 ? 6.476   -3.127  -7.732  1.00 65.44  ? 140  TRP A CZ3 1 
ATOM   1095 C CH2 . TRP A 1 140 ? 7.341   -4.238  -7.726  1.00 66.96  ? 140  TRP A CH2 1 
ATOM   1096 N N   . ILE A 1 141 ? 4.374   0.237   -5.078  1.00 37.67  ? 141  ILE A N   1 
ATOM   1097 C CA  . ILE A 1 141 ? 3.137   -0.275  -5.723  1.00 38.72  ? 141  ILE A CA  1 
ATOM   1098 C C   . ILE A 1 141 ? 3.080   0.071   -7.200  1.00 41.87  ? 141  ILE A C   1 
ATOM   1099 O O   . ILE A 1 141 ? 3.341   1.201   -7.620  1.00 40.84  ? 141  ILE A O   1 
ATOM   1100 C CB  . ILE A 1 141 ? 1.939   0.464   -5.008  1.00 43.98  ? 141  ILE A CB  1 
ATOM   1101 C CG1 . ILE A 1 141 ? 1.818   0.024   -3.564  1.00 43.95  ? 141  ILE A CG1 1 
ATOM   1102 C CG2 . ILE A 1 141 ? 0.632   0.305   -5.774  1.00 35.90  ? 141  ILE A CG2 1 
ATOM   1103 C CD1 . ILE A 1 141 ? 1.389   0.919   -2.470  1.00 39.37  ? 141  ILE A CD1 1 
ATOM   1104 N N   . ALA A 1 142 ? 2.711   -0.861  -8.033  1.00 39.22  ? 142  ALA A N   1 
ATOM   1105 C CA  . ALA A 1 142 ? 2.538   -0.702  -9.483  1.00 46.51  ? 142  ALA A CA  1 
ATOM   1106 C C   . ALA A 1 142 ? 1.187   -1.372  -9.765  1.00 50.20  ? 142  ALA A C   1 
ATOM   1107 O O   . ALA A 1 142 ? 1.013   -2.582  -9.496  1.00 42.62  ? 142  ALA A O   1 
ATOM   1108 C CB  . ALA A 1 142 ? 3.682   -1.342  -10.260 1.00 43.95  ? 142  ALA A CB  1 
ATOM   1109 N N   . GLY A 1 143 ? 0.224   -0.584  -10.225 1.00 45.11  ? 143  GLY A N   1 
ATOM   1110 C CA  . GLY A 1 143 ? -1.127  -1.113  -10.456 1.00 43.94  ? 143  GLY A CA  1 
ATOM   1111 C C   . GLY A 1 143 ? -1.657  -0.713  -11.810 1.00 42.03  ? 143  GLY A C   1 
ATOM   1112 O O   . GLY A 1 143 ? -1.087  0.098   -12.553 1.00 41.79  ? 143  GLY A O   1 
ATOM   1113 N N   . VAL A 1 144 ? -2.777  -1.283  -12.202 1.00 36.62  ? 144  VAL A N   1 
ATOM   1114 C CA  . VAL A 1 144 ? -3.471  -0.972  -13.412 1.00 37.82  ? 144  VAL A CA  1 
ATOM   1115 C C   . VAL A 1 144 ? -4.973  -1.025  -13.085 1.00 43.27  ? 144  VAL A C   1 
ATOM   1116 O O   . VAL A 1 144 ? -5.378  -1.700  -12.149 1.00 42.02  ? 144  VAL A O   1 
ATOM   1117 C CB  . VAL A 1 144 ? -3.206  -1.939  -14.574 1.00 49.59  ? 144  VAL A CB  1 
ATOM   1118 C CG1 . VAL A 1 144 ? -1.755  -1.844  -15.022 1.00 55.67  ? 144  VAL A CG1 1 
ATOM   1119 C CG2 . VAL A 1 144 ? -3.446  -3.403  -14.081 1.00 47.11  ? 144  VAL A CG2 1 
ATOM   1120 N N   . GLY A 1 145 ? -5.743  -0.316  -13.919 1.00 41.76  ? 145  GLY A N   1 
ATOM   1121 C CA  . GLY A 1 145 ? -7.166  -0.285  -13.774 1.00 45.29  ? 145  GLY A CA  1 
ATOM   1122 C C   . GLY A 1 145 ? -7.833  0.479   -14.896 1.00 42.89  ? 145  GLY A C   1 
ATOM   1123 O O   . GLY A 1 145 ? -7.308  0.768   -15.969 1.00 44.71  ? 145  GLY A O   1 
ATOM   1124 N N   . TYR A 1 146 ? -9.056  0.777   -14.590 1.00 45.83  ? 146  TYR A N   1 
ATOM   1125 C CA  . TYR A 1 146 ? -10.053 1.417   -15.423 1.00 50.09  ? 146  TYR A CA  1 
ATOM   1126 C C   . TYR A 1 146 ? -10.613 2.689   -14.835 1.00 42.26  ? 146  TYR A C   1 
ATOM   1127 O O   . TYR A 1 146 ? -10.923 2.727   -13.622 1.00 40.43  ? 146  TYR A O   1 
ATOM   1128 C CB  . TYR A 1 146 ? -11.128 0.298   -15.603 1.00 59.16  ? 146  TYR A CB  1 
ATOM   1129 C CG  . TYR A 1 146 ? -12.310 0.484   -16.470 1.00 79.96  ? 146  TYR A CG  1 
ATOM   1130 C CD1 . TYR A 1 146 ? -12.169 0.724   -17.847 1.00 87.19  ? 146  TYR A CD1 1 
ATOM   1131 C CD2 . TYR A 1 146 ? -13.625 0.415   -15.974 1.00 87.34  ? 146  TYR A CD2 1 
ATOM   1132 C CE1 . TYR A 1 146 ? -13.263 0.905   -18.670 1.00 88.67  ? 146  TYR A CE1 1 
ATOM   1133 C CE2 . TYR A 1 146 ? -14.722 0.589   -16.808 1.00 88.45  ? 146  TYR A CE2 1 
ATOM   1134 C CZ  . TYR A 1 146 ? -14.535 0.832   -18.156 1.00 88.40  ? 146  TYR A CZ  1 
ATOM   1135 O OH  . TYR A 1 146 ? -15.612 1.009   -18.996 1.00 91.20  ? 146  TYR A OH  1 
ATOM   1136 N N   . ARG A 1 147 ? -10.822 3.663   -15.705 1.00 42.03  ? 147  ARG A N   1 
ATOM   1137 C CA  . ARG A 1 147 ? -11.474 4.949   -15.441 1.00 39.82  ? 147  ARG A CA  1 
ATOM   1138 C C   . ARG A 1 147 ? -12.843 4.929   -16.181 1.00 47.15  ? 147  ARG A C   1 
ATOM   1139 O O   . ARG A 1 147 ? -12.939 4.646   -17.366 1.00 43.78  ? 147  ARG A O   1 
ATOM   1140 C CB  . ARG A 1 147 ? -10.648 6.118   -15.913 1.00 47.01  ? 147  ARG A CB  1 
ATOM   1141 C CG  . ARG A 1 147 ? -11.309 7.506   -15.748 1.00 44.51  ? 147  ARG A CG  1 
ATOM   1142 C CD  . ARG A 1 147 ? -10.331 8.581   -16.213 1.00 44.74  ? 147  ARG A CD  1 
ATOM   1143 N NE  . ARG A 1 147 ? -10.863 9.907   -15.864 1.00 48.64  ? 147  ARG A NE  1 
ATOM   1144 C CZ  . ARG A 1 147 ? -10.675 10.965  -16.652 1.00 58.47  ? 147  ARG A CZ  1 
ATOM   1145 N NH1 . ARG A 1 147 ? -9.986  10.728  -17.776 1.00 67.39  ? 147  ARG A NH1 1 
ATOM   1146 N NH2 . ARG A 1 147 ? -11.111 12.169  -16.351 1.00 54.85  ? 147  ARG A NH2 1 
ATOM   1147 N N   . PHE A 1 148 ? -13.927 5.142   -15.463 1.00 45.95  ? 148  PHE A N   1 
ATOM   1148 C CA  . PHE A 1 148 ? -15.259 5.090   -16.025 1.00 45.23  ? 148  PHE A CA  1 
ATOM   1149 C C   . PHE A 1 148 ? -16.075 6.301   -15.598 1.00 47.65  ? 148  PHE A C   1 
ATOM   1150 O O   . PHE A 1 148 ? -17.294 6.352   -15.943 1.00 43.87  ? 148  PHE A O   1 
ATOM   1151 C CB  . PHE A 1 148 ? -15.891 3.755   -15.662 1.00 39.69  ? 148  PHE A CB  1 
ATOM   1152 C CG  . PHE A 1 148 ? -15.935 3.423   -14.211 1.00 43.97  ? 148  PHE A CG  1 
ATOM   1153 C CD1 . PHE A 1 148 ? -14.852 2.785   -13.597 1.00 43.87  ? 148  PHE A CD1 1 
ATOM   1154 C CD2 . PHE A 1 148 ? -17.006 3.786   -13.431 1.00 39.58  ? 148  PHE A CD2 1 
ATOM   1155 C CE1 . PHE A 1 148 ? -14.878 2.505   -12.252 1.00 40.70  ? 148  PHE A CE1 1 
ATOM   1156 C CE2 . PHE A 1 148 ? -17.024 3.504   -12.072 1.00 44.21  ? 148  PHE A CE2 1 
ATOM   1157 C CZ  . PHE A 1 148 ? -15.959 2.839   -11.475 1.00 42.99  ? 148  PHE A CZ  1 
ATOM   1158 O OXT . PHE A 1 148 ? -15.676 6.871   -14.550 1.00 36.63  ? 148  PHE A OXT 1 
HETATM 1159 O O   . HOH B 2 .   ? -18.488 8.636   -15.314 1.00 35.37  ? 2001 HOH A O   1 
HETATM 1160 O O   . HOH B 2 .   ? -15.455 10.439  -16.038 1.00 60.69  ? 2002 HOH A O   1 
HETATM 1161 O O   . HOH B 2 .   ? -18.304 2.820   -7.248  1.00 82.96  ? 2003 HOH A O   1 
HETATM 1162 O O   . HOH B 2 .   ? -15.470 3.567   -7.180  1.00 80.50  ? 2004 HOH A O   1 
HETATM 1163 O O   . HOH B 2 .   ? -17.416 7.947   -4.858  1.00 85.66  ? 2005 HOH A O   1 
HETATM 1164 O O   . HOH B 2 .   ? -15.593 6.207   -6.596  1.00 73.37  ? 2006 HOH A O   1 
HETATM 1165 O O   . HOH B 2 .   ? 12.496  0.086   -0.866  1.00 68.80  ? 2007 HOH A O   1 
HETATM 1166 O O   . HOH B 2 .   ? -1.457  -12.034 -0.647  1.00 84.48  ? 2008 HOH A O   1 
HETATM 1167 O O   . HOH B 2 .   ? 12.604  2.502   4.441   1.00 92.32  ? 2009 HOH A O   1 
HETATM 1168 O O   . HOH B 2 .   ? -3.211  0.701   -7.637  1.00 41.15  ? 2010 HOH A O   1 
HETATM 1169 O O   . HOH B 2 .   ? -1.727  -11.236 -3.456  1.00 85.40  ? 2011 HOH A O   1 
HETATM 1170 O O   . HOH B 2 .   ? 10.067  -1.701  -1.251  1.00 82.66  ? 2012 HOH A O   1 
HETATM 1171 O O   . HOH B 2 .   ? 11.306  -3.641  -1.987  1.00 72.99  ? 2013 HOH A O   1 
HETATM 1172 O O   . HOH B 2 .   ? 16.431  -4.020  2.522   1.00 79.27  ? 2014 HOH A O   1 
HETATM 1173 O O   . HOH B 2 .   ? 12.448  0.498   3.056   1.00 71.26  ? 2015 HOH A O   1 
HETATM 1174 O O   . HOH B 2 .   ? 13.413  -4.950  13.748  1.00 93.29  ? 2016 HOH A O   1 
HETATM 1175 O O   . HOH B 2 .   ? 17.373  -7.651  5.320   1.00 99.67  ? 2017 HOH A O   1 
HETATM 1176 O O   . HOH B 2 .   ? 13.324  -4.059  -4.065  1.00 73.71  ? 2018 HOH A O   1 
HETATM 1177 O O   . HOH B 2 .   ? 1.171   -10.582 -3.978  1.00 75.40  ? 2019 HOH A O   1 
HETATM 1178 O O   . HOH B 2 .   ? -12.316 7.637   -2.113  1.00 82.66  ? 2020 HOH A O   1 
HETATM 1179 O O   . HOH B 2 .   ? -8.928  12.705  -8.376  1.00 34.10  ? 2021 HOH A O   1 
HETATM 1180 O O   . HOH B 2 .   ? -8.711  7.337   5.944   1.00 77.24  ? 2022 HOH A O   1 
HETATM 1181 O O   . HOH B 2 .   ? -9.724  15.724  -12.428 1.00 58.22  ? 2023 HOH A O   1 
HETATM 1182 O O   . HOH B 2 .   ? -11.124 9.166   -12.176 1.00 42.14  ? 2024 HOH A O   1 
HETATM 1183 O O   . HOH B 2 .   ? -11.196 16.783  -14.212 1.00 44.03  ? 2025 HOH A O   1 
HETATM 1184 O O   . HOH B 2 .   ? -18.163 20.090  -10.645 0.33 12.02  ? 2026 HOH A O   1 
HETATM 1185 O O   . HOH B 2 .   ? -14.858 17.411  -19.250 1.00 102.06 ? 2027 HOH A O   1 
HETATM 1186 O O   . HOH B 2 .   ? -18.753 15.474  -19.485 1.00 67.79  ? 2028 HOH A O   1 
HETATM 1187 O O   . HOH B 2 .   ? -11.685 16.628  -10.112 1.00 43.78  ? 2029 HOH A O   1 
HETATM 1188 O O   . HOH B 2 .   ? -10.119 20.335  -15.356 1.00 17.66  ? 2030 HOH A O   1 
HETATM 1189 O O   . HOH B 2 .   ? -8.147  14.957  -10.061 1.00 46.08  ? 2031 HOH A O   1 
HETATM 1190 O O   . HOH B 2 .   ? 5.370   10.038  -7.205  1.00 67.21  ? 2032 HOH A O   1 
HETATM 1191 O O   . HOH B 2 .   ? 2.449   -13.872 4.941   1.00 111.48 ? 2033 HOH A O   1 
HETATM 1192 O O   . HOH B 2 .   ? 5.413   -15.977 2.319   1.00 66.30  ? 2034 HOH A O   1 
HETATM 1193 O O   . HOH B 2 .   ? 7.104   2.770   -8.233  1.00 55.32  ? 2035 HOH A O   1 
HETATM 1194 O O   . HOH B 2 .   ? 9.755   -21.381 5.191   1.00 92.12  ? 2036 HOH A O   1 
HETATM 1195 O O   . HOH B 2 .   ? 4.482   1.110   3.854   1.00 48.70  ? 2037 HOH A O   1 
HETATM 1196 O O   . HOH B 2 .   ? -2.549  21.533  -16.653 1.00 66.86  ? 2038 HOH A O   1 
HETATM 1197 O O   . HOH B 2 .   ? -7.658  11.222  -20.756 1.00 75.00  ? 2039 HOH A O   1 
HETATM 1198 O O   . HOH B 2 .   ? -7.053  9.240   6.238   1.00 68.35  ? 2040 HOH A O   1 
HETATM 1199 O O   . HOH B 2 .   ? -5.255  -5.591  16.687  1.00 121.97 ? 2041 HOH A O   1 
HETATM 1200 O O   . HOH B 2 .   ? -2.308  -9.278  18.037  1.00 72.84  ? 2042 HOH A O   1 
HETATM 1201 O O   . HOH B 2 .   ? 1.089   -11.728 11.571  1.00 62.71  ? 2043 HOH A O   1 
HETATM 1202 O O   . HOH B 2 .   ? -2.538  -15.589 11.196  1.00 86.43  ? 2044 HOH A O   1 
HETATM 1203 O O   . HOH B 2 .   ? 2.544   -17.135 16.958  1.00 67.36  ? 2045 HOH A O   1 
HETATM 1204 O O   . HOH B 2 .   ? 0.449   1.939   20.462  1.00 71.72  ? 2046 HOH A O   1 
HETATM 1205 O O   . HOH B 2 .   ? -8.722  -2.881  15.474  1.00 104.71 ? 2047 HOH A O   1 
HETATM 1206 O O   . HOH B 2 .   ? 3.873   6.521   13.484  1.00 58.34  ? 2048 HOH A O   1 
HETATM 1207 O O   . HOH B 2 .   ? 5.163   7.326   8.313   1.00 67.81  ? 2049 HOH A O   1 
HETATM 1208 O O   . HOH B 2 .   ? 4.518   11.980  -6.498  1.00 58.86  ? 2050 HOH A O   1 
HETATM 1209 O O   . HOH B 2 .   ? -7.111  4.586   -8.805  1.00 37.74  ? 2051 HOH A O   1 
HETATM 1210 O O   . HOH B 2 .   ? -4.079  10.322  -14.362 1.00 40.62  ? 2052 HOH A O   1 
HETATM 1211 O O   . HOH B 2 .   ? -7.196  7.863   -13.946 1.00 41.37  ? 2053 HOH A O   1 
HETATM 1212 O O   . HOH B 2 .   ? -8.458  7.520   -25.596 1.00 78.20  ? 2054 HOH A O   1 
HETATM 1213 O O   . HOH B 2 .   ? 1.085   5.309   -2.230  1.00 55.23  ? 2055 HOH A O   1 
HETATM 1214 O O   . HOH B 2 .   ? -2.528  2.687   1.567   1.00 37.35  ? 2056 HOH A O   1 
HETATM 1215 O O   . HOH B 2 .   ? 12.262  8.251   5.179   1.00 93.45  ? 2057 HOH A O   1 
HETATM 1216 O O   . HOH B 2 .   ? 5.354   9.333   12.657  1.00 87.88  ? 2058 HOH A O   1 
HETATM 1217 O O   . HOH B 2 .   ? 3.436   2.853   16.164  1.00 72.47  ? 2059 HOH A O   1 
HETATM 1218 O O   . HOH B 2 .   ? 7.558   3.263   19.551  1.00 90.81  ? 2060 HOH A O   1 
HETATM 1219 O O   . HOH B 2 .   ? 7.938   5.460   17.799  1.00 70.40  ? 2061 HOH A O   1 
HETATM 1220 O O   . HOH B 2 .   ? 8.635   6.155   13.296  1.00 72.87  ? 2062 HOH A O   1 
HETATM 1221 O O   . HOH B 2 .   ? 13.710  2.157   10.228  1.00 86.63  ? 2063 HOH A O   1 
HETATM 1222 O O   . HOH B 2 .   ? 7.366   0.823   -6.924  1.00 90.57  ? 2064 HOH A O   1 
HETATM 1223 O O   . HOH B 2 .   ? -14.621 1.800   -21.075 1.00 123.01 ? 2065 HOH A O   1 
HETATM 1224 O O   . HOH B 2 .   ? -9.759  14.219  -18.502 1.00 77.36  ? 2066 HOH A O   1 
HETATM 1225 O O   . HOH B 2 .   ? -11.415 14.765  -15.479 1.00 67.53  ? 2067 HOH A O   1 
# 
